data_4EO1
# 
_entry.id   4EO1 
# 
_audit_conform.dict_name       mmcif_pdbx.dic 
_audit_conform.dict_version    5.397 
_audit_conform.dict_location   http://mmcif.pdb.org/dictionaries/ascii/mmcif_pdbx.dic 
# 
loop_
_database_2.database_id 
_database_2.database_code 
_database_2.pdbx_database_accession 
_database_2.pdbx_DOI 
PDB   4EO1         pdb_00004eo1 10.2210/pdb4eo1/pdb 
RCSB  RCSB071857   ?            ?                   
WWPDB D_1000071857 ?            ?                   
# 
loop_
_pdbx_audit_revision_history.ordinal 
_pdbx_audit_revision_history.data_content_type 
_pdbx_audit_revision_history.major_revision 
_pdbx_audit_revision_history.minor_revision 
_pdbx_audit_revision_history.revision_date 
1 'Structure model' 1 0 2012-05-30 
2 'Structure model' 1 1 2013-01-09 
3 'Structure model' 1 2 2017-10-25 
4 'Structure model' 1 3 2023-09-13 
5 'Structure model' 1 4 2024-10-30 
# 
_pdbx_audit_revision_details.ordinal             1 
_pdbx_audit_revision_details.revision_ordinal    1 
_pdbx_audit_revision_details.data_content_type   'Structure model' 
_pdbx_audit_revision_details.provider            repository 
_pdbx_audit_revision_details.type                'Initial release' 
_pdbx_audit_revision_details.description         ? 
_pdbx_audit_revision_details.details             ? 
# 
loop_
_pdbx_audit_revision_group.ordinal 
_pdbx_audit_revision_group.revision_ordinal 
_pdbx_audit_revision_group.data_content_type 
_pdbx_audit_revision_group.group 
1 2 'Structure model' 'Database references'        
2 3 'Structure model' 'Author supporting evidence' 
3 4 'Structure model' 'Data collection'            
4 4 'Structure model' 'Database references'        
5 4 'Structure model' 'Derived calculations'       
6 4 'Structure model' 'Refinement description'     
7 5 'Structure model' 'Structure summary'          
# 
loop_
_pdbx_audit_revision_category.ordinal 
_pdbx_audit_revision_category.revision_ordinal 
_pdbx_audit_revision_category.data_content_type 
_pdbx_audit_revision_category.category 
1 3 'Structure model' pdbx_struct_assembly_auth_evidence 
2 4 'Structure model' chem_comp_atom                     
3 4 'Structure model' chem_comp_bond                     
4 4 'Structure model' database_2                         
5 4 'Structure model' pdbx_initial_refinement_model      
6 4 'Structure model' struct_site                        
7 5 'Structure model' pdbx_entry_details                 
8 5 'Structure model' pdbx_modification_feature          
# 
loop_
_pdbx_audit_revision_item.ordinal 
_pdbx_audit_revision_item.revision_ordinal 
_pdbx_audit_revision_item.data_content_type 
_pdbx_audit_revision_item.item 
1 4 'Structure model' '_database_2.pdbx_DOI'                
2 4 'Structure model' '_database_2.pdbx_database_accession' 
3 4 'Structure model' '_struct_site.pdbx_auth_asym_id'      
4 4 'Structure model' '_struct_site.pdbx_auth_comp_id'      
5 4 'Structure model' '_struct_site.pdbx_auth_seq_id'       
# 
_pdbx_database_status.status_code                     REL 
_pdbx_database_status.entry_id                        4EO1 
_pdbx_database_status.recvd_initial_deposition_date   2012-04-13 
_pdbx_database_status.deposit_site                    RCSB 
_pdbx_database_status.process_site                    RCSB 
_pdbx_database_status.status_code_sf                  REL 
_pdbx_database_status.status_code_mr                  ? 
_pdbx_database_status.SG_entry                        ? 
_pdbx_database_status.status_code_cs                  ? 
_pdbx_database_status.methods_development_category    ? 
_pdbx_database_status.pdb_format_compatible           Y 
_pdbx_database_status.status_code_nmr_data            ? 
# 
loop_
_pdbx_database_related.db_name 
_pdbx_database_related.db_id 
_pdbx_database_related.details 
_pdbx_database_related.content_type 
PDB 3dgs . unspecified 
PDB 1g3p . unspecified 
PDB 1tol . unspecified 
PDB 3knq . unspecified 
PDB 2x9a . unspecified 
PDB 2x9b . unspecified 
PDB 1fgp . unspecified 
PDB 4EO0 . unspecified 
# 
loop_
_audit_author.name 
_audit_author.pdbx_ordinal 
'Jakob, R.P.'   1 
'Geitner, A.J.' 2 
'Weininger, U.' 3 
'Balbach, J.'   4 
'Dobbek, H.'    5 
'Schmid, F.X.'  6 
# 
_citation.id                        primary 
_citation.title                     'Structural and energetic basis of infection by the filamentous bacteriophage IKe.' 
_citation.journal_abbrev            Mol.Microbiol. 
_citation.journal_volume            84 
_citation.page_first                1124 
_citation.page_last                 1138 
_citation.year                      2012 
_citation.journal_id_ASTM           MOMIEE 
_citation.country                   UK 
_citation.journal_id_ISSN           0950-382X 
_citation.journal_id_CSD            2007 
_citation.book_publisher            ? 
_citation.pdbx_database_id_PubMed   22591114 
_citation.pdbx_database_id_DOI      10.1111/j.1365-2958.2012.08079.x 
# 
loop_
_citation_author.citation_id 
_citation_author.name 
_citation_author.ordinal 
_citation_author.identifier_ORCID 
primary 'Jakob, R.P.'   1 ? 
primary 'Geitner, A.J.' 2 ? 
primary 'Weininger, U.' 3 ? 
primary 'Balbach, J.'   4 ? 
primary 'Dobbek, H.'    5 ? 
primary 'Schmid, F.X.'  6 ? 
# 
loop_
_entity.id 
_entity.type 
_entity.src_method 
_entity.pdbx_description 
_entity.formula_weight 
_entity.pdbx_number_of_molecules 
_entity.pdbx_ec 
_entity.pdbx_mutation 
_entity.pdbx_fragment 
_entity.details 
1 polymer     man 'Attachment protein G3P' 7488.051 1  ? ? 'TolA binding domain, UNP residues 130-199' ? 
2 non-polymer syn 'MAGNESIUM ION'          24.305   1  ? ? ?                                           ? 
3 water       nat water                    18.015   78 ? ? ?                                           ? 
# 
_entity_name_com.entity_id   1 
_entity_name_com.name        'Gene 3 protein, G3P, Minor coat protein' 
# 
_entity_poly.entity_id                      1 
_entity_poly.type                           'polypeptide(L)' 
_entity_poly.nstd_linkage                   no 
_entity_poly.nstd_monomer                   no 
_entity_poly.pdbx_seq_one_letter_code       PSEQTPEEICEAKPPIDGVFNNVFKGDEGGFYINYNGCEYEATGVTVCQNDGTVCSSSAWKPTGYVPESG 
_entity_poly.pdbx_seq_one_letter_code_can   PSEQTPEEICEAKPPIDGVFNNVFKGDEGGFYINYNGCEYEATGVTVCQNDGTVCSSSAWKPTGYVPESG 
_entity_poly.pdbx_strand_id                 A 
_entity_poly.pdbx_target_identifier         ? 
# 
loop_
_pdbx_entity_nonpoly.entity_id 
_pdbx_entity_nonpoly.name 
_pdbx_entity_nonpoly.comp_id 
2 'MAGNESIUM ION' MG  
3 water           HOH 
# 
loop_
_entity_poly_seq.entity_id 
_entity_poly_seq.num 
_entity_poly_seq.mon_id 
_entity_poly_seq.hetero 
1 1  PRO n 
1 2  SER n 
1 3  GLU n 
1 4  GLN n 
1 5  THR n 
1 6  PRO n 
1 7  GLU n 
1 8  GLU n 
1 9  ILE n 
1 10 CYS n 
1 11 GLU n 
1 12 ALA n 
1 13 LYS n 
1 14 PRO n 
1 15 PRO n 
1 16 ILE n 
1 17 ASP n 
1 18 GLY n 
1 19 VAL n 
1 20 PHE n 
1 21 ASN n 
1 22 ASN n 
1 23 VAL n 
1 24 PHE n 
1 25 LYS n 
1 26 GLY n 
1 27 ASP n 
1 28 GLU n 
1 29 GLY n 
1 30 GLY n 
1 31 PHE n 
1 32 TYR n 
1 33 ILE n 
1 34 ASN n 
1 35 TYR n 
1 36 ASN n 
1 37 GLY n 
1 38 CYS n 
1 39 GLU n 
1 40 TYR n 
1 41 GLU n 
1 42 ALA n 
1 43 THR n 
1 44 GLY n 
1 45 VAL n 
1 46 THR n 
1 47 VAL n 
1 48 CYS n 
1 49 GLN n 
1 50 ASN n 
1 51 ASP n 
1 52 GLY n 
1 53 THR n 
1 54 VAL n 
1 55 CYS n 
1 56 SER n 
1 57 SER n 
1 58 SER n 
1 59 ALA n 
1 60 TRP n 
1 61 LYS n 
1 62 PRO n 
1 63 THR n 
1 64 GLY n 
1 65 TYR n 
1 66 VAL n 
1 67 PRO n 
1 68 GLU n 
1 69 SER n 
1 70 GLY n 
# 
_entity_src_gen.entity_id                          1 
_entity_src_gen.pdbx_src_id                        1 
_entity_src_gen.pdbx_alt_source_flag               sample 
_entity_src_gen.pdbx_seq_type                      ? 
_entity_src_gen.pdbx_beg_seq_num                   ? 
_entity_src_gen.pdbx_end_seq_num                   ? 
_entity_src_gen.gene_src_common_name               ? 
_entity_src_gen.gene_src_genus                     ? 
_entity_src_gen.pdbx_gene_src_gene                 III 
_entity_src_gen.gene_src_species                   ? 
_entity_src_gen.gene_src_strain                    ? 
_entity_src_gen.gene_src_tissue                    ? 
_entity_src_gen.gene_src_tissue_fraction           ? 
_entity_src_gen.gene_src_details                   ? 
_entity_src_gen.pdbx_gene_src_fragment             ? 
_entity_src_gen.pdbx_gene_src_scientific_name      'Enterobacteria phage Ike' 
_entity_src_gen.pdbx_gene_src_ncbi_taxonomy_id     10867 
_entity_src_gen.pdbx_gene_src_variant              ? 
_entity_src_gen.pdbx_gene_src_cell_line            ? 
_entity_src_gen.pdbx_gene_src_atcc                 ? 
_entity_src_gen.pdbx_gene_src_organ                ? 
_entity_src_gen.pdbx_gene_src_organelle            ? 
_entity_src_gen.pdbx_gene_src_cell                 ? 
_entity_src_gen.pdbx_gene_src_cellular_location    ? 
_entity_src_gen.host_org_common_name               ? 
_entity_src_gen.pdbx_host_org_scientific_name      'Escherichia coli' 
_entity_src_gen.pdbx_host_org_ncbi_taxonomy_id     562 
_entity_src_gen.host_org_genus                     ? 
_entity_src_gen.pdbx_host_org_gene                 ? 
_entity_src_gen.pdbx_host_org_organ                ? 
_entity_src_gen.host_org_species                   ? 
_entity_src_gen.pdbx_host_org_tissue               ? 
_entity_src_gen.pdbx_host_org_tissue_fraction      ? 
_entity_src_gen.pdbx_host_org_strain               'BL21 DE3' 
_entity_src_gen.pdbx_host_org_variant              ? 
_entity_src_gen.pdbx_host_org_cell_line            ? 
_entity_src_gen.pdbx_host_org_atcc                 ? 
_entity_src_gen.pdbx_host_org_culture_collection   ? 
_entity_src_gen.pdbx_host_org_cell                 ? 
_entity_src_gen.pdbx_host_org_organelle            ? 
_entity_src_gen.pdbx_host_org_cellular_location    ? 
_entity_src_gen.pdbx_host_org_vector_type          ? 
_entity_src_gen.pdbx_host_org_vector               ? 
_entity_src_gen.host_org_details                   ? 
_entity_src_gen.expression_system_id               ? 
_entity_src_gen.plasmid_name                       pEt11a 
_entity_src_gen.plasmid_details                    ? 
_entity_src_gen.pdbx_description                   ? 
# 
loop_
_chem_comp.id 
_chem_comp.type 
_chem_comp.mon_nstd_flag 
_chem_comp.name 
_chem_comp.pdbx_synonyms 
_chem_comp.formula 
_chem_comp.formula_weight 
ALA 'L-peptide linking' y ALANINE         ? 'C3 H7 N O2'     89.093  
ASN 'L-peptide linking' y ASPARAGINE      ? 'C4 H8 N2 O3'    132.118 
ASP 'L-peptide linking' y 'ASPARTIC ACID' ? 'C4 H7 N O4'     133.103 
CYS 'L-peptide linking' y CYSTEINE        ? 'C3 H7 N O2 S'   121.158 
GLN 'L-peptide linking' y GLUTAMINE       ? 'C5 H10 N2 O3'   146.144 
GLU 'L-peptide linking' y 'GLUTAMIC ACID' ? 'C5 H9 N O4'     147.129 
GLY 'peptide linking'   y GLYCINE         ? 'C2 H5 N O2'     75.067  
HOH non-polymer         . WATER           ? 'H2 O'           18.015  
ILE 'L-peptide linking' y ISOLEUCINE      ? 'C6 H13 N O2'    131.173 
LYS 'L-peptide linking' y LYSINE          ? 'C6 H15 N2 O2 1' 147.195 
MG  non-polymer         . 'MAGNESIUM ION' ? 'Mg 2'           24.305  
PHE 'L-peptide linking' y PHENYLALANINE   ? 'C9 H11 N O2'    165.189 
PRO 'L-peptide linking' y PROLINE         ? 'C5 H9 N O2'     115.130 
SER 'L-peptide linking' y SERINE          ? 'C3 H7 N O3'     105.093 
THR 'L-peptide linking' y THREONINE       ? 'C4 H9 N O3'     119.119 
TRP 'L-peptide linking' y TRYPTOPHAN      ? 'C11 H12 N2 O2'  204.225 
TYR 'L-peptide linking' y TYROSINE        ? 'C9 H11 N O3'    181.189 
VAL 'L-peptide linking' y VALINE          ? 'C5 H11 N O2'    117.146 
# 
loop_
_pdbx_poly_seq_scheme.asym_id 
_pdbx_poly_seq_scheme.entity_id 
_pdbx_poly_seq_scheme.seq_id 
_pdbx_poly_seq_scheme.mon_id 
_pdbx_poly_seq_scheme.ndb_seq_num 
_pdbx_poly_seq_scheme.pdb_seq_num 
_pdbx_poly_seq_scheme.auth_seq_num 
_pdbx_poly_seq_scheme.pdb_mon_id 
_pdbx_poly_seq_scheme.auth_mon_id 
_pdbx_poly_seq_scheme.pdb_strand_id 
_pdbx_poly_seq_scheme.pdb_ins_code 
_pdbx_poly_seq_scheme.hetero 
A 1 1  PRO 1  111 ?   ?   ?   A . n 
A 1 2  SER 2  112 ?   ?   ?   A . n 
A 1 3  GLU 3  113 113 GLU GLU A . n 
A 1 4  GLN 4  114 114 GLN GLN A . n 
A 1 5  THR 5  115 115 THR THR A . n 
A 1 6  PRO 6  116 116 PRO PRO A . n 
A 1 7  GLU 7  117 117 GLU GLU A . n 
A 1 8  GLU 8  118 118 GLU GLU A . n 
A 1 9  ILE 9  119 119 ILE ILE A . n 
A 1 10 CYS 10 120 120 CYS CYS A . n 
A 1 11 GLU 11 121 121 GLU GLU A . n 
A 1 12 ALA 12 122 122 ALA ALA A . n 
A 1 13 LYS 13 123 123 LYS LYS A . n 
A 1 14 PRO 14 124 124 PRO PRO A . n 
A 1 15 PRO 15 125 125 PRO PRO A . n 
A 1 16 ILE 16 126 126 ILE ILE A . n 
A 1 17 ASP 17 127 127 ASP ASP A . n 
A 1 18 GLY 18 128 128 GLY GLY A . n 
A 1 19 VAL 19 129 129 VAL VAL A . n 
A 1 20 PHE 20 130 130 PHE PHE A . n 
A 1 21 ASN 21 131 131 ASN ASN A . n 
A 1 22 ASN 22 132 132 ASN ASN A . n 
A 1 23 VAL 23 133 133 VAL VAL A . n 
A 1 24 PHE 24 134 134 PHE PHE A . n 
A 1 25 LYS 25 135 135 LYS LYS A . n 
A 1 26 GLY 26 136 136 GLY GLY A . n 
A 1 27 ASP 27 137 137 ASP ASP A . n 
A 1 28 GLU 28 138 138 GLU GLU A . n 
A 1 29 GLY 29 139 139 GLY GLY A . n 
A 1 30 GLY 30 140 140 GLY GLY A . n 
A 1 31 PHE 31 141 141 PHE PHE A . n 
A 1 32 TYR 32 142 142 TYR TYR A . n 
A 1 33 ILE 33 143 143 ILE ILE A . n 
A 1 34 ASN 34 144 144 ASN ASN A . n 
A 1 35 TYR 35 145 145 TYR TYR A . n 
A 1 36 ASN 36 146 146 ASN ASN A . n 
A 1 37 GLY 37 147 147 GLY GLY A . n 
A 1 38 CYS 38 148 148 CYS CYS A . n 
A 1 39 GLU 39 149 149 GLU GLU A . n 
A 1 40 TYR 40 150 150 TYR TYR A . n 
A 1 41 GLU 41 151 151 GLU GLU A . n 
A 1 42 ALA 42 152 152 ALA ALA A . n 
A 1 43 THR 43 153 153 THR THR A . n 
A 1 44 GLY 44 154 154 GLY GLY A . n 
A 1 45 VAL 45 155 155 VAL VAL A . n 
A 1 46 THR 46 156 156 THR THR A . n 
A 1 47 VAL 47 157 157 VAL VAL A . n 
A 1 48 CYS 48 158 158 CYS CYS A . n 
A 1 49 GLN 49 159 159 GLN GLN A . n 
A 1 50 ASN 50 160 160 ASN ASN A . n 
A 1 51 ASP 51 161 161 ASP ASP A . n 
A 1 52 GLY 52 162 162 GLY GLY A . n 
A 1 53 THR 53 163 163 THR THR A . n 
A 1 54 VAL 54 164 164 VAL VAL A . n 
A 1 55 CYS 55 165 165 CYS CYS A . n 
A 1 56 SER 56 166 166 SER SER A . n 
A 1 57 SER 57 167 167 SER SER A . n 
A 1 58 SER 58 168 168 SER SER A . n 
A 1 59 ALA 59 169 169 ALA ALA A . n 
A 1 60 TRP 60 170 170 TRP TRP A . n 
A 1 61 LYS 61 171 171 LYS LYS A . n 
A 1 62 PRO 62 172 172 PRO PRO A . n 
A 1 63 THR 63 173 173 THR THR A . n 
A 1 64 GLY 64 174 174 GLY GLY A . n 
A 1 65 TYR 65 175 175 TYR TYR A . n 
A 1 66 VAL 66 176 176 VAL VAL A . n 
A 1 67 PRO 67 177 177 PRO PRO A . n 
A 1 68 GLU 68 178 178 GLU GLU A . n 
A 1 69 SER 69 179 179 SER SER A . n 
A 1 70 GLY 70 180 ?   ?   ?   A . n 
# 
loop_
_pdbx_nonpoly_scheme.asym_id 
_pdbx_nonpoly_scheme.entity_id 
_pdbx_nonpoly_scheme.mon_id 
_pdbx_nonpoly_scheme.ndb_seq_num 
_pdbx_nonpoly_scheme.pdb_seq_num 
_pdbx_nonpoly_scheme.auth_seq_num 
_pdbx_nonpoly_scheme.pdb_mon_id 
_pdbx_nonpoly_scheme.auth_mon_id 
_pdbx_nonpoly_scheme.pdb_strand_id 
_pdbx_nonpoly_scheme.pdb_ins_code 
B 2 MG  1  201 1  MG  MG  A . 
C 3 HOH 1  301 1  HOH HOH A . 
C 3 HOH 2  302 2  HOH HOH A . 
C 3 HOH 3  303 3  HOH HOH A . 
C 3 HOH 4  304 4  HOH HOH A . 
C 3 HOH 5  305 5  HOH HOH A . 
C 3 HOH 6  306 6  HOH HOH A . 
C 3 HOH 7  307 7  HOH HOH A . 
C 3 HOH 8  308 8  HOH HOH A . 
C 3 HOH 9  309 9  HOH HOH A . 
C 3 HOH 10 310 12 HOH HOH A . 
C 3 HOH 11 311 13 HOH HOH A . 
C 3 HOH 12 312 14 HOH HOH A . 
C 3 HOH 13 313 15 HOH HOH A . 
C 3 HOH 14 314 16 HOH HOH A . 
C 3 HOH 15 315 18 HOH HOH A . 
C 3 HOH 16 316 20 HOH HOH A . 
C 3 HOH 17 317 21 HOH HOH A . 
C 3 HOH 18 318 22 HOH HOH A . 
C 3 HOH 19 319 23 HOH HOH A . 
C 3 HOH 20 320 24 HOH HOH A . 
C 3 HOH 21 321 25 HOH HOH A . 
C 3 HOH 22 322 27 HOH HOH A . 
C 3 HOH 23 323 28 HOH HOH A . 
C 3 HOH 24 324 29 HOH HOH A . 
C 3 HOH 25 325 31 HOH HOH A . 
C 3 HOH 26 326 32 HOH HOH A . 
C 3 HOH 27 327 33 HOH HOH A . 
C 3 HOH 28 328 34 HOH HOH A . 
C 3 HOH 29 329 35 HOH HOH A . 
C 3 HOH 30 330 36 HOH HOH A . 
C 3 HOH 31 331 37 HOH HOH A . 
C 3 HOH 32 332 38 HOH HOH A . 
C 3 HOH 33 333 39 HOH HOH A . 
C 3 HOH 34 334 40 HOH HOH A . 
C 3 HOH 35 335 41 HOH HOH A . 
C 3 HOH 36 336 42 HOH HOH A . 
C 3 HOH 37 337 43 HOH HOH A . 
C 3 HOH 38 338 44 HOH HOH A . 
C 3 HOH 39 339 45 HOH HOH A . 
C 3 HOH 40 340 46 HOH HOH A . 
C 3 HOH 41 341 47 HOH HOH A . 
C 3 HOH 42 342 48 HOH HOH A . 
C 3 HOH 43 343 49 HOH HOH A . 
C 3 HOH 44 344 50 HOH HOH A . 
C 3 HOH 45 345 51 HOH HOH A . 
C 3 HOH 46 346 52 HOH HOH A . 
C 3 HOH 47 347 53 HOH HOH A . 
C 3 HOH 48 348 54 HOH HOH A . 
C 3 HOH 49 349 55 HOH HOH A . 
C 3 HOH 50 350 56 HOH HOH A . 
C 3 HOH 51 351 57 HOH HOH A . 
C 3 HOH 52 352 58 HOH HOH A . 
C 3 HOH 53 353 59 HOH HOH A . 
C 3 HOH 54 354 60 HOH HOH A . 
C 3 HOH 55 355 61 HOH HOH A . 
C 3 HOH 56 356 63 HOH HOH A . 
C 3 HOH 57 357 64 HOH HOH A . 
C 3 HOH 58 358 65 HOH HOH A . 
C 3 HOH 59 359 66 HOH HOH A . 
C 3 HOH 60 360 68 HOH HOH A . 
C 3 HOH 61 361 70 HOH HOH A . 
C 3 HOH 62 362 71 HOH HOH A . 
C 3 HOH 63 363 72 HOH HOH A . 
C 3 HOH 64 364 73 HOH HOH A . 
C 3 HOH 65 365 74 HOH HOH A . 
C 3 HOH 66 366 75 HOH HOH A . 
C 3 HOH 67 367 76 HOH HOH A . 
C 3 HOH 68 368 77 HOH HOH A . 
C 3 HOH 69 369 78 HOH HOH A . 
C 3 HOH 70 370 79 HOH HOH A . 
C 3 HOH 71 371 80 HOH HOH A . 
C 3 HOH 72 372 81 HOH HOH A . 
C 3 HOH 73 373 82 HOH HOH A . 
C 3 HOH 74 374 83 HOH HOH A . 
C 3 HOH 75 375 84 HOH HOH A . 
C 3 HOH 76 376 85 HOH HOH A . 
C 3 HOH 77 377 86 HOH HOH A . 
C 3 HOH 78 378 87 HOH HOH A . 
# 
loop_
_software.name 
_software.classification 
_software.version 
_software.citation_id 
_software.pdbx_ordinal 
MAR345dtb 'data collection' .     ? 1 
AMoRE     phasing           .     ? 2 
BUSTER    refinement        2.8.0 ? 3 
XDS       'data reduction'  .     ? 4 
XDS       'data scaling'    .     ? 5 
# 
_cell.entry_id           4EO1 
_cell.length_a           28.550 
_cell.length_b           33.810 
_cell.length_c           65.590 
_cell.angle_alpha        90.00 
_cell.angle_beta         90.00 
_cell.angle_gamma        90.00 
_cell.Z_PDB              4 
_cell.pdbx_unique_axis   ? 
_cell.length_a_esd       ? 
_cell.length_b_esd       ? 
_cell.length_c_esd       ? 
_cell.angle_alpha_esd    ? 
_cell.angle_beta_esd     ? 
_cell.angle_gamma_esd    ? 
# 
_symmetry.entry_id                         4EO1 
_symmetry.space_group_name_H-M             'P 21 21 21' 
_symmetry.pdbx_full_space_group_name_H-M   ? 
_symmetry.cell_setting                     ? 
_symmetry.Int_Tables_number                19 
_symmetry.space_group_name_Hall            ? 
# 
_exptl.entry_id          4EO1 
_exptl.method            'X-RAY DIFFRACTION' 
_exptl.crystals_number   1 
# 
_exptl_crystal.id                    1 
_exptl_crystal.density_meas          ? 
_exptl_crystal.density_Matthews      2.11 
_exptl_crystal.density_percent_sol   41.81 
_exptl_crystal.description           ? 
_exptl_crystal.F_000                 ? 
_exptl_crystal.preparation           ? 
# 
_exptl_crystal_grow.crystal_id      1 
_exptl_crystal_grow.method          'VAPOR DIFFUSION, HANGING DROP' 
_exptl_crystal_grow.temp            293.15 
_exptl_crystal_grow.temp_details    ? 
_exptl_crystal_grow.pH              8.5 
_exptl_crystal_grow.pdbx_details    '2 M (NH4)2SO4, 0.1 M Tris 8.5, 5% PEG400, VAPOR DIFFUSION, HANGING DROP, temperature 293.15K' 
_exptl_crystal_grow.pdbx_pH_range   ? 
# 
_diffrn.id                     1 
_diffrn.ambient_temp           100 
_diffrn.ambient_temp_details   ? 
_diffrn.crystal_id             1 
# 
_diffrn_detector.diffrn_id              1 
_diffrn_detector.detector               'IMAGE PLATE' 
_diffrn_detector.type                   'MAR scanner 345 mm plate' 
_diffrn_detector.pdbx_collection_date   2007-07-22 
_diffrn_detector.details                ? 
# 
_diffrn_radiation.diffrn_id                        1 
_diffrn_radiation.wavelength_id                    1 
_diffrn_radiation.pdbx_monochromatic_or_laue_m_l   M 
_diffrn_radiation.monochromator                    ? 
_diffrn_radiation.pdbx_diffrn_protocol             'SINGLE WAVELENGTH' 
_diffrn_radiation.pdbx_scattering_type             x-ray 
# 
_diffrn_radiation_wavelength.id           1 
_diffrn_radiation_wavelength.wavelength   1.5418 
_diffrn_radiation_wavelength.wt           1.0 
# 
_diffrn_source.diffrn_id                   1 
_diffrn_source.source                      'ROTATING ANODE' 
_diffrn_source.type                        'BRUKER AXS MICROSTAR' 
_diffrn_source.pdbx_synchrotron_site       ? 
_diffrn_source.pdbx_synchrotron_beamline   ? 
_diffrn_source.pdbx_wavelength             ? 
_diffrn_source.pdbx_wavelength_list        1.5418 
# 
_reflns.entry_id                     4EO1 
_reflns.observed_criterion_sigma_I   0 
_reflns.observed_criterion_sigma_F   0 
_reflns.d_resolution_low             18.2 
_reflns.d_resolution_high            1.8 
_reflns.number_obs                   11481 
_reflns.number_all                   ? 
_reflns.percent_possible_obs         97.1 
_reflns.pdbx_Rmerge_I_obs            ? 
_reflns.pdbx_Rsym_value              ? 
_reflns.pdbx_netI_over_sigmaI        ? 
_reflns.B_iso_Wilson_estimate        15.93 
_reflns.pdbx_redundancy              2.8 
_reflns.R_free_details               ? 
_reflns.limit_h_max                  ? 
_reflns.limit_h_min                  ? 
_reflns.limit_k_max                  ? 
_reflns.limit_k_min                  ? 
_reflns.limit_l_max                  ? 
_reflns.limit_l_min                  ? 
_reflns.observed_criterion_F_max     ? 
_reflns.observed_criterion_F_min     ? 
_reflns.pdbx_chi_squared             ? 
_reflns.pdbx_scaling_rejects         ? 
_reflns.pdbx_ordinal                 1 
_reflns.pdbx_diffrn_id               1 
# 
_reflns_shell.d_res_high             1.8 
_reflns_shell.d_res_low              1.9 
_reflns_shell.percent_possible_all   96.5 
_reflns_shell.Rmerge_I_obs           ? 
_reflns_shell.pdbx_Rsym_value        ? 
_reflns_shell.meanI_over_sigI_obs    ? 
_reflns_shell.pdbx_redundancy        ? 
_reflns_shell.percent_possible_obs   ? 
_reflns_shell.number_unique_all      ? 
_reflns_shell.number_measured_all    ? 
_reflns_shell.number_measured_obs    ? 
_reflns_shell.number_unique_obs      ? 
_reflns_shell.pdbx_chi_squared       ? 
_reflns_shell.pdbx_ordinal           1 
_reflns_shell.pdbx_diffrn_id         1 
# 
_refine.entry_id                                 4EO1 
_refine.ls_number_reflns_obs                     6230 
_refine.ls_number_reflns_all                     6232 
_refine.pdbx_ls_sigma_I                          ? 
_refine.pdbx_ls_sigma_F                          0.0 
_refine.pdbx_data_cutoff_high_absF               ? 
_refine.pdbx_data_cutoff_low_absF                ? 
_refine.pdbx_data_cutoff_high_rms_absF           ? 
_refine.ls_d_res_low                             18.16 
_refine.ls_d_res_high                            1.80 
_refine.ls_percent_reflns_obs                    ? 
_refine.ls_R_factor_obs                          0.1896 
_refine.ls_R_factor_all                          0.188 
_refine.ls_R_factor_R_work                       0.1866 
_refine.ls_R_factor_R_free                       0.2188 
_refine.ls_R_factor_R_free_error                 ? 
_refine.ls_R_factor_R_free_error_details         ? 
_refine.ls_percent_reflns_R_free                 9.73 
_refine.ls_number_reflns_R_free                  606 
_refine.ls_number_parameters                     ? 
_refine.ls_number_restraints                     ? 
_refine.occupancy_min                            ? 
_refine.occupancy_max                            ? 
_refine.correlation_coeff_Fo_to_Fc               0.9267 
_refine.correlation_coeff_Fo_to_Fc_free          0.9012 
_refine.B_iso_mean                               19.45 
_refine.aniso_B[1][1]                            1.5136 
_refine.aniso_B[2][2]                            0.8397 
_refine.aniso_B[3][3]                            -2.3533 
_refine.aniso_B[1][2]                            0.0000 
_refine.aniso_B[1][3]                            0.0000 
_refine.aniso_B[2][3]                            0.0000 
_refine.solvent_model_details                    ? 
_refine.solvent_model_param_ksol                 ? 
_refine.solvent_model_param_bsol                 ? 
_refine.pdbx_solvent_vdw_probe_radii             ? 
_refine.pdbx_solvent_ion_probe_radii             ? 
_refine.pdbx_solvent_shrinkage_radii             ? 
_refine.pdbx_ls_cross_valid_method               THROUGHOUT 
_refine.details                                  ? 
_refine.pdbx_starting_model                      'pdb entry 2x9b' 
_refine.pdbx_method_to_determine_struct          'MOLECULAR REPLACEMENT' 
_refine.pdbx_isotropic_thermal_model             ? 
_refine.pdbx_stereochemistry_target_values       ? 
_refine.pdbx_stereochem_target_val_spec_case     ? 
_refine.pdbx_R_Free_selection_details            RANDOM 
_refine.pdbx_overall_ESU_R                       ? 
_refine.pdbx_overall_ESU_R_Free                  ? 
_refine.overall_SU_ML                            ? 
_refine.pdbx_overall_phase_error                 ? 
_refine.overall_SU_B                             ? 
_refine.overall_SU_R_Cruickshank_DPI             ? 
_refine.ls_redundancy_reflns_obs                 ? 
_refine.B_iso_min                                ? 
_refine.B_iso_max                                ? 
_refine.overall_SU_R_free                        ? 
_refine.ls_wR_factor_R_free                      ? 
_refine.ls_wR_factor_R_work                      ? 
_refine.overall_FOM_free_R_set                   ? 
_refine.overall_FOM_work_R_set                   ? 
_refine.pdbx_diffrn_id                           1 
_refine.pdbx_refine_id                           'X-RAY DIFFRACTION' 
_refine.pdbx_TLS_residual_ADP_flag               ? 
_refine.pdbx_overall_SU_R_free_Cruickshank_DPI   ? 
_refine.pdbx_overall_SU_R_Blow_DPI               ? 
_refine.pdbx_overall_SU_R_free_Blow_DPI          ? 
# 
_refine_analyze.entry_id                        4EO1 
_refine_analyze.Luzzati_coordinate_error_obs    0.196 
_refine_analyze.Luzzati_sigma_a_obs             ? 
_refine_analyze.Luzzati_d_res_low_obs           ? 
_refine_analyze.Luzzati_coordinate_error_free   ? 
_refine_analyze.Luzzati_sigma_a_free            ? 
_refine_analyze.Luzzati_d_res_low_free          ? 
_refine_analyze.number_disordered_residues      ? 
_refine_analyze.occupancy_sum_hydrogen          ? 
_refine_analyze.occupancy_sum_non_hydrogen      ? 
_refine_analyze.pdbx_Luzzati_d_res_high_obs     ? 
_refine_analyze.pdbx_refine_id                  'X-RAY DIFFRACTION' 
# 
_refine_hist.pdbx_refine_id                   'X-RAY DIFFRACTION' 
_refine_hist.cycle_id                         LAST 
_refine_hist.pdbx_number_atoms_protein        507 
_refine_hist.pdbx_number_atoms_nucleic_acid   0 
_refine_hist.pdbx_number_atoms_ligand         1 
_refine_hist.number_atoms_solvent             78 
_refine_hist.number_atoms_total               586 
_refine_hist.d_res_high                       1.80 
_refine_hist.d_res_low                        18.16 
# 
loop_
_refine_ls_restr.type 
_refine_ls_restr.dev_ideal 
_refine_ls_restr.dev_ideal_target 
_refine_ls_restr.weight 
_refine_ls_restr.number 
_refine_ls_restr.pdbx_restraint_function 
_refine_ls_restr.pdbx_refine_id 
t_bond_d                  0.009 ? 2.00  509 HARMONIC     'X-RAY DIFFRACTION' 
t_angle_deg               1.34  ? 2.00  696 HARMONIC     'X-RAY DIFFRACTION' 
t_dihedral_angle_d        ?     ? 2.00  162 SINUSOIDAL   'X-RAY DIFFRACTION' 
t_incorr_chiral_ct        ?     ? ?     ?   ?            'X-RAY DIFFRACTION' 
t_pseud_angle             ?     ? ?     ?   ?            'X-RAY DIFFRACTION' 
t_trig_c_planes           ?     ? 2.00  16  HARMONIC     'X-RAY DIFFRACTION' 
t_gen_planes              ?     ? 5.00  75  HARMONIC     'X-RAY DIFFRACTION' 
t_it                      ?     ? 20.00 509 HARMONIC     'X-RAY DIFFRACTION' 
t_nbd                     ?     ? 5.00  0   SEMIHARMONIC 'X-RAY DIFFRACTION' 
t_omega_torsion           4.47  ? ?     ?   ?            'X-RAY DIFFRACTION' 
t_other_torsion           15.73 ? ?     ?   ?            'X-RAY DIFFRACTION' 
t_improper_torsion        ?     ? ?     ?   ?            'X-RAY DIFFRACTION' 
t_chiral_improper_torsion ?     ? 5.00  65  SEMIHARMONIC 'X-RAY DIFFRACTION' 
t_sum_occupancies         ?     ? ?     ?   ?            'X-RAY DIFFRACTION' 
t_utility_distance        ?     ? ?     ?   ?            'X-RAY DIFFRACTION' 
t_utility_angle           ?     ? ?     ?   ?            'X-RAY DIFFRACTION' 
t_utility_torsion         ?     ? ?     ?   ?            'X-RAY DIFFRACTION' 
t_ideal_dist_contact      ?     ? 4.00  637 SEMIHARMONIC 'X-RAY DIFFRACTION' 
# 
_refine_ls_shell.pdbx_total_number_of_bins_used   5 
_refine_ls_shell.d_res_high                       1.80 
_refine_ls_shell.d_res_low                        2.01 
_refine_ls_shell.number_reflns_R_work             1567 
_refine_ls_shell.R_factor_R_work                  0.1726 
_refine_ls_shell.percent_reflns_obs               ? 
_refine_ls_shell.R_factor_R_free                  0.2229 
_refine_ls_shell.R_factor_R_free_error            ? 
_refine_ls_shell.percent_reflns_R_free            9.26 
_refine_ls_shell.number_reflns_R_free             160 
_refine_ls_shell.number_reflns_all                1727 
_refine_ls_shell.R_factor_all                     0.1771 
_refine_ls_shell.number_reflns_obs                ? 
_refine_ls_shell.redundancy_reflns_obs            ? 
_refine_ls_shell.pdbx_refine_id                   'X-RAY DIFFRACTION' 
# 
_struct.entry_id                  4EO1 
_struct.title                     'crystal structure of the TolA binding domain from the filamentous phage IKe' 
_struct.pdbx_model_details        ? 
_struct.pdbx_CASP_flag            ? 
_struct.pdbx_model_type_details   ? 
# 
_struct_keywords.entry_id        4EO1 
_struct_keywords.pdbx_keywords   'VIRAL PROTEIN' 
_struct_keywords.text            
;TolA binding protein, infection, G3P, filamentous phage, attachment protein, TolA binding, coat protein, TolA, phage coat, phage envelope of the filamentous phage IKe, VIRAL PROTEIN
;
# 
loop_
_struct_asym.id 
_struct_asym.pdbx_blank_PDB_chainid_flag 
_struct_asym.pdbx_modified 
_struct_asym.entity_id 
_struct_asym.details 
A N N 1 ? 
B N N 2 ? 
C N N 3 ? 
# 
_struct_ref.id                         1 
_struct_ref.db_name                    UNP 
_struct_ref.db_code                    G3P_BPIKE 
_struct_ref.pdbx_db_accession          P03663 
_struct_ref.entity_id                  1 
_struct_ref.pdbx_seq_one_letter_code   PSEQTPEEICEAKPPIDGVFNNVFKGDEGGFYINYNGCEYEATGVTVCQNDGTVCSSSAWKPTGYVPESG 
_struct_ref.pdbx_align_begin           130 
_struct_ref.pdbx_db_isoform            ? 
# 
_struct_ref_seq.align_id                      1 
_struct_ref_seq.ref_id                        1 
_struct_ref_seq.pdbx_PDB_id_code              4EO1 
_struct_ref_seq.pdbx_strand_id                A 
_struct_ref_seq.seq_align_beg                 1 
_struct_ref_seq.pdbx_seq_align_beg_ins_code   ? 
_struct_ref_seq.seq_align_end                 70 
_struct_ref_seq.pdbx_seq_align_end_ins_code   ? 
_struct_ref_seq.pdbx_db_accession             P03663 
_struct_ref_seq.db_align_beg                  130 
_struct_ref_seq.pdbx_db_align_beg_ins_code    ? 
_struct_ref_seq.db_align_end                  199 
_struct_ref_seq.pdbx_db_align_end_ins_code    ? 
_struct_ref_seq.pdbx_auth_seq_align_beg       111 
_struct_ref_seq.pdbx_auth_seq_align_end       180 
# 
_pdbx_struct_assembly.id                   1 
_pdbx_struct_assembly.details              author_and_software_defined_assembly 
_pdbx_struct_assembly.method_details       PISA 
_pdbx_struct_assembly.oligomeric_details   monomeric 
_pdbx_struct_assembly.oligomeric_count     1 
# 
_pdbx_struct_assembly_gen.assembly_id       1 
_pdbx_struct_assembly_gen.oper_expression   1 
_pdbx_struct_assembly_gen.asym_id_list      A,B,C 
# 
loop_
_pdbx_struct_assembly_auth_evidence.id 
_pdbx_struct_assembly_auth_evidence.assembly_id 
_pdbx_struct_assembly_auth_evidence.experimental_support 
_pdbx_struct_assembly_auth_evidence.details 
1 1 'gel filtration'   ? 
2 1 'light scattering' ? 
# 
_pdbx_struct_oper_list.id                   1 
_pdbx_struct_oper_list.type                 'identity operation' 
_pdbx_struct_oper_list.name                 1_555 
_pdbx_struct_oper_list.symmetry_operation   x,y,z 
_pdbx_struct_oper_list.matrix[1][1]         1.0000000000 
_pdbx_struct_oper_list.matrix[1][2]         0.0000000000 
_pdbx_struct_oper_list.matrix[1][3]         0.0000000000 
_pdbx_struct_oper_list.vector[1]            0.0000000000 
_pdbx_struct_oper_list.matrix[2][1]         0.0000000000 
_pdbx_struct_oper_list.matrix[2][2]         1.0000000000 
_pdbx_struct_oper_list.matrix[2][3]         0.0000000000 
_pdbx_struct_oper_list.vector[2]            0.0000000000 
_pdbx_struct_oper_list.matrix[3][1]         0.0000000000 
_pdbx_struct_oper_list.matrix[3][2]         0.0000000000 
_pdbx_struct_oper_list.matrix[3][3]         1.0000000000 
_pdbx_struct_oper_list.vector[3]            0.0000000000 
# 
_struct_biol.id        1 
_struct_biol.details   
;Author states that the protein is a Monomer with all methods tested including Gel Filtration, DLS, DSC, protein folding/Stability experiments
;
# 
_struct_conf.conf_type_id            HELX_P 
_struct_conf.id                      HELX_P1 
_struct_conf.pdbx_PDB_helix_id       1 
_struct_conf.beg_label_comp_id       THR 
_struct_conf.beg_label_asym_id       A 
_struct_conf.beg_label_seq_id        5 
_struct_conf.pdbx_beg_PDB_ins_code   ? 
_struct_conf.end_label_comp_id       LYS 
_struct_conf.end_label_asym_id       A 
_struct_conf.end_label_seq_id        13 
_struct_conf.pdbx_end_PDB_ins_code   ? 
_struct_conf.beg_auth_comp_id        THR 
_struct_conf.beg_auth_asym_id        A 
_struct_conf.beg_auth_seq_id         115 
_struct_conf.end_auth_comp_id        LYS 
_struct_conf.end_auth_asym_id        A 
_struct_conf.end_auth_seq_id         123 
_struct_conf.pdbx_PDB_helix_class    1 
_struct_conf.details                 ? 
_struct_conf.pdbx_PDB_helix_length   9 
# 
_struct_conf_type.id          HELX_P 
_struct_conf_type.criteria    ? 
_struct_conf_type.reference   ? 
# 
loop_
_struct_conn.id 
_struct_conn.conn_type_id 
_struct_conn.pdbx_leaving_atom_flag 
_struct_conn.pdbx_PDB_id 
_struct_conn.ptnr1_label_asym_id 
_struct_conn.ptnr1_label_comp_id 
_struct_conn.ptnr1_label_seq_id 
_struct_conn.ptnr1_label_atom_id 
_struct_conn.pdbx_ptnr1_label_alt_id 
_struct_conn.pdbx_ptnr1_PDB_ins_code 
_struct_conn.pdbx_ptnr1_standard_comp_id 
_struct_conn.ptnr1_symmetry 
_struct_conn.ptnr2_label_asym_id 
_struct_conn.ptnr2_label_comp_id 
_struct_conn.ptnr2_label_seq_id 
_struct_conn.ptnr2_label_atom_id 
_struct_conn.pdbx_ptnr2_label_alt_id 
_struct_conn.pdbx_ptnr2_PDB_ins_code 
_struct_conn.ptnr1_auth_asym_id 
_struct_conn.ptnr1_auth_comp_id 
_struct_conn.ptnr1_auth_seq_id 
_struct_conn.ptnr2_auth_asym_id 
_struct_conn.ptnr2_auth_comp_id 
_struct_conn.ptnr2_auth_seq_id 
_struct_conn.ptnr2_symmetry 
_struct_conn.pdbx_ptnr3_label_atom_id 
_struct_conn.pdbx_ptnr3_label_seq_id 
_struct_conn.pdbx_ptnr3_label_comp_id 
_struct_conn.pdbx_ptnr3_label_asym_id 
_struct_conn.pdbx_ptnr3_label_alt_id 
_struct_conn.pdbx_ptnr3_PDB_ins_code 
_struct_conn.details 
_struct_conn.pdbx_dist_value 
_struct_conn.pdbx_value_order 
_struct_conn.pdbx_role 
disulf1 disulf ? ? A CYS 10 SG ? ? ? 1_555 A CYS 38 SG ? ? A CYS 120 A CYS 148 1_555 ? ? ? ? ? ? ? 1.926 ? ? 
disulf2 disulf ? ? A CYS 48 SG ? ? ? 1_555 A CYS 55 SG ? ? A CYS 158 A CYS 165 1_555 ? ? ? ? ? ? ? 2.089 ? ? 
# 
_struct_conn_type.id          disulf 
_struct_conn_type.criteria    ? 
_struct_conn_type.reference   ? 
# 
loop_
_pdbx_modification_feature.ordinal 
_pdbx_modification_feature.label_comp_id 
_pdbx_modification_feature.label_asym_id 
_pdbx_modification_feature.label_seq_id 
_pdbx_modification_feature.label_alt_id 
_pdbx_modification_feature.modified_residue_label_comp_id 
_pdbx_modification_feature.modified_residue_label_asym_id 
_pdbx_modification_feature.modified_residue_label_seq_id 
_pdbx_modification_feature.modified_residue_label_alt_id 
_pdbx_modification_feature.auth_comp_id 
_pdbx_modification_feature.auth_asym_id 
_pdbx_modification_feature.auth_seq_id 
_pdbx_modification_feature.PDB_ins_code 
_pdbx_modification_feature.symmetry 
_pdbx_modification_feature.modified_residue_auth_comp_id 
_pdbx_modification_feature.modified_residue_auth_asym_id 
_pdbx_modification_feature.modified_residue_auth_seq_id 
_pdbx_modification_feature.modified_residue_PDB_ins_code 
_pdbx_modification_feature.modified_residue_symmetry 
_pdbx_modification_feature.comp_id_linking_atom 
_pdbx_modification_feature.modified_residue_id_linking_atom 
_pdbx_modification_feature.modified_residue_id 
_pdbx_modification_feature.ref_pcm_id 
_pdbx_modification_feature.ref_comp_id 
_pdbx_modification_feature.type 
_pdbx_modification_feature.category 
1 CYS A 10 ? CYS A 38 ? CYS A 120 ? 1_555 CYS A 148 ? 1_555 SG SG . . . None 'Disulfide bridge' 
2 CYS A 48 ? CYS A 55 ? CYS A 158 ? 1_555 CYS A 165 ? 1_555 SG SG . . . None 'Disulfide bridge' 
# 
loop_
_struct_sheet.id 
_struct_sheet.type 
_struct_sheet.number_strands 
_struct_sheet.details 
A ? 5 ? 
B ? 3 ? 
# 
loop_
_struct_sheet_order.sheet_id 
_struct_sheet_order.range_id_1 
_struct_sheet_order.range_id_2 
_struct_sheet_order.offset 
_struct_sheet_order.sense 
A 1 2 ? anti-parallel 
A 2 3 ? anti-parallel 
A 3 4 ? anti-parallel 
A 4 5 ? anti-parallel 
B 1 2 ? anti-parallel 
B 2 3 ? anti-parallel 
# 
loop_
_struct_sheet_range.sheet_id 
_struct_sheet_range.id 
_struct_sheet_range.beg_label_comp_id 
_struct_sheet_range.beg_label_asym_id 
_struct_sheet_range.beg_label_seq_id 
_struct_sheet_range.pdbx_beg_PDB_ins_code 
_struct_sheet_range.end_label_comp_id 
_struct_sheet_range.end_label_asym_id 
_struct_sheet_range.end_label_seq_id 
_struct_sheet_range.pdbx_end_PDB_ins_code 
_struct_sheet_range.beg_auth_comp_id 
_struct_sheet_range.beg_auth_asym_id 
_struct_sheet_range.beg_auth_seq_id 
_struct_sheet_range.end_auth_comp_id 
_struct_sheet_range.end_auth_asym_id 
_struct_sheet_range.end_auth_seq_id 
A 1 ILE A 16 ? PHE A 20 ? ILE A 126 PHE A 130 
A 2 CYS A 55 ? PRO A 62 ? CYS A 165 PRO A 172 
A 3 CYS A 38 ? GLU A 41 ? CYS A 148 GLU A 151 
A 4 PHE A 31 ? TYR A 35 ? PHE A 141 TYR A 145 
A 5 PHE A 24 ? LYS A 25 ? PHE A 134 LYS A 135 
B 1 ILE A 16 ? PHE A 20 ? ILE A 126 PHE A 130 
B 2 CYS A 55 ? PRO A 62 ? CYS A 165 PRO A 172 
B 3 THR A 46 ? CYS A 48 ? THR A 156 CYS A 158 
# 
loop_
_pdbx_struct_sheet_hbond.sheet_id 
_pdbx_struct_sheet_hbond.range_id_1 
_pdbx_struct_sheet_hbond.range_id_2 
_pdbx_struct_sheet_hbond.range_1_label_atom_id 
_pdbx_struct_sheet_hbond.range_1_label_comp_id 
_pdbx_struct_sheet_hbond.range_1_label_asym_id 
_pdbx_struct_sheet_hbond.range_1_label_seq_id 
_pdbx_struct_sheet_hbond.range_1_PDB_ins_code 
_pdbx_struct_sheet_hbond.range_1_auth_atom_id 
_pdbx_struct_sheet_hbond.range_1_auth_comp_id 
_pdbx_struct_sheet_hbond.range_1_auth_asym_id 
_pdbx_struct_sheet_hbond.range_1_auth_seq_id 
_pdbx_struct_sheet_hbond.range_2_label_atom_id 
_pdbx_struct_sheet_hbond.range_2_label_comp_id 
_pdbx_struct_sheet_hbond.range_2_label_asym_id 
_pdbx_struct_sheet_hbond.range_2_label_seq_id 
_pdbx_struct_sheet_hbond.range_2_PDB_ins_code 
_pdbx_struct_sheet_hbond.range_2_auth_atom_id 
_pdbx_struct_sheet_hbond.range_2_auth_comp_id 
_pdbx_struct_sheet_hbond.range_2_auth_asym_id 
_pdbx_struct_sheet_hbond.range_2_auth_seq_id 
A 1 2 N ILE A 16 ? N ILE A 126 O TRP A 60 ? O TRP A 170 
A 2 3 O LYS A 61 ? O LYS A 171 N GLU A 41 ? N GLU A 151 
A 3 4 O CYS A 38 ? O CYS A 148 N TYR A 35 ? N TYR A 145 
A 4 5 O TYR A 32 ? O TYR A 142 N PHE A 24 ? N PHE A 134 
B 1 2 N ILE A 16 ? N ILE A 126 O TRP A 60 ? O TRP A 170 
B 2 3 O SER A 56 ? O SER A 166 N VAL A 47 ? N VAL A 157 
# 
_struct_site.id                   AC1 
_struct_site.pdbx_evidence_code   Software 
_struct_site.pdbx_auth_asym_id    A 
_struct_site.pdbx_auth_comp_id    MG 
_struct_site.pdbx_auth_seq_id     201 
_struct_site.pdbx_auth_ins_code   ? 
_struct_site.pdbx_num_residues    2 
_struct_site.details              'BINDING SITE FOR RESIDUE MG A 201' 
# 
loop_
_struct_site_gen.id 
_struct_site_gen.site_id 
_struct_site_gen.pdbx_num_res 
_struct_site_gen.label_comp_id 
_struct_site_gen.label_asym_id 
_struct_site_gen.label_seq_id 
_struct_site_gen.pdbx_auth_ins_code 
_struct_site_gen.auth_comp_id 
_struct_site_gen.auth_asym_id 
_struct_site_gen.auth_seq_id 
_struct_site_gen.label_atom_id 
_struct_site_gen.label_alt_id 
_struct_site_gen.symmetry 
_struct_site_gen.details 
1 AC1 2 GLU A 39 ? GLU A 149 . ? 3_555 ? 
2 AC1 2 TYR A 65 ? TYR A 175 . ? 3_555 ? 
# 
_pdbx_entry_details.entry_id                   4EO1 
_pdbx_entry_details.compound_details           ? 
_pdbx_entry_details.source_details             ? 
_pdbx_entry_details.nonpolymer_details         ? 
_pdbx_entry_details.sequence_details           ? 
_pdbx_entry_details.has_ligand_of_interest     ? 
_pdbx_entry_details.has_protein_modification   Y 
# 
_pdbx_validate_torsion.id              1 
_pdbx_validate_torsion.PDB_model_num   1 
_pdbx_validate_torsion.auth_comp_id    ALA 
_pdbx_validate_torsion.auth_asym_id    A 
_pdbx_validate_torsion.auth_seq_id     169 
_pdbx_validate_torsion.PDB_ins_code    ? 
_pdbx_validate_torsion.label_alt_id    ? 
_pdbx_validate_torsion.phi             -154.83 
_pdbx_validate_torsion.psi             83.26 
# 
loop_
_pdbx_refine_tls.pdbx_refine_id 
_pdbx_refine_tls.id 
_pdbx_refine_tls.details 
_pdbx_refine_tls.method 
_pdbx_refine_tls.origin_x 
_pdbx_refine_tls.origin_y 
_pdbx_refine_tls.origin_z 
_pdbx_refine_tls.T[1][1] 
_pdbx_refine_tls.T[2][2] 
_pdbx_refine_tls.T[3][3] 
_pdbx_refine_tls.T[1][2] 
_pdbx_refine_tls.T[1][3] 
_pdbx_refine_tls.T[2][3] 
_pdbx_refine_tls.L[1][1] 
_pdbx_refine_tls.L[2][2] 
_pdbx_refine_tls.L[3][3] 
_pdbx_refine_tls.L[1][2] 
_pdbx_refine_tls.L[1][3] 
_pdbx_refine_tls.L[2][3] 
_pdbx_refine_tls.S[1][1] 
_pdbx_refine_tls.S[1][2] 
_pdbx_refine_tls.S[1][3] 
_pdbx_refine_tls.S[2][1] 
_pdbx_refine_tls.S[2][2] 
_pdbx_refine_tls.S[2][3] 
_pdbx_refine_tls.S[3][1] 
_pdbx_refine_tls.S[3][2] 
_pdbx_refine_tls.S[3][3] 
'X-RAY DIFFRACTION' 1 ? refined 2.8265  -11.7732 -8.4024 -0.0285 -0.0360 0.0007  0.0424  -0.0193 -0.0520 -0.0374 1.3367 1.7056  -0.5641 2.4415 -0.0424 0.1941  0.1997  -0.2231 -0.3083 -0.1825 0.0281  0.0340  0.0883  -0.0116 
'X-RAY DIFFRACTION' 2 ? refined -0.3207 1.7585   1.5704  -0.0258 -0.0595 -0.0511 -0.0113 -0.0057 -0.0130 1.7978  2.5274 1.5585  0.4870  1.3484 0.8997  -0.0119 -0.0455 0.2035  0.0890  -0.0661 0.0406  -0.0483 -0.2346 0.0779  
'X-RAY DIFFRACTION' 3 ? refined -1.3195 1.4747   0.5461  0.0473  0.0124  -0.0539 -0.0001 0.0137  -0.0101 3.3946  5.5412 -0.0007 0.6440  1.0747 0.0581  0.0007  -0.1277 0.0591  0.2330  -0.0290 -0.1917 -0.0602 -0.0795 0.0283 
# 
loop_
_pdbx_refine_tls_group.pdbx_refine_id 
_pdbx_refine_tls_group.id 
_pdbx_refine_tls_group.refine_tls_id 
_pdbx_refine_tls_group.beg_auth_asym_id 
_pdbx_refine_tls_group.beg_auth_seq_id 
_pdbx_refine_tls_group.end_auth_asym_id 
_pdbx_refine_tls_group.end_auth_seq_id 
_pdbx_refine_tls_group.selection_details 
_pdbx_refine_tls_group.beg_label_asym_id 
_pdbx_refine_tls_group.beg_label_seq_id 
_pdbx_refine_tls_group.end_label_asym_id 
_pdbx_refine_tls_group.end_label_seq_id 
_pdbx_refine_tls_group.selection 
'X-RAY DIFFRACTION' 1 1 A 1  A 10 '{A|1 - 10}'  ? ? ? ? ? 
'X-RAY DIFFRACTION' 2 2 A 11 A 45 '{A|11 - 45}' ? ? ? ? ? 
'X-RAY DIFFRACTION' 3 3 A 46 A 66 '{A|46 - 66}' ? ? ? ? ? 
# 
loop_
_pdbx_unobs_or_zero_occ_residues.id 
_pdbx_unobs_or_zero_occ_residues.PDB_model_num 
_pdbx_unobs_or_zero_occ_residues.polymer_flag 
_pdbx_unobs_or_zero_occ_residues.occupancy_flag 
_pdbx_unobs_or_zero_occ_residues.auth_asym_id 
_pdbx_unobs_or_zero_occ_residues.auth_comp_id 
_pdbx_unobs_or_zero_occ_residues.auth_seq_id 
_pdbx_unobs_or_zero_occ_residues.PDB_ins_code 
_pdbx_unobs_or_zero_occ_residues.label_asym_id 
_pdbx_unobs_or_zero_occ_residues.label_comp_id 
_pdbx_unobs_or_zero_occ_residues.label_seq_id 
1 1 Y 1 A PRO 111 ? A PRO 1  
2 1 Y 1 A SER 112 ? A SER 2  
3 1 Y 1 A GLY 180 ? A GLY 70 
# 
loop_
_chem_comp_atom.comp_id 
_chem_comp_atom.atom_id 
_chem_comp_atom.type_symbol 
_chem_comp_atom.pdbx_aromatic_flag 
_chem_comp_atom.pdbx_stereo_config 
_chem_comp_atom.pdbx_ordinal 
ALA N    N  N N 1   
ALA CA   C  N S 2   
ALA C    C  N N 3   
ALA O    O  N N 4   
ALA CB   C  N N 5   
ALA OXT  O  N N 6   
ALA H    H  N N 7   
ALA H2   H  N N 8   
ALA HA   H  N N 9   
ALA HB1  H  N N 10  
ALA HB2  H  N N 11  
ALA HB3  H  N N 12  
ALA HXT  H  N N 13  
ASN N    N  N N 14  
ASN CA   C  N S 15  
ASN C    C  N N 16  
ASN O    O  N N 17  
ASN CB   C  N N 18  
ASN CG   C  N N 19  
ASN OD1  O  N N 20  
ASN ND2  N  N N 21  
ASN OXT  O  N N 22  
ASN H    H  N N 23  
ASN H2   H  N N 24  
ASN HA   H  N N 25  
ASN HB2  H  N N 26  
ASN HB3  H  N N 27  
ASN HD21 H  N N 28  
ASN HD22 H  N N 29  
ASN HXT  H  N N 30  
ASP N    N  N N 31  
ASP CA   C  N S 32  
ASP C    C  N N 33  
ASP O    O  N N 34  
ASP CB   C  N N 35  
ASP CG   C  N N 36  
ASP OD1  O  N N 37  
ASP OD2  O  N N 38  
ASP OXT  O  N N 39  
ASP H    H  N N 40  
ASP H2   H  N N 41  
ASP HA   H  N N 42  
ASP HB2  H  N N 43  
ASP HB3  H  N N 44  
ASP HD2  H  N N 45  
ASP HXT  H  N N 46  
CYS N    N  N N 47  
CYS CA   C  N R 48  
CYS C    C  N N 49  
CYS O    O  N N 50  
CYS CB   C  N N 51  
CYS SG   S  N N 52  
CYS OXT  O  N N 53  
CYS H    H  N N 54  
CYS H2   H  N N 55  
CYS HA   H  N N 56  
CYS HB2  H  N N 57  
CYS HB3  H  N N 58  
CYS HG   H  N N 59  
CYS HXT  H  N N 60  
GLN N    N  N N 61  
GLN CA   C  N S 62  
GLN C    C  N N 63  
GLN O    O  N N 64  
GLN CB   C  N N 65  
GLN CG   C  N N 66  
GLN CD   C  N N 67  
GLN OE1  O  N N 68  
GLN NE2  N  N N 69  
GLN OXT  O  N N 70  
GLN H    H  N N 71  
GLN H2   H  N N 72  
GLN HA   H  N N 73  
GLN HB2  H  N N 74  
GLN HB3  H  N N 75  
GLN HG2  H  N N 76  
GLN HG3  H  N N 77  
GLN HE21 H  N N 78  
GLN HE22 H  N N 79  
GLN HXT  H  N N 80  
GLU N    N  N N 81  
GLU CA   C  N S 82  
GLU C    C  N N 83  
GLU O    O  N N 84  
GLU CB   C  N N 85  
GLU CG   C  N N 86  
GLU CD   C  N N 87  
GLU OE1  O  N N 88  
GLU OE2  O  N N 89  
GLU OXT  O  N N 90  
GLU H    H  N N 91  
GLU H2   H  N N 92  
GLU HA   H  N N 93  
GLU HB2  H  N N 94  
GLU HB3  H  N N 95  
GLU HG2  H  N N 96  
GLU HG3  H  N N 97  
GLU HE2  H  N N 98  
GLU HXT  H  N N 99  
GLY N    N  N N 100 
GLY CA   C  N N 101 
GLY C    C  N N 102 
GLY O    O  N N 103 
GLY OXT  O  N N 104 
GLY H    H  N N 105 
GLY H2   H  N N 106 
GLY HA2  H  N N 107 
GLY HA3  H  N N 108 
GLY HXT  H  N N 109 
HOH O    O  N N 110 
HOH H1   H  N N 111 
HOH H2   H  N N 112 
ILE N    N  N N 113 
ILE CA   C  N S 114 
ILE C    C  N N 115 
ILE O    O  N N 116 
ILE CB   C  N S 117 
ILE CG1  C  N N 118 
ILE CG2  C  N N 119 
ILE CD1  C  N N 120 
ILE OXT  O  N N 121 
ILE H    H  N N 122 
ILE H2   H  N N 123 
ILE HA   H  N N 124 
ILE HB   H  N N 125 
ILE HG12 H  N N 126 
ILE HG13 H  N N 127 
ILE HG21 H  N N 128 
ILE HG22 H  N N 129 
ILE HG23 H  N N 130 
ILE HD11 H  N N 131 
ILE HD12 H  N N 132 
ILE HD13 H  N N 133 
ILE HXT  H  N N 134 
LYS N    N  N N 135 
LYS CA   C  N S 136 
LYS C    C  N N 137 
LYS O    O  N N 138 
LYS CB   C  N N 139 
LYS CG   C  N N 140 
LYS CD   C  N N 141 
LYS CE   C  N N 142 
LYS NZ   N  N N 143 
LYS OXT  O  N N 144 
LYS H    H  N N 145 
LYS H2   H  N N 146 
LYS HA   H  N N 147 
LYS HB2  H  N N 148 
LYS HB3  H  N N 149 
LYS HG2  H  N N 150 
LYS HG3  H  N N 151 
LYS HD2  H  N N 152 
LYS HD3  H  N N 153 
LYS HE2  H  N N 154 
LYS HE3  H  N N 155 
LYS HZ1  H  N N 156 
LYS HZ2  H  N N 157 
LYS HZ3  H  N N 158 
LYS HXT  H  N N 159 
MG  MG   MG N N 160 
PHE N    N  N N 161 
PHE CA   C  N S 162 
PHE C    C  N N 163 
PHE O    O  N N 164 
PHE CB   C  N N 165 
PHE CG   C  Y N 166 
PHE CD1  C  Y N 167 
PHE CD2  C  Y N 168 
PHE CE1  C  Y N 169 
PHE CE2  C  Y N 170 
PHE CZ   C  Y N 171 
PHE OXT  O  N N 172 
PHE H    H  N N 173 
PHE H2   H  N N 174 
PHE HA   H  N N 175 
PHE HB2  H  N N 176 
PHE HB3  H  N N 177 
PHE HD1  H  N N 178 
PHE HD2  H  N N 179 
PHE HE1  H  N N 180 
PHE HE2  H  N N 181 
PHE HZ   H  N N 182 
PHE HXT  H  N N 183 
PRO N    N  N N 184 
PRO CA   C  N S 185 
PRO C    C  N N 186 
PRO O    O  N N 187 
PRO CB   C  N N 188 
PRO CG   C  N N 189 
PRO CD   C  N N 190 
PRO OXT  O  N N 191 
PRO H    H  N N 192 
PRO HA   H  N N 193 
PRO HB2  H  N N 194 
PRO HB3  H  N N 195 
PRO HG2  H  N N 196 
PRO HG3  H  N N 197 
PRO HD2  H  N N 198 
PRO HD3  H  N N 199 
PRO HXT  H  N N 200 
SER N    N  N N 201 
SER CA   C  N S 202 
SER C    C  N N 203 
SER O    O  N N 204 
SER CB   C  N N 205 
SER OG   O  N N 206 
SER OXT  O  N N 207 
SER H    H  N N 208 
SER H2   H  N N 209 
SER HA   H  N N 210 
SER HB2  H  N N 211 
SER HB3  H  N N 212 
SER HG   H  N N 213 
SER HXT  H  N N 214 
THR N    N  N N 215 
THR CA   C  N S 216 
THR C    C  N N 217 
THR O    O  N N 218 
THR CB   C  N R 219 
THR OG1  O  N N 220 
THR CG2  C  N N 221 
THR OXT  O  N N 222 
THR H    H  N N 223 
THR H2   H  N N 224 
THR HA   H  N N 225 
THR HB   H  N N 226 
THR HG1  H  N N 227 
THR HG21 H  N N 228 
THR HG22 H  N N 229 
THR HG23 H  N N 230 
THR HXT  H  N N 231 
TRP N    N  N N 232 
TRP CA   C  N S 233 
TRP C    C  N N 234 
TRP O    O  N N 235 
TRP CB   C  N N 236 
TRP CG   C  Y N 237 
TRP CD1  C  Y N 238 
TRP CD2  C  Y N 239 
TRP NE1  N  Y N 240 
TRP CE2  C  Y N 241 
TRP CE3  C  Y N 242 
TRP CZ2  C  Y N 243 
TRP CZ3  C  Y N 244 
TRP CH2  C  Y N 245 
TRP OXT  O  N N 246 
TRP H    H  N N 247 
TRP H2   H  N N 248 
TRP HA   H  N N 249 
TRP HB2  H  N N 250 
TRP HB3  H  N N 251 
TRP HD1  H  N N 252 
TRP HE1  H  N N 253 
TRP HE3  H  N N 254 
TRP HZ2  H  N N 255 
TRP HZ3  H  N N 256 
TRP HH2  H  N N 257 
TRP HXT  H  N N 258 
TYR N    N  N N 259 
TYR CA   C  N S 260 
TYR C    C  N N 261 
TYR O    O  N N 262 
TYR CB   C  N N 263 
TYR CG   C  Y N 264 
TYR CD1  C  Y N 265 
TYR CD2  C  Y N 266 
TYR CE1  C  Y N 267 
TYR CE2  C  Y N 268 
TYR CZ   C  Y N 269 
TYR OH   O  N N 270 
TYR OXT  O  N N 271 
TYR H    H  N N 272 
TYR H2   H  N N 273 
TYR HA   H  N N 274 
TYR HB2  H  N N 275 
TYR HB3  H  N N 276 
TYR HD1  H  N N 277 
TYR HD2  H  N N 278 
TYR HE1  H  N N 279 
TYR HE2  H  N N 280 
TYR HH   H  N N 281 
TYR HXT  H  N N 282 
VAL N    N  N N 283 
VAL CA   C  N S 284 
VAL C    C  N N 285 
VAL O    O  N N 286 
VAL CB   C  N N 287 
VAL CG1  C  N N 288 
VAL CG2  C  N N 289 
VAL OXT  O  N N 290 
VAL H    H  N N 291 
VAL H2   H  N N 292 
VAL HA   H  N N 293 
VAL HB   H  N N 294 
VAL HG11 H  N N 295 
VAL HG12 H  N N 296 
VAL HG13 H  N N 297 
VAL HG21 H  N N 298 
VAL HG22 H  N N 299 
VAL HG23 H  N N 300 
VAL HXT  H  N N 301 
# 
loop_
_chem_comp_bond.comp_id 
_chem_comp_bond.atom_id_1 
_chem_comp_bond.atom_id_2 
_chem_comp_bond.value_order 
_chem_comp_bond.pdbx_aromatic_flag 
_chem_comp_bond.pdbx_stereo_config 
_chem_comp_bond.pdbx_ordinal 
ALA N   CA   sing N N 1   
ALA N   H    sing N N 2   
ALA N   H2   sing N N 3   
ALA CA  C    sing N N 4   
ALA CA  CB   sing N N 5   
ALA CA  HA   sing N N 6   
ALA C   O    doub N N 7   
ALA C   OXT  sing N N 8   
ALA CB  HB1  sing N N 9   
ALA CB  HB2  sing N N 10  
ALA CB  HB3  sing N N 11  
ALA OXT HXT  sing N N 12  
ASN N   CA   sing N N 13  
ASN N   H    sing N N 14  
ASN N   H2   sing N N 15  
ASN CA  C    sing N N 16  
ASN CA  CB   sing N N 17  
ASN CA  HA   sing N N 18  
ASN C   O    doub N N 19  
ASN C   OXT  sing N N 20  
ASN CB  CG   sing N N 21  
ASN CB  HB2  sing N N 22  
ASN CB  HB3  sing N N 23  
ASN CG  OD1  doub N N 24  
ASN CG  ND2  sing N N 25  
ASN ND2 HD21 sing N N 26  
ASN ND2 HD22 sing N N 27  
ASN OXT HXT  sing N N 28  
ASP N   CA   sing N N 29  
ASP N   H    sing N N 30  
ASP N   H2   sing N N 31  
ASP CA  C    sing N N 32  
ASP CA  CB   sing N N 33  
ASP CA  HA   sing N N 34  
ASP C   O    doub N N 35  
ASP C   OXT  sing N N 36  
ASP CB  CG   sing N N 37  
ASP CB  HB2  sing N N 38  
ASP CB  HB3  sing N N 39  
ASP CG  OD1  doub N N 40  
ASP CG  OD2  sing N N 41  
ASP OD2 HD2  sing N N 42  
ASP OXT HXT  sing N N 43  
CYS N   CA   sing N N 44  
CYS N   H    sing N N 45  
CYS N   H2   sing N N 46  
CYS CA  C    sing N N 47  
CYS CA  CB   sing N N 48  
CYS CA  HA   sing N N 49  
CYS C   O    doub N N 50  
CYS C   OXT  sing N N 51  
CYS CB  SG   sing N N 52  
CYS CB  HB2  sing N N 53  
CYS CB  HB3  sing N N 54  
CYS SG  HG   sing N N 55  
CYS OXT HXT  sing N N 56  
GLN N   CA   sing N N 57  
GLN N   H    sing N N 58  
GLN N   H2   sing N N 59  
GLN CA  C    sing N N 60  
GLN CA  CB   sing N N 61  
GLN CA  HA   sing N N 62  
GLN C   O    doub N N 63  
GLN C   OXT  sing N N 64  
GLN CB  CG   sing N N 65  
GLN CB  HB2  sing N N 66  
GLN CB  HB3  sing N N 67  
GLN CG  CD   sing N N 68  
GLN CG  HG2  sing N N 69  
GLN CG  HG3  sing N N 70  
GLN CD  OE1  doub N N 71  
GLN CD  NE2  sing N N 72  
GLN NE2 HE21 sing N N 73  
GLN NE2 HE22 sing N N 74  
GLN OXT HXT  sing N N 75  
GLU N   CA   sing N N 76  
GLU N   H    sing N N 77  
GLU N   H2   sing N N 78  
GLU CA  C    sing N N 79  
GLU CA  CB   sing N N 80  
GLU CA  HA   sing N N 81  
GLU C   O    doub N N 82  
GLU C   OXT  sing N N 83  
GLU CB  CG   sing N N 84  
GLU CB  HB2  sing N N 85  
GLU CB  HB3  sing N N 86  
GLU CG  CD   sing N N 87  
GLU CG  HG2  sing N N 88  
GLU CG  HG3  sing N N 89  
GLU CD  OE1  doub N N 90  
GLU CD  OE2  sing N N 91  
GLU OE2 HE2  sing N N 92  
GLU OXT HXT  sing N N 93  
GLY N   CA   sing N N 94  
GLY N   H    sing N N 95  
GLY N   H2   sing N N 96  
GLY CA  C    sing N N 97  
GLY CA  HA2  sing N N 98  
GLY CA  HA3  sing N N 99  
GLY C   O    doub N N 100 
GLY C   OXT  sing N N 101 
GLY OXT HXT  sing N N 102 
HOH O   H1   sing N N 103 
HOH O   H2   sing N N 104 
ILE N   CA   sing N N 105 
ILE N   H    sing N N 106 
ILE N   H2   sing N N 107 
ILE CA  C    sing N N 108 
ILE CA  CB   sing N N 109 
ILE CA  HA   sing N N 110 
ILE C   O    doub N N 111 
ILE C   OXT  sing N N 112 
ILE CB  CG1  sing N N 113 
ILE CB  CG2  sing N N 114 
ILE CB  HB   sing N N 115 
ILE CG1 CD1  sing N N 116 
ILE CG1 HG12 sing N N 117 
ILE CG1 HG13 sing N N 118 
ILE CG2 HG21 sing N N 119 
ILE CG2 HG22 sing N N 120 
ILE CG2 HG23 sing N N 121 
ILE CD1 HD11 sing N N 122 
ILE CD1 HD12 sing N N 123 
ILE CD1 HD13 sing N N 124 
ILE OXT HXT  sing N N 125 
LYS N   CA   sing N N 126 
LYS N   H    sing N N 127 
LYS N   H2   sing N N 128 
LYS CA  C    sing N N 129 
LYS CA  CB   sing N N 130 
LYS CA  HA   sing N N 131 
LYS C   O    doub N N 132 
LYS C   OXT  sing N N 133 
LYS CB  CG   sing N N 134 
LYS CB  HB2  sing N N 135 
LYS CB  HB3  sing N N 136 
LYS CG  CD   sing N N 137 
LYS CG  HG2  sing N N 138 
LYS CG  HG3  sing N N 139 
LYS CD  CE   sing N N 140 
LYS CD  HD2  sing N N 141 
LYS CD  HD3  sing N N 142 
LYS CE  NZ   sing N N 143 
LYS CE  HE2  sing N N 144 
LYS CE  HE3  sing N N 145 
LYS NZ  HZ1  sing N N 146 
LYS NZ  HZ2  sing N N 147 
LYS NZ  HZ3  sing N N 148 
LYS OXT HXT  sing N N 149 
PHE N   CA   sing N N 150 
PHE N   H    sing N N 151 
PHE N   H2   sing N N 152 
PHE CA  C    sing N N 153 
PHE CA  CB   sing N N 154 
PHE CA  HA   sing N N 155 
PHE C   O    doub N N 156 
PHE C   OXT  sing N N 157 
PHE CB  CG   sing N N 158 
PHE CB  HB2  sing N N 159 
PHE CB  HB3  sing N N 160 
PHE CG  CD1  doub Y N 161 
PHE CG  CD2  sing Y N 162 
PHE CD1 CE1  sing Y N 163 
PHE CD1 HD1  sing N N 164 
PHE CD2 CE2  doub Y N 165 
PHE CD2 HD2  sing N N 166 
PHE CE1 CZ   doub Y N 167 
PHE CE1 HE1  sing N N 168 
PHE CE2 CZ   sing Y N 169 
PHE CE2 HE2  sing N N 170 
PHE CZ  HZ   sing N N 171 
PHE OXT HXT  sing N N 172 
PRO N   CA   sing N N 173 
PRO N   CD   sing N N 174 
PRO N   H    sing N N 175 
PRO CA  C    sing N N 176 
PRO CA  CB   sing N N 177 
PRO CA  HA   sing N N 178 
PRO C   O    doub N N 179 
PRO C   OXT  sing N N 180 
PRO CB  CG   sing N N 181 
PRO CB  HB2  sing N N 182 
PRO CB  HB3  sing N N 183 
PRO CG  CD   sing N N 184 
PRO CG  HG2  sing N N 185 
PRO CG  HG3  sing N N 186 
PRO CD  HD2  sing N N 187 
PRO CD  HD3  sing N N 188 
PRO OXT HXT  sing N N 189 
SER N   CA   sing N N 190 
SER N   H    sing N N 191 
SER N   H2   sing N N 192 
SER CA  C    sing N N 193 
SER CA  CB   sing N N 194 
SER CA  HA   sing N N 195 
SER C   O    doub N N 196 
SER C   OXT  sing N N 197 
SER CB  OG   sing N N 198 
SER CB  HB2  sing N N 199 
SER CB  HB3  sing N N 200 
SER OG  HG   sing N N 201 
SER OXT HXT  sing N N 202 
THR N   CA   sing N N 203 
THR N   H    sing N N 204 
THR N   H2   sing N N 205 
THR CA  C    sing N N 206 
THR CA  CB   sing N N 207 
THR CA  HA   sing N N 208 
THR C   O    doub N N 209 
THR C   OXT  sing N N 210 
THR CB  OG1  sing N N 211 
THR CB  CG2  sing N N 212 
THR CB  HB   sing N N 213 
THR OG1 HG1  sing N N 214 
THR CG2 HG21 sing N N 215 
THR CG2 HG22 sing N N 216 
THR CG2 HG23 sing N N 217 
THR OXT HXT  sing N N 218 
TRP N   CA   sing N N 219 
TRP N   H    sing N N 220 
TRP N   H2   sing N N 221 
TRP CA  C    sing N N 222 
TRP CA  CB   sing N N 223 
TRP CA  HA   sing N N 224 
TRP C   O    doub N N 225 
TRP C   OXT  sing N N 226 
TRP CB  CG   sing N N 227 
TRP CB  HB2  sing N N 228 
TRP CB  HB3  sing N N 229 
TRP CG  CD1  doub Y N 230 
TRP CG  CD2  sing Y N 231 
TRP CD1 NE1  sing Y N 232 
TRP CD1 HD1  sing N N 233 
TRP CD2 CE2  doub Y N 234 
TRP CD2 CE3  sing Y N 235 
TRP NE1 CE2  sing Y N 236 
TRP NE1 HE1  sing N N 237 
TRP CE2 CZ2  sing Y N 238 
TRP CE3 CZ3  doub Y N 239 
TRP CE3 HE3  sing N N 240 
TRP CZ2 CH2  doub Y N 241 
TRP CZ2 HZ2  sing N N 242 
TRP CZ3 CH2  sing Y N 243 
TRP CZ3 HZ3  sing N N 244 
TRP CH2 HH2  sing N N 245 
TRP OXT HXT  sing N N 246 
TYR N   CA   sing N N 247 
TYR N   H    sing N N 248 
TYR N   H2   sing N N 249 
TYR CA  C    sing N N 250 
TYR CA  CB   sing N N 251 
TYR CA  HA   sing N N 252 
TYR C   O    doub N N 253 
TYR C   OXT  sing N N 254 
TYR CB  CG   sing N N 255 
TYR CB  HB2  sing N N 256 
TYR CB  HB3  sing N N 257 
TYR CG  CD1  doub Y N 258 
TYR CG  CD2  sing Y N 259 
TYR CD1 CE1  sing Y N 260 
TYR CD1 HD1  sing N N 261 
TYR CD2 CE2  doub Y N 262 
TYR CD2 HD2  sing N N 263 
TYR CE1 CZ   doub Y N 264 
TYR CE1 HE1  sing N N 265 
TYR CE2 CZ   sing Y N 266 
TYR CE2 HE2  sing N N 267 
TYR CZ  OH   sing N N 268 
TYR OH  HH   sing N N 269 
TYR OXT HXT  sing N N 270 
VAL N   CA   sing N N 271 
VAL N   H    sing N N 272 
VAL N   H2   sing N N 273 
VAL CA  C    sing N N 274 
VAL CA  CB   sing N N 275 
VAL CA  HA   sing N N 276 
VAL C   O    doub N N 277 
VAL C   OXT  sing N N 278 
VAL CB  CG1  sing N N 279 
VAL CB  CG2  sing N N 280 
VAL CB  HB   sing N N 281 
VAL CG1 HG11 sing N N 282 
VAL CG1 HG12 sing N N 283 
VAL CG1 HG13 sing N N 284 
VAL CG2 HG21 sing N N 285 
VAL CG2 HG22 sing N N 286 
VAL CG2 HG23 sing N N 287 
VAL OXT HXT  sing N N 288 
# 
_pdbx_initial_refinement_model.id               1 
_pdbx_initial_refinement_model.entity_id_list   ? 
_pdbx_initial_refinement_model.type             'experimental model' 
_pdbx_initial_refinement_model.source_name      PDB 
_pdbx_initial_refinement_model.accession_code   2X9B 
_pdbx_initial_refinement_model.details          'pdb entry 2x9b' 
# 
_atom_sites.entry_id                    4EO1 
_atom_sites.fract_transf_matrix[1][1]   0.00724332 
_atom_sites.fract_transf_matrix[1][2]   0.00739980 
_atom_sites.fract_transf_matrix[1][3]   -0.03346039 
_atom_sites.fract_transf_matrix[2][1]   0.02838448 
_atom_sites.fract_transf_matrix[2][2]   -0.00691520 
_atom_sites.fract_transf_matrix[2][3]   0.00461521 
_atom_sites.fract_transf_matrix[3][1]   -0.00290264 
_atom_sites.fract_transf_matrix[3][2]   -0.01446927 
_atom_sites.fract_transf_matrix[3][3]   -0.00382824 
_atom_sites.fract_transf_vector[1]      0.014235 
_atom_sites.fract_transf_vector[2]      -0.315718 
_atom_sites.fract_transf_vector[3]      0.139050 
# 
loop_
_atom_type.symbol 
C  
MG 
N  
O  
S  
# 
loop_
_atom_site.group_PDB 
_atom_site.id 
_atom_site.type_symbol 
_atom_site.label_atom_id 
_atom_site.label_alt_id 
_atom_site.label_comp_id 
_atom_site.label_asym_id 
_atom_site.label_entity_id 
_atom_site.label_seq_id 
_atom_site.pdbx_PDB_ins_code 
_atom_site.Cartn_x 
_atom_site.Cartn_y 
_atom_site.Cartn_z 
_atom_site.occupancy 
_atom_site.B_iso_or_equiv 
_atom_site.pdbx_formal_charge 
_atom_site.auth_seq_id 
_atom_site.auth_comp_id 
_atom_site.auth_asym_id 
_atom_site.auth_atom_id 
_atom_site.pdbx_PDB_model_num 
ATOM   1   N  N   . GLU A 1 3  ? 6.760   -15.763 -16.500 1.00 30.00 ? 113 GLU A N   1 
ATOM   2   C  CA  . GLU A 1 3  ? 5.692   -16.754 -16.462 1.00 30.00 ? 113 GLU A CA  1 
ATOM   3   C  C   . GLU A 1 3  ? 5.120   -16.867 -15.052 1.00 30.00 ? 113 GLU A C   1 
ATOM   4   O  O   . GLU A 1 3  ? 5.245   -17.899 -14.395 1.00 30.00 ? 113 GLU A O   1 
ATOM   5   C  CB  . GLU A 1 3  ? 6.192   -18.120 -16.952 1.00 20.00 ? 113 GLU A CB  1 
ATOM   6   C  CG  . GLU A 1 3  ? 7.289   -18.749 -16.102 1.00 20.00 ? 113 GLU A CG  1 
ATOM   7   C  CD  . GLU A 1 3  ? 7.826   -20.036 -16.700 1.00 20.00 ? 113 GLU A CD  1 
ATOM   8   O  OE1 . GLU A 1 3  ? 7.143   -20.622 -17.567 1.00 20.00 ? 113 GLU A OE1 1 
ATOM   9   O  OE2 . GLU A 1 3  ? 8.931   -20.461 -16.303 1.00 20.00 ? 113 GLU A OE2 1 
ATOM   10  N  N   . GLN A 1 4  ? 4.479   -15.797 -14.600 1.00 32.20 ? 114 GLN A N   1 
ATOM   11  C  CA  . GLN A 1 4  ? 4.030   -15.692 -13.223 1.00 31.58 ? 114 GLN A CA  1 
ATOM   12  C  C   . GLN A 1 4  ? 2.545   -15.394 -13.132 1.00 29.82 ? 114 GLN A C   1 
ATOM   13  O  O   . GLN A 1 4  ? 1.970   -14.778 -14.015 1.00 29.64 ? 114 GLN A O   1 
ATOM   14  C  CB  . GLN A 1 4  ? 4.806   -14.586 -12.499 1.00 20.00 ? 114 GLN A CB  1 
ATOM   15  C  CG  . GLN A 1 4  ? 6.235   -14.378 -12.975 1.00 20.00 ? 114 GLN A CG  1 
ATOM   16  C  CD  . GLN A 1 4  ? 6.791   -13.022 -12.590 1.00 20.00 ? 114 GLN A CD  1 
ATOM   17  O  OE1 . GLN A 1 4  ? 7.030   -12.748 -11.420 1.00 20.00 ? 114 GLN A OE1 1 
ATOM   18  N  NE2 . GLN A 1 4  ? 7.002   -12.167 -13.577 1.00 20.00 ? 114 GLN A NE2 1 
ATOM   19  N  N   . THR A 1 5  ? 1.899   -15.854 -12.059 1.00 21.96 ? 115 THR A N   1 
ATOM   20  C  CA  . THR A 1 5  ? 0.491   -15.520 -11.784 1.00 18.23 ? 115 THR A CA  1 
ATOM   21  C  C   . THR A 1 5  ? 0.393   -14.072 -11.303 1.00 19.89 ? 115 THR A C   1 
ATOM   22  O  O   . THR A 1 5  ? 1.381   -13.540 -10.798 1.00 19.22 ? 115 THR A O   1 
ATOM   23  C  CB  . THR A 1 5  ? -0.120  -16.454 -10.725 1.00 20.00 ? 115 THR A CB  1 
ATOM   24  O  OG1 . THR A 1 5  ? 0.246   -16.003 -9.414  1.00 20.00 ? 115 THR A OG1 1 
ATOM   25  C  CG2 . THR A 1 5  ? 0.374   -17.879 -10.922 1.00 20.00 ? 115 THR A CG2 1 
ATOM   26  N  N   . PRO A 1 6  ? -0.757  -13.408 -11.454 1.00 15.97 ? 116 PRO A N   1 
ATOM   27  C  CA  . PRO A 1 6  ? -0.749  -11.980 -11.080 1.00 14.41 ? 116 PRO A CA  1 
ATOM   28  C  C   . PRO A 1 6  ? -0.339  -11.755 -9.625  1.00 14.13 ? 116 PRO A C   1 
ATOM   29  O  O   . PRO A 1 6  ? 0.319   -10.767 -9.342  1.00 12.57 ? 116 PRO A O   1 
ATOM   30  C  CB  . PRO A 1 6  ? -2.187  -11.520 -11.326 1.00 16.49 ? 116 PRO A CB  1 
ATOM   31  C  CG  . PRO A 1 6  ? -3.010  -12.734 -11.178 1.00 22.60 ? 116 PRO A CG  1 
ATOM   32  C  CD  . PRO A 1 6  ? -2.194  -13.730 -11.916 1.00 18.42 ? 116 PRO A CD  1 
ATOM   33  N  N   . GLU A 1 7  ? -0.732  -12.637 -8.717  1.00 12.05 ? 117 GLU A N   1 
ATOM   34  C  CA  . GLU A 1 7  ? -0.323  -12.503 -7.327  1.00 12.19 ? 117 GLU A CA  1 
ATOM   35  C  C   . GLU A 1 7  ? 1.193   -12.586 -7.211  1.00 15.98 ? 117 GLU A C   1 
ATOM   36  O  O   . GLU A 1 7  ? 1.807   -11.847 -6.457  1.00 12.74 ? 117 GLU A O   1 
ATOM   37  C  CB  . GLU A 1 7  ? -0.943  -13.605 -6.481  1.00 14.16 ? 117 GLU A CB  1 
ATOM   38  C  CG  . GLU A 1 7  ? -2.391  -13.380 -6.093  1.00 29.99 ? 117 GLU A CG  1 
ATOM   39  C  CD  . GLU A 1 7  ? -2.804  -14.226 -4.907  1.00 64.90 ? 117 GLU A CD  1 
ATOM   40  O  OE1 . GLU A 1 7  ? -2.379  -15.397 -4.834  1.00 70.14 ? 117 GLU A OE1 1 
ATOM   41  O  OE2 . GLU A 1 7  ? -3.550  -13.724 -4.045  1.00 64.85 ? 117 GLU A OE2 1 
ATOM   42  N  N   . GLU A 1 8  ? 1.795   -13.493 -7.966  1.00 14.44 ? 118 GLU A N   1 
ATOM   43  C  CA  . GLU A 1 8  ? 3.236   -13.635 -7.961  1.00 13.46 ? 118 GLU A CA  1 
ATOM   44  C  C   . GLU A 1 8  ? 3.892   -12.353 -8.432  1.00 14.71 ? 118 GLU A C   1 
ATOM   45  O  O   . GLU A 1 8  ? 4.884   -11.915 -7.871  1.00 11.29 ? 118 GLU A O   1 
ATOM   46  C  CB  . GLU A 1 8  ? 3.657   -14.777 -8.872  1.00 15.92 ? 118 GLU A CB  1 
ATOM   47  C  CG  . GLU A 1 8  ? 3.445   -16.161 -8.299  1.00 22.70 ? 118 GLU A CG  1 
ATOM   48  C  CD  . GLU A 1 8  ? 4.002   -17.227 -9.213  1.00 34.84 ? 118 GLU A CD  1 
ATOM   49  O  OE1 . GLU A 1 8  ? 3.481   -17.377 -10.332 1.00 21.85 ? 118 GLU A OE1 1 
ATOM   50  O  OE2 . GLU A 1 8  ? 4.972   -17.899 -8.823  1.00 23.62 ? 118 GLU A OE2 1 
ATOM   51  N  N   . ILE A 1 9  ? 3.333   -11.755 -9.473  1.00 13.53 ? 119 ILE A N   1 
ATOM   52  C  CA  . ILE A 1 9  ? 3.878   -10.524 -10.025 1.00 13.00 ? 119 ILE A CA  1 
ATOM   53  C  C   . ILE A 1 9  ? 3.866   -9.435  -8.961  1.00 14.34 ? 119 ILE A C   1 
ATOM   54  O  O   . ILE A 1 9  ? 4.794   -8.643  -8.866  1.00 15.21 ? 119 ILE A O   1 
ATOM   55  C  CB  . ILE A 1 9  ? 3.089   -10.060 -11.265 1.00 16.85 ? 119 ILE A CB  1 
ATOM   56  C  CG1 . ILE A 1 9  ? 3.301   -11.035 -12.422 1.00 19.79 ? 119 ILE A CG1 1 
ATOM   57  C  CG2 . ILE A 1 9  ? 3.503   -8.659  -11.684 1.00 16.40 ? 119 ILE A CG2 1 
ATOM   58  C  CD1 . ILE A 1 9  ? 2.071   -11.245 -13.275 1.00 25.12 ? 119 ILE A CD1 1 
ATOM   59  N  N   . CYS A 1 10 ? 2.804   -9.395  -8.169  1.00 10.15 ? 120 CYS A N   1 
ATOM   60  C  CA  . CYS A 1 10 ? 2.692   -8.405  -7.109  1.00 8.33  ? 120 CYS A CA  1 
ATOM   61  C  C   . CYS A 1 10 ? 3.697   -8.653  -5.984  1.00 11.98 ? 120 CYS A C   1 
ATOM   62  O  O   . CYS A 1 10 ? 4.343   -7.719  -5.521  1.00 12.09 ? 120 CYS A O   1 
ATOM   63  C  CB  . CYS A 1 10 ? 1.263   -8.352  -6.570  1.00 8.15  ? 120 CYS A CB  1 
ATOM   64  S  SG  . CYS A 1 10 ? 0.106   -7.479  -7.649  1.00 11.22 ? 120 CYS A SG  1 
ATOM   65  N  N   . GLU A 1 11 ? 3.834   -9.905  -5.555  1.00 6.97  ? 121 GLU A N   1 
ATOM   66  C  CA  . GLU A 1 11 ? 4.797   -10.259 -4.497  1.00 7.43  ? 121 GLU A CA  1 
ATOM   67  C  C   . GLU A 1 11 ? 6.239   -9.871  -4.856  1.00 12.81 ? 121 GLU A C   1 
ATOM   68  O  O   . GLU A 1 11 ? 7.015   -9.523  -3.964  1.00 11.89 ? 121 GLU A O   1 
ATOM   69  C  CB  . GLU A 1 11 ? 4.781   -11.758 -4.230  1.00 9.41  ? 121 GLU A CB  1 
ATOM   70  C  CG  . GLU A 1 11 ? 3.501   -12.290 -3.608  1.00 13.28 ? 121 GLU A CG  1 
ATOM   71  C  CD  . GLU A 1 11 ? 3.611   -13.774 -3.364  1.00 25.43 ? 121 GLU A CD  1 
ATOM   72  O  OE1 . GLU A 1 11 ? 4.081   -14.154 -2.267  1.00 22.15 ? 121 GLU A OE1 1 
ATOM   73  O  OE2 . GLU A 1 11 ? 3.348   -14.548 -4.312  1.00 20.97 ? 121 GLU A OE2 1 
ATOM   74  N  N   . ALA A 1 12 ? 6.589   -9.937  -6.158  1.00 9.59  ? 122 ALA A N   1 
ATOM   75  C  CA  . ALA A 1 12 ? 7.943   -9.631  -6.641  1.00 11.32 ? 122 ALA A CA  1 
ATOM   76  C  C   . ALA A 1 12 ? 8.214   -8.125  -6.846  1.00 13.80 ? 122 ALA A C   1 
ATOM   77  O  O   . ALA A 1 12 ? 9.374   -7.725  -7.048  1.00 14.62 ? 122 ALA A O   1 
ATOM   78  C  CB  . ALA A 1 12 ? 8.202   -10.389 -7.942  1.00 13.52 ? 122 ALA A CB  1 
ATOM   79  N  N   . LYS A 1 13 ? 7.166   -7.302  -6.814  1.00 9.50  ? 123 LYS A N   1 
ATOM   80  C  CA  . LYS A 1 13 ? 7.297   -5.843  -7.007  1.00 9.47  ? 123 LYS A CA  1 
ATOM   81  C  C   . LYS A 1 13 ? 8.208   -5.188  -5.963  1.00 13.00 ? 123 LYS A C   1 
ATOM   82  O  O   . LYS A 1 13 ? 8.207   -5.593  -4.782  1.00 11.14 ? 123 LYS A O   1 
ATOM   83  C  CB  . LYS A 1 13 ? 5.925   -5.146  -6.987  1.00 12.70 ? 123 LYS A CB  1 
ATOM   84  C  CG  . LYS A 1 13 ? 5.039   -5.474  -8.171  1.00 20.22 ? 123 LYS A CG  1 
ATOM   85  C  CD  . LYS A 1 13 ? 5.172   -4.456  -9.269  1.00 22.77 ? 123 LYS A CD  1 
ATOM   86  C  CE  . LYS A 1 13 ? 4.265   -4.790  -10.423 1.00 27.51 ? 123 LYS A CE  1 
ATOM   87  N  NZ  . LYS A 1 13 ? 4.592   -3.951  -11.608 1.00 35.09 ? 123 LYS A NZ  1 
ATOM   88  N  N   . PRO A 1 14 ? 8.992   -4.161  -6.369  1.00 12.34 ? 124 PRO A N   1 
ATOM   89  C  CA  . PRO A 1 14 ? 9.855   -3.493  -5.393  1.00 12.06 ? 124 PRO A CA  1 
ATOM   90  C  C   . PRO A 1 14 ? 9.065   -2.648  -4.392  1.00 14.21 ? 124 PRO A C   1 
ATOM   91  O  O   . PRO A 1 14 ? 7.964   -2.182  -4.711  1.00 13.52 ? 124 PRO A O   1 
ATOM   92  C  CB  . PRO A 1 14 ? 10.770  -2.615  -6.254  1.00 15.33 ? 124 PRO A CB  1 
ATOM   93  C  CG  . PRO A 1 14 ? 10.014  -2.379  -7.510  1.00 19.54 ? 124 PRO A CG  1 
ATOM   94  C  CD  . PRO A 1 14 ? 9.129   -3.572  -7.719  1.00 14.97 ? 124 PRO A CD  1 
ATOM   95  N  N   . PRO A 1 15 ? 9.595   -2.392  -3.180  1.00 11.74 ? 125 PRO A N   1 
ATOM   96  C  CA  . PRO A 1 15 ? 8.882   -1.474  -2.276  1.00 10.93 ? 125 PRO A CA  1 
ATOM   97  C  C   . PRO A 1 15 ? 8.902   -0.053  -2.864  1.00 15.60 ? 125 PRO A C   1 
ATOM   98  O  O   . PRO A 1 15 ? 9.775   0.259   -3.692  1.00 17.11 ? 125 PRO A O   1 
ATOM   99  C  CB  . PRO A 1 15 ? 9.655   -1.594  -0.956  1.00 12.75 ? 125 PRO A CB  1 
ATOM   100 C  CG  . PRO A 1 15 ? 11.011  -2.026  -1.343  1.00 18.57 ? 125 PRO A CG  1 
ATOM   101 C  CD  . PRO A 1 15 ? 10.896  -2.813  -2.619  1.00 14.76 ? 125 PRO A CD  1 
ATOM   102 N  N   . ILE A 1 16 ? 7.927   0.778   -2.490  1.00 11.05 ? 126 ILE A N   1 
ATOM   103 C  CA  . ILE A 1 16 ? 7.822   2.161   -2.975  1.00 10.74 ? 126 ILE A CA  1 
ATOM   104 C  C   . ILE A 1 16 ? 7.998   3.151   -1.843  1.00 14.89 ? 126 ILE A C   1 
ATOM   105 O  O   . ILE A 1 16 ? 7.369   3.007   -0.799  1.00 14.02 ? 126 ILE A O   1 
ATOM   106 C  CB  . ILE A 1 16 ? 6.441   2.428   -3.632  1.00 13.36 ? 126 ILE A CB  1 
ATOM   107 C  CG1 . ILE A 1 16 ? 6.223   1.592   -4.895  1.00 14.20 ? 126 ILE A CG1 1 
ATOM   108 C  CG2 . ILE A 1 16 ? 6.200   3.967   -3.883  1.00 15.06 ? 126 ILE A CG2 1 
ATOM   109 C  CD1 . ILE A 1 16 ? 4.732   1.547   -5.257  1.00 16.37 ? 126 ILE A CD1 1 
ATOM   110 N  N   . ASP A 1 17 ? 8.738   4.227   -2.102  1.00 12.71 ? 127 ASP A N   1 
ATOM   111 C  CA  . ASP A 1 17 ? 8.833   5.359   -1.180  1.00 13.41 ? 127 ASP A CA  1 
ATOM   112 C  C   . ASP A 1 17 ? 7.908   6.418   -1.785  1.00 17.39 ? 127 ASP A C   1 
ATOM   113 O  O   . ASP A 1 17 ? 8.130   6.864   -2.914  1.00 18.16 ? 127 ASP A O   1 
ATOM   114 C  CB  . ASP A 1 17 ? 10.284  5.861   -1.098  1.00 16.09 ? 127 ASP A CB  1 
ATOM   115 C  CG  . ASP A 1 17 ? 10.550  7.067   -0.217  1.00 19.51 ? 127 ASP A CG  1 
ATOM   116 O  OD1 . ASP A 1 17 ? 9.597   7.553   0.448   1.00 15.92 ? 127 ASP A OD1 1 
ATOM   117 O  OD2 . ASP A 1 17 ? 11.688  7.561   -0.235  1.00 24.81 ? 127 ASP A OD2 1 
ATOM   118 N  N   . GLY A 1 18 ? 6.847   6.772   -1.087  1.00 14.45 ? 128 GLY A N   1 
ATOM   119 C  CA  . GLY A 1 18 ? 5.931   7.744   -1.669  1.00 14.90 ? 128 GLY A CA  1 
ATOM   120 C  C   . GLY A 1 18 ? 4.752   8.216   -0.864  1.00 14.52 ? 128 GLY A C   1 
ATOM   121 O  O   . GLY A 1 18 ? 4.586   7.852   0.301   1.00 11.56 ? 128 GLY A O   1 
ATOM   122 N  N   . VAL A 1 19 ? 3.940   9.057   -1.517  1.00 11.47 ? 129 VAL A N   1 
ATOM   123 C  CA  . VAL A 1 19 ? 2.753   9.696   -0.969  1.00 10.32 ? 129 VAL A CA  1 
ATOM   124 C  C   . VAL A 1 19 ? 1.573   9.332   -1.811  1.00 12.91 ? 129 VAL A C   1 
ATOM   125 O  O   . VAL A 1 19 ? 1.600   9.499   -3.031  1.00 11.44 ? 129 VAL A O   1 
ATOM   126 C  CB  . VAL A 1 19 ? 2.911   11.241  -0.901  1.00 15.05 ? 129 VAL A CB  1 
ATOM   127 C  CG1 . VAL A 1 19 ? 1.651   11.899  -0.321  1.00 15.71 ? 129 VAL A CG1 1 
ATOM   128 C  CG2 . VAL A 1 19 ? 4.146   11.646  -0.097  1.00 14.80 ? 129 VAL A CG2 1 
ATOM   129 N  N   . PHE A 1 20 ? 0.516   8.872   -1.154  1.00 11.20 ? 130 PHE A N   1 
ATOM   130 C  CA  . PHE A 1 20 ? -0.687  8.436   -1.862  1.00 10.82 ? 130 PHE A CA  1 
ATOM   131 C  C   . PHE A 1 20 ? -1.913  8.955   -1.195  1.00 16.99 ? 130 PHE A C   1 
ATOM   132 O  O   . PHE A 1 20 ? -1.920  9.139   0.016   1.00 14.83 ? 130 PHE A O   1 
ATOM   133 C  CB  . PHE A 1 20 ? -0.764  6.911   -1.819  1.00 11.22 ? 130 PHE A CB  1 
ATOM   134 C  CG  . PHE A 1 20 ? 0.261   6.188   -2.652  1.00 12.43 ? 130 PHE A CG  1 
ATOM   135 C  CD1 . PHE A 1 20 ? 0.037   5.945   -4.003  1.00 14.40 ? 130 PHE A CD1 1 
ATOM   136 C  CD2 . PHE A 1 20 ? 1.470   5.771   -2.093  1.00 12.63 ? 130 PHE A CD2 1 
ATOM   137 C  CE1 . PHE A 1 20 ? 0.990   5.274   -4.773  1.00 15.18 ? 130 PHE A CE1 1 
ATOM   138 C  CE2 . PHE A 1 20 ? 2.438   5.143   -2.875  1.00 14.63 ? 130 PHE A CE2 1 
ATOM   139 C  CZ  . PHE A 1 20 ? 2.196   4.906   -4.216  1.00 13.21 ? 130 PHE A CZ  1 
ATOM   140 N  N   . ASN A 1 21 ? -2.972  9.132   -1.977  1.00 17.17 ? 131 ASN A N   1 
ATOM   141 C  CA  . ASN A 1 21 ? -4.294  9.442   -1.459  1.00 18.57 ? 131 ASN A CA  1 
ATOM   142 C  C   . ASN A 1 21 ? -5.045  8.103   -1.581  1.00 23.94 ? 131 ASN A C   1 
ATOM   143 O  O   . ASN A 1 21 ? -4.416  7.093   -1.890  1.00 24.13 ? 131 ASN A O   1 
ATOM   144 C  CB  . ASN A 1 21 ? -4.955  10.576  -2.229  1.00 22.39 ? 131 ASN A CB  1 
ATOM   145 C  CG  . ASN A 1 21 ? -5.084  10.382  -3.723  1.00 42.78 ? 131 ASN A CG  1 
ATOM   146 O  OD1 . ASN A 1 21 ? -4.542  9.448   -4.319  1.00 31.61 ? 131 ASN A OD1 1 
ATOM   147 N  ND2 . ASN A 1 21 ? -5.827  11.268  -4.360  1.00 40.30 ? 131 ASN A ND2 1 
ATOM   148 N  N   . ASN A 1 22 ? -6.348  8.069   -1.327  1.00 22.03 ? 132 ASN A N   1 
ATOM   149 C  CA  . ASN A 1 22 ? -7.145  6.850   -1.394  1.00 21.33 ? 132 ASN A CA  1 
ATOM   150 C  C   . ASN A 1 22 ? -6.527  5.727   -0.554  1.00 20.69 ? 132 ASN A C   1 
ATOM   151 O  O   . ASN A 1 22 ? -6.608  4.563   -0.930  1.00 20.23 ? 132 ASN A O   1 
ATOM   152 C  CB  . ASN A 1 22 ? -7.393  6.409   -2.848  1.00 23.12 ? 132 ASN A CB  1 
ATOM   153 C  CG  . ASN A 1 22 ? -8.170  7.413   -3.658  1.00 49.50 ? 132 ASN A CG  1 
ATOM   154 O  OD1 . ASN A 1 22 ? -7.643  8.041   -4.582  1.00 43.38 ? 132 ASN A OD1 1 
ATOM   155 N  ND2 . ASN A 1 22 ? -9.434  7.595   -3.321  1.00 46.67 ? 132 ASN A ND2 1 
ATOM   156 N  N   . VAL A 1 23 ? -5.846  6.091   0.551   1.00 15.79 ? 133 VAL A N   1 
ATOM   157 C  CA  . VAL A 1 23 ? -5.266  5.110   1.453   1.00 12.56 ? 133 VAL A CA  1 
ATOM   158 C  C   . VAL A 1 23 ? -6.421  4.620   2.279   1.00 18.63 ? 133 VAL A C   1 
ATOM   159 O  O   . VAL A 1 23 ? -7.264  5.428   2.695   1.00 19.17 ? 133 VAL A O   1 
ATOM   160 C  CB  . VAL A 1 23 ? -4.142  5.693   2.367   1.00 14.61 ? 133 VAL A CB  1 
ATOM   161 C  CG1 . VAL A 1 23 ? -3.702  4.687   3.457   1.00 14.35 ? 133 VAL A CG1 1 
ATOM   162 C  CG2 . VAL A 1 23 ? -2.953  6.155   1.547   1.00 12.98 ? 133 VAL A CG2 1 
ATOM   163 N  N   . PHE A 1 24 ? -6.495  3.317   2.524   1.00 13.83 ? 134 PHE A N   1 
ATOM   164 C  CA  . PHE A 1 24 ? -7.545  2.778   3.378   1.00 13.60 ? 134 PHE A CA  1 
ATOM   165 C  C   . PHE A 1 24 ? -6.967  2.031   4.570   1.00 15.57 ? 134 PHE A C   1 
ATOM   166 O  O   . PHE A 1 24 ? -6.032  1.251   4.429   1.00 14.06 ? 134 PHE A O   1 
ATOM   167 C  CB  . PHE A 1 24 ? -8.529  1.906   2.589   1.00 14.80 ? 134 PHE A CB  1 
ATOM   168 C  CG  . PHE A 1 24 ? -7.987  0.561   2.206   1.00 13.89 ? 134 PHE A CG  1 
ATOM   169 C  CD1 . PHE A 1 24 ? -8.016  -0.492  3.100   1.00 15.17 ? 134 PHE A CD1 1 
ATOM   170 C  CD2 . PHE A 1 24 ? -7.468  0.345   0.943   1.00 14.98 ? 134 PHE A CD2 1 
ATOM   171 C  CE1 . PHE A 1 24 ? -7.524  -1.731  2.747   1.00 14.60 ? 134 PHE A CE1 1 
ATOM   172 C  CE2 . PHE A 1 24 ? -6.974  -0.892  0.584   1.00 15.76 ? 134 PHE A CE2 1 
ATOM   173 C  CZ  . PHE A 1 24 ? -7.004  -1.932  1.487   1.00 13.44 ? 134 PHE A CZ  1 
ATOM   174 N  N   . LYS A 1 25 ? -7.505  2.310   5.752   1.00 14.21 ? 135 LYS A N   1 
ATOM   175 C  CA  . LYS A 1 25 ? -7.059  1.652   6.971   1.00 13.78 ? 135 LYS A CA  1 
ATOM   176 C  C   . LYS A 1 25 ? -7.509  0.197   7.065   1.00 20.06 ? 135 LYS A C   1 
ATOM   177 O  O   . LYS A 1 25 ? -8.644  -0.136  6.743   1.00 22.21 ? 135 LYS A O   1 
ATOM   178 C  CB  . LYS A 1 25 ? -7.533  2.427   8.201   1.00 16.68 ? 135 LYS A CB  1 
ATOM   179 C  CG  . LYS A 1 25 ? -6.898  1.968   9.500   1.00 24.32 ? 135 LYS A CG  1 
ATOM   180 C  CD  . LYS A 1 25 ? -6.899  3.079   10.538  1.00 32.49 ? 135 LYS A CD  1 
ATOM   181 C  CE  . LYS A 1 25 ? -8.312  3.424   10.978  1.00 51.18 ? 135 LYS A CE  1 
ATOM   182 N  NZ  . LYS A 1 25 ? -8.764  2.595   12.129  1.00 64.79 ? 135 LYS A NZ  1 
ATOM   183 N  N   . GLY A 1 26 ? -6.602  -0.656  7.525   1.00 15.33 ? 136 GLY A N   1 
ATOM   184 C  CA  . GLY A 1 26 ? -6.881  -2.057  7.779   1.00 15.27 ? 136 GLY A CA  1 
ATOM   185 C  C   . GLY A 1 26 ? -7.655  -2.285  9.063   1.00 22.16 ? 136 GLY A C   1 
ATOM   186 O  O   . GLY A 1 26 ? -7.726  -1.409  9.917   1.00 21.30 ? 136 GLY A O   1 
ATOM   187 N  N   . ASP A 1 27 ? -8.251  -3.465  9.186   1.00 21.63 ? 137 ASP A N   1 
ATOM   188 C  CA  . ASP A 1 27 ? -8.976  -3.849  10.393  1.00 25.47 ? 137 ASP A CA  1 
ATOM   189 C  C   . ASP A 1 27 ? -8.063  -3.945  11.668  1.00 27.16 ? 137 ASP A C   1 
ATOM   190 O  O   . ASP A 1 27 ? -8.529  -4.101  12.754  1.00 25.64 ? 137 ASP A O   1 
ATOM   191 C  CB  . ASP A 1 27 ? -9.604  -5.242  10.203  1.00 31.12 ? 137 ASP A CB  1 
ATOM   192 C  CG  . ASP A 1 27 ? -10.760 -5.296  9.158   1.00 43.57 ? 137 ASP A CG  1 
ATOM   193 O  OD1 . ASP A 1 27 ? -11.272 -4.295  8.668   1.00 41.91 ? 137 ASP A OD1 1 
ATOM   194 O  OD2 . ASP A 1 27 ? -11.167 -6.437  8.905   1.00 49.25 ? 137 ASP A OD2 1 
ATOM   195 N  N   . GLU A 1 28 ? -6.770  -3.941  11.439  1.00 23.29 ? 138 GLU A N   1 
ATOM   196 C  CA  . GLU A 1 28 ? -5.705  -4.221  12.399  1.00 23.01 ? 138 GLU A CA  1 
ATOM   197 C  C   . GLU A 1 28 ? -4.794  -2.962  12.464  1.00 26.33 ? 138 GLU A C   1 
ATOM   198 O  O   . GLU A 1 28 ? -3.749  -2.964  13.123  1.00 25.03 ? 138 GLU A O   1 
ATOM   199 C  CB  . GLU A 1 28 ? -4.930  -5.511  12.085  1.00 23.70 ? 138 GLU A CB  1 
ATOM   200 C  CG  . GLU A 1 28 ? -5.630  -6.762  12.590  1.00 38.08 ? 138 GLU A CG  1 
ATOM   201 C  CD  . GLU A 1 28 ? -4.817  -8.043  12.589  1.00 61.72 ? 138 GLU A CD  1 
ATOM   202 O  OE1 . GLU A 1 28 ? -3.575  -7.975  12.435  1.00 54.25 ? 138 GLU A OE1 1 
ATOM   203 O  OE2 . GLU A 1 28 ? -5.425  -9.124  12.763  1.00 60.83 ? 138 GLU A OE2 1 
ATOM   204 N  N   . GLY A 1 29 ? -5.244  -1.880  11.821  1.00 22.65 ? 139 GLY A N   1 
ATOM   205 C  CA  . GLY A 1 29 ? -4.548  -0.597  11.858  1.00 21.44 ? 139 GLY A CA  1 
ATOM   206 C  C   . GLY A 1 29 ? -3.515  -0.351  10.779  1.00 22.48 ? 139 GLY A C   1 
ATOM   207 O  O   . GLY A 1 29 ? -2.882  0.707   10.768  1.00 21.29 ? 139 GLY A O   1 
ATOM   208 N  N   . GLY A 1 30 ? -3.352  -1.311  9.870   1.00 18.12 ? 140 GLY A N   1 
ATOM   209 C  CA  . GLY A 1 30 ? -2.442  -1.180  8.745   1.00 15.58 ? 140 GLY A CA  1 
ATOM   210 C  C   . GLY A 1 30 ? -2.994  -0.173  7.756   1.00 16.54 ? 140 GLY A C   1 
ATOM   211 O  O   . GLY A 1 30 ? -4.209  0.046   7.703   1.00 16.28 ? 140 GLY A O   1 
ATOM   212 N  N   . PHE A 1 31 ? -2.107  0.476   7.010   1.00 10.81 ? 141 PHE A N   1 
ATOM   213 C  CA  . PHE A 1 31 ? -2.477  1.451   5.985   1.00 10.09 ? 141 PHE A CA  1 
ATOM   214 C  C   . PHE A 1 31 ? -2.168  0.815   4.647   1.00 11.25 ? 141 PHE A C   1 
ATOM   215 O  O   . PHE A 1 31 ? -1.066  0.313   4.456   1.00 10.25 ? 141 PHE A O   1 
ATOM   216 C  CB  . PHE A 1 31 ? -1.690  2.737   6.155   1.00 11.45 ? 141 PHE A CB  1 
ATOM   217 C  CG  . PHE A 1 31 ? -2.021  3.480   7.427   1.00 13.62 ? 141 PHE A CG  1 
ATOM   218 C  CD1 . PHE A 1 31 ? -3.161  4.268   7.510   1.00 18.15 ? 141 PHE A CD1 1 
ATOM   219 C  CD2 . PHE A 1 31 ? -1.191  3.390   8.537   1.00 15.32 ? 141 PHE A CD2 1 
ATOM   220 C  CE1 . PHE A 1 31 ? -3.474  4.947   8.694   1.00 19.81 ? 141 PHE A CE1 1 
ATOM   221 C  CE2 . PHE A 1 31 ? -1.489  4.089   9.709   1.00 19.33 ? 141 PHE A CE2 1 
ATOM   222 C  CZ  . PHE A 1 31 ? -2.637  4.847   9.787   1.00 17.98 ? 141 PHE A CZ  1 
ATOM   223 N  N   . TYR A 1 32 ? -3.146  0.810   3.739   1.00 8.83  ? 142 TYR A N   1 
ATOM   224 C  CA  . TYR A 1 32 ? -3.040  0.163   2.431   1.00 6.81  ? 142 TYR A CA  1 
ATOM   225 C  C   . TYR A 1 32 ? -3.418  1.034   1.282   1.00 12.25 ? 142 TYR A C   1 
ATOM   226 O  O   . TYR A 1 32 ? -4.231  1.953   1.414   1.00 13.23 ? 142 TYR A O   1 
ATOM   227 C  CB  . TYR A 1 32 ? -3.949  -1.090  2.389   1.00 8.56  ? 142 TYR A CB  1 
ATOM   228 C  CG  . TYR A 1 32 ? -3.665  -2.096  3.479   1.00 9.83  ? 142 TYR A CG  1 
ATOM   229 C  CD1 . TYR A 1 32 ? -4.266  -1.985  4.732   1.00 12.71 ? 142 TYR A CD1 1 
ATOM   230 C  CD2 . TYR A 1 32 ? -2.780  -3.152  3.266   1.00 11.41 ? 142 TYR A CD2 1 
ATOM   231 C  CE1 . TYR A 1 32 ? -3.995  -2.901  5.745   1.00 14.48 ? 142 TYR A CE1 1 
ATOM   232 C  CE2 . TYR A 1 32 ? -2.513  -4.082  4.268   1.00 12.24 ? 142 TYR A CE2 1 
ATOM   233 C  CZ  . TYR A 1 32 ? -3.098  -3.933  5.514   1.00 19.56 ? 142 TYR A CZ  1 
ATOM   234 O  OH  . TYR A 1 32 ? -2.839  -4.847  6.497   1.00 16.93 ? 142 TYR A OH  1 
ATOM   235 N  N   . ILE A 1 33 ? -2.831  0.723   0.127   1.00 7.62  ? 143 ILE A N   1 
ATOM   236 C  CA  . ILE A 1 33 ? -3.095  1.416   -1.141  1.00 8.50  ? 143 ILE A CA  1 
ATOM   237 C  C   . ILE A 1 33 ? -3.225  0.363   -2.230  1.00 11.91 ? 143 ILE A C   1 
ATOM   238 O  O   . ILE A 1 33 ? -2.644  -0.715  -2.117  1.00 10.50 ? 143 ILE A O   1 
ATOM   239 C  CB  . ILE A 1 33 ? -1.939  2.390   -1.519  1.00 11.18 ? 143 ILE A CB  1 
ATOM   240 C  CG1 . ILE A 1 33 ? -0.551  1.666   -1.483  1.00 11.03 ? 143 ILE A CG1 1 
ATOM   241 C  CG2 . ILE A 1 33 ? -1.968  3.624   -0.632  1.00 14.69 ? 143 ILE A CG2 1 
ATOM   242 C  CD1 . ILE A 1 33 ? 0.524   2.229   -2.352  1.00 17.36 ? 143 ILE A CD1 1 
ATOM   243 N  N   . ASN A 1 34 ? -3.933  0.708   -3.306  1.00 9.02  ? 144 ASN A N   1 
ATOM   244 C  CA  . ASN A 1 34 ? -3.981  -0.124  -4.504  1.00 8.36  ? 144 ASN A CA  1 
ATOM   245 C  C   . ASN A 1 34 ? -3.216  0.683   -5.517  1.00 11.81 ? 144 ASN A C   1 
ATOM   246 O  O   . ASN A 1 34 ? -3.545  1.839   -5.762  1.00 12.19 ? 144 ASN A O   1 
ATOM   247 C  CB  . ASN A 1 34 ? -5.429  -0.352  -4.937  1.00 12.87 ? 144 ASN A CB  1 
ATOM   248 C  CG  . ASN A 1 34 ? -6.219  -1.072  -3.875  1.00 17.82 ? 144 ASN A CG  1 
ATOM   249 O  OD1 . ASN A 1 34 ? -5.728  -1.985  -3.216  1.00 11.98 ? 144 ASN A OD1 1 
ATOM   250 N  ND2 . ASN A 1 34 ? -7.414  -0.609  -3.610  1.00 17.40 ? 144 ASN A ND2 1 
ATOM   251 N  N   . TYR A 1 35 ? -2.133  0.127   -6.027  1.00 8.47  ? 145 TYR A N   1 
ATOM   252 C  CA  . TYR A 1 35 ? -1.295  0.854   -6.966  1.00 8.76  ? 145 TYR A CA  1 
ATOM   253 C  C   . TYR A 1 35 ? -0.888  -0.077  -8.078  1.00 11.49 ? 145 TYR A C   1 
ATOM   254 O  O   . TYR A 1 35 ? -0.286  -1.123  -7.825  1.00 10.52 ? 145 TYR A O   1 
ATOM   255 C  CB  . TYR A 1 35 ? -0.056  1.459   -6.250  1.00 11.16 ? 145 TYR A CB  1 
ATOM   256 C  CG  . TYR A 1 35 ? 0.952   2.065   -7.213  1.00 13.31 ? 145 TYR A CG  1 
ATOM   257 C  CD1 . TYR A 1 35 ? 0.677   3.257   -7.882  1.00 16.37 ? 145 TYR A CD1 1 
ATOM   258 C  CD2 . TYR A 1 35 ? 2.144   1.410   -7.508  1.00 14.96 ? 145 TYR A CD2 1 
ATOM   259 C  CE1 . TYR A 1 35 ? 1.577   3.794   -8.805  1.00 17.78 ? 145 TYR A CE1 1 
ATOM   260 C  CE2 . TYR A 1 35 ? 3.045   1.928   -8.441  1.00 17.55 ? 145 TYR A CE2 1 
ATOM   261 C  CZ  . TYR A 1 35 ? 2.760   3.128   -9.078  1.00 20.84 ? 145 TYR A CZ  1 
ATOM   262 O  OH  . TYR A 1 35 ? 3.635   3.651   -9.993  1.00 24.67 ? 145 TYR A OH  1 
ATOM   263 N  N   . ASN A 1 36 ? -1.252  0.286   -9.319  1.00 11.46 ? 146 ASN A N   1 
ATOM   264 C  CA  . ASN A 1 36 ? -0.892  -0.478  -10.511 1.00 12.29 ? 146 ASN A CA  1 
ATOM   265 C  C   . ASN A 1 36 ? -1.297  -1.972  -10.441 1.00 15.10 ? 146 ASN A C   1 
ATOM   266 O  O   . ASN A 1 36 ? -0.562  -2.854  -10.882 1.00 15.49 ? 146 ASN A O   1 
ATOM   267 C  CB  . ASN A 1 36 ? 0.600   -0.265  -10.827 1.00 12.19 ? 146 ASN A CB  1 
ATOM   268 C  CG  . ASN A 1 36 ? 0.881   1.093   -11.421 1.00 22.61 ? 146 ASN A CG  1 
ATOM   269 O  OD1 . ASN A 1 36 ? -0.043  1.864   -11.710 1.00 14.72 ? 146 ASN A OD1 1 
ATOM   270 N  ND2 . ASN A 1 36 ? 2.145   1.378   -11.720 1.00 16.06 ? 146 ASN A ND2 1 
ATOM   271 N  N   . GLY A 1 37 ? -2.458  -2.230  -9.864  1.00 12.34 ? 147 GLY A N   1 
ATOM   272 C  CA  . GLY A 1 37 ? -2.992  -3.582  -9.776  1.00 11.97 ? 147 GLY A CA  1 
ATOM   273 C  C   . GLY A 1 37 ? -2.521  -4.430  -8.615  1.00 13.32 ? 147 GLY A C   1 
ATOM   274 O  O   . GLY A 1 37 ? -2.838  -5.623  -8.566  1.00 11.24 ? 147 GLY A O   1 
ATOM   275 N  N   . CYS A 1 38 ? -1.762  -3.838  -7.675  1.00 7.90  ? 148 CYS A N   1 
ATOM   276 C  CA  . CYS A 1 38 ? -1.289  -4.565  -6.496  1.00 6.57  ? 148 CYS A CA  1 
ATOM   277 C  C   . CYS A 1 38 ? -1.662  -3.826  -5.263  1.00 9.76  ? 148 CYS A C   1 
ATOM   278 O  O   . CYS A 1 38 ? -1.576  -2.593  -5.252  1.00 10.08 ? 148 CYS A O   1 
ATOM   279 C  CB  . CYS A 1 38 ? 0.227   -4.755  -6.566  1.00 6.41  ? 148 CYS A CB  1 
ATOM   280 S  SG  . CYS A 1 38 ? 0.786   -5.713  -8.009  1.00 10.62 ? 148 CYS A SG  1 
ATOM   281 N  N   . GLU A 1 39 ? -1.928  -4.560  -4.167  1.00 6.35  ? 149 GLU A N   1 
ATOM   282 C  CA  . GLU A 1 39 ? -2.136  -3.903  -2.881  1.00 5.67  ? 149 GLU A CA  1 
ATOM   283 C  C   . GLU A 1 39 ? -0.752  -3.764  -2.243  1.00 9.48  ? 149 GLU A C   1 
ATOM   284 O  O   . GLU A 1 39 ? 0.046   -4.708  -2.310  1.00 7.01  ? 149 GLU A O   1 
ATOM   285 C  CB  . GLU A 1 39 ? -2.999  -4.789  -1.969  1.00 6.70  ? 149 GLU A CB  1 
ATOM   286 C  CG  . GLU A 1 39 ? -3.162  -4.226  -0.565  1.00 10.29 ? 149 GLU A CG  1 
ATOM   287 C  CD  . GLU A 1 39 ? -3.991  -5.128  0.322   1.00 15.89 ? 149 GLU A CD  1 
ATOM   288 O  OE1 . GLU A 1 39 ? -3.507  -6.220  0.685   1.00 11.47 ? 149 GLU A OE1 1 
ATOM   289 O  OE2 . GLU A 1 39 ? -5.140  -4.757  0.634   1.00 11.79 ? 149 GLU A OE2 1 
ATOM   290 N  N   . TYR A 1 40 ? -0.487  -2.613  -1.594  1.00 6.87  ? 150 TYR A N   1 
ATOM   291 C  CA  . TYR A 1 40 ? 0.743   -2.392  -0.819  1.00 6.73  ? 150 TYR A CA  1 
ATOM   292 C  C   . TYR A 1 40 ? 0.332   -1.977  0.580   1.00 10.81 ? 150 TYR A C   1 
ATOM   293 O  O   . TYR A 1 40 ? -0.712  -1.314  0.773   1.00 10.34 ? 150 TYR A O   1 
ATOM   294 C  CB  . TYR A 1 40 ? 1.618   -1.264  -1.401  1.00 6.88  ? 150 TYR A CB  1 
ATOM   295 C  CG  . TYR A 1 40 ? 2.191   -1.522  -2.776  1.00 7.88  ? 150 TYR A CG  1 
ATOM   296 C  CD1 . TYR A 1 40 ? 1.383   -1.492  -3.910  1.00 8.56  ? 150 TYR A CD1 1 
ATOM   297 C  CD2 . TYR A 1 40 ? 3.550   -1.760  -2.952  1.00 10.04 ? 150 TYR A CD2 1 
ATOM   298 C  CE1 . TYR A 1 40 ? 1.917   -1.675  -5.184  1.00 8.37  ? 150 TYR A CE1 1 
ATOM   299 C  CE2 . TYR A 1 40 ? 4.089   -1.975  -4.217  1.00 8.81  ? 150 TYR A CE2 1 
ATOM   300 C  CZ  . TYR A 1 40 ? 3.269   -1.926  -5.330  1.00 11.80 ? 150 TYR A CZ  1 
ATOM   301 O  OH  . TYR A 1 40 ? 3.806   -2.129  -6.576  1.00 11.77 ? 150 TYR A OH  1 
ATOM   302 N  N   . GLU A 1 41 ? 1.183   -2.314  1.543   1.00 6.93  ? 151 GLU A N   1 
ATOM   303 C  CA  . GLU A 1 41 ? 1.031   -1.933  2.951   1.00 6.36  ? 151 GLU A CA  1 
ATOM   304 C  C   . GLU A 1 41 ? 2.150   -0.984  3.374   1.00 9.38  ? 151 GLU A C   1 
ATOM   305 O  O   . GLU A 1 41 ? 3.326   -1.241  3.093   1.00 7.98  ? 151 GLU A O   1 
ATOM   306 C  CB  . GLU A 1 41 ? 1.028   -3.176  3.844   1.00 7.81  ? 151 GLU A CB  1 
ATOM   307 C  CG  . GLU A 1 41 ? 0.636   -2.852  5.281   1.00 10.89 ? 151 GLU A CG  1 
ATOM   308 C  CD  . GLU A 1 41 ? 0.602   -4.051  6.198   1.00 28.89 ? 151 GLU A CD  1 
ATOM   309 O  OE1 . GLU A 1 41 ? 0.823   -5.181  5.707   1.00 26.38 ? 151 GLU A OE1 1 
ATOM   310 O  OE2 . GLU A 1 41 ? 0.316   -3.860  7.402   1.00 24.10 ? 151 GLU A OE2 1 
ATOM   311 N  N   . ALA A 1 42 ? 1.795   0.097   4.108   1.00 6.92  ? 152 ALA A N   1 
ATOM   312 C  CA  . ALA A 1 42 ? 2.787   1.025   4.611   1.00 7.35  ? 152 ALA A CA  1 
ATOM   313 C  C   . ALA A 1 42 ? 3.595   0.319   5.703   1.00 12.08 ? 152 ALA A C   1 
ATOM   314 O  O   . ALA A 1 42 ? 3.044   -0.473  6.482   1.00 11.02 ? 152 ALA A O   1 
ATOM   315 C  CB  . ALA A 1 42 ? 2.119   2.276   5.189   1.00 8.54  ? 152 ALA A CB  1 
ATOM   316 N  N   . THR A 1 43 ? 4.907   0.574   5.709   1.00 8.73  ? 153 THR A N   1 
ATOM   317 C  CA  . THR A 1 43 ? 5.840   0.031   6.689   1.00 9.16  ? 153 THR A CA  1 
ATOM   318 C  C   . THR A 1 43 ? 6.782   1.133   7.152   1.00 12.58 ? 153 THR A C   1 
ATOM   319 O  O   . THR A 1 43 ? 6.911   2.170   6.481   1.00 11.82 ? 153 THR A O   1 
ATOM   320 C  CB  . THR A 1 43 ? 6.616   -1.204  6.151   1.00 12.56 ? 153 THR A CB  1 
ATOM   321 O  OG1 . THR A 1 43 ? 7.623   -0.768  5.240   1.00 12.21 ? 153 THR A OG1 1 
ATOM   322 C  CG2 . THR A 1 43 ? 5.726   -2.235  5.520   1.00 11.47 ? 153 THR A CG2 1 
ATOM   323 N  N   . GLY A 1 44 ? 7.486   0.861   8.246   1.00 9.22  ? 154 GLY A N   1 
ATOM   324 C  CA  . GLY A 1 44 ? 8.377   1.811   8.878   1.00 10.66 ? 154 GLY A CA  1 
ATOM   325 C  C   . GLY A 1 44 ? 7.643   3.042   9.356   1.00 17.62 ? 154 GLY A C   1 
ATOM   326 O  O   . GLY A 1 44 ? 6.595   2.935   9.983   1.00 19.30 ? 154 GLY A O   1 
ATOM   327 N  N   . VAL A 1 45 ? 8.179   4.216   9.057   1.00 13.93 ? 155 VAL A N   1 
ATOM   328 C  CA  . VAL A 1 45 ? 7.541   5.436   9.517   1.00 14.61 ? 155 VAL A CA  1 
ATOM   329 C  C   . VAL A 1 45 ? 6.436   5.801   8.546   1.00 15.47 ? 155 VAL A C   1 
ATOM   330 O  O   . VAL A 1 45 ? 6.674   5.981   7.356   1.00 15.76 ? 155 VAL A O   1 
ATOM   331 C  CB  . VAL A 1 45 ? 8.551   6.594   9.628   1.00 19.44 ? 155 VAL A CB  1 
ATOM   332 C  CG1 . VAL A 1 45 ? 7.829   7.907   9.879   1.00 19.40 ? 155 VAL A CG1 1 
ATOM   333 C  CG2 . VAL A 1 45 ? 9.548   6.315   10.739  1.00 20.54 ? 155 VAL A CG2 1 
ATOM   334 N  N   . THR A 1 46 ? 5.221   5.896   9.066   1.00 11.19 ? 156 THR A N   1 
ATOM   335 C  CA  . THR A 1 46 ? 4.072   6.217   8.241   1.00 10.49 ? 156 THR A CA  1 
ATOM   336 C  C   . THR A 1 46 ? 3.373   7.456   8.767   1.00 14.36 ? 156 THR A C   1 
ATOM   337 O  O   . THR A 1 46 ? 3.007   7.521   9.937   1.00 14.19 ? 156 THR A O   1 
ATOM   338 C  CB  . THR A 1 46 ? 3.078   5.046   8.207   1.00 20.00 ? 156 THR A CB  1 
ATOM   339 O  OG1 . THR A 1 46 ? 3.736   3.881   7.702   1.00 20.00 ? 156 THR A OG1 1 
ATOM   340 C  CG2 . THR A 1 46 ? 1.899   5.376   7.319   1.00 20.00 ? 156 THR A CG2 1 
ATOM   341 N  N   . VAL A 1 47 ? 3.181   8.435   7.893   1.00 11.01 ? 157 VAL A N   1 
ATOM   342 C  CA  . VAL A 1 47 ? 2.511   9.662   8.281   1.00 10.30 ? 157 VAL A CA  1 
ATOM   343 C  C   . VAL A 1 47 ? 1.265   9.892   7.436   1.00 14.33 ? 157 VAL A C   1 
ATOM   344 O  O   . VAL A 1 47 ? 1.332   9.984   6.215   1.00 13.78 ? 157 VAL A O   1 
ATOM   345 C  CB  . VAL A 1 47 ? 3.455   10.874  8.157   1.00 14.48 ? 157 VAL A CB  1 
ATOM   346 C  CG1 . VAL A 1 47 ? 2.848   12.098  8.822   1.00 15.63 ? 157 VAL A CG1 1 
ATOM   347 C  CG2 . VAL A 1 47 ? 4.806   10.555  8.770   1.00 14.13 ? 157 VAL A CG2 1 
ATOM   348 N  N   . CYS A 1 48 ? 0.135   10.013  8.115   1.00 12.06 ? 158 CYS A N   1 
ATOM   349 C  CA  . CYS A 1 48 ? -1.128  10.302  7.495   1.00 13.89 ? 158 CYS A CA  1 
ATOM   350 C  C   . CYS A 1 48 ? -1.817  11.543  8.008   1.00 21.15 ? 158 CYS A C   1 
ATOM   351 O  O   . CYS A 1 48 ? -1.614  11.930  9.106   1.00 20.93 ? 158 CYS A O   1 
ATOM   352 C  CB  . CYS A 1 48 ? -2.110  9.146   7.687   1.00 13.91 ? 158 CYS A CB  1 
ATOM   353 S  SG  . CYS A 1 48 ? -1.461  7.537   7.216   1.00 16.51 ? 158 CYS A SG  1 
ATOM   354 N  N   . GLN A 1 49 ? -2.697  12.104  7.187   1.00 25.45 ? 159 GLN A N   1 
ATOM   355 C  CA  . GLN A 1 49 ? -3.593  13.156  7.632   1.00 28.31 ? 159 GLN A CA  1 
ATOM   356 C  C   . GLN A 1 49 ? -4.518  12.563  8.684   1.00 37.06 ? 159 GLN A C   1 
ATOM   357 O  O   . GLN A 1 49 ? -4.936  11.412  8.576   1.00 35.75 ? 159 GLN A O   1 
ATOM   358 C  CB  . GLN A 1 49 ? -4.423  13.687  6.468   1.00 28.68 ? 159 GLN A CB  1 
ATOM   359 C  CG  . GLN A 1 49 ? -3.628  14.409  5.401   1.00 32.08 ? 159 GLN A CG  1 
ATOM   360 C  CD  . GLN A 1 49 ? -4.485  14.786  4.214   1.00 44.32 ? 159 GLN A CD  1 
ATOM   361 O  OE1 . GLN A 1 49 ? -5.537  14.194  3.982   1.00 35.74 ? 159 GLN A OE1 1 
ATOM   362 N  NE2 . GLN A 1 49 ? -4.043  15.778  3.456   1.00 37.42 ? 159 GLN A NE2 1 
ATOM   363 N  N   A ASN A 1 50 ? -4.842  13.351  9.700   0.50 30.00 ? 160 ASN A N   1 
ATOM   364 N  N   B ASN A 1 50 ? -4.821  13.372  9.605   0.50 30.00 ? 160 ASN A N   1 
ATOM   365 C  CA  A ASN A 1 50 ? -5.628  12.846  10.811  0.50 30.00 ? 160 ASN A CA  1 
ATOM   366 C  CA  B ASN A 1 50 ? -5.607  12.867  10.715  0.50 30.00 ? 160 ASN A CA  1 
ATOM   367 C  C   A ASN A 1 50 ? -6.995  12.378  10.343  0.50 30.00 ? 160 ASN A C   1 
ATOM   368 C  C   B ASN A 1 50 ? -6.974  12.399  10.248  0.50 30.00 ? 160 ASN A C   1 
ATOM   369 O  O   A ASN A 1 50 ? -7.459  11.313  10.740  0.50 30.00 ? 160 ASN A O   1 
ATOM   370 O  O   B ASN A 1 50 ? -7.438  11.334  10.644  0.50 30.00 ? 160 ASN A O   1 
ATOM   371 C  CB  A ASN A 1 50 ? -5.779  13.939  11.871  0.50 20.00 ? 160 ASN A CB  1 
ATOM   372 C  CB  B ASN A 1 50 ? -5.758  13.960  11.775  0.50 20.00 ? 160 ASN A CB  1 
ATOM   373 C  CG  A ASN A 1 50 ? -6.610  13.498  13.054  0.50 20.00 ? 160 ASN A CG  1 
ATOM   374 C  CG  B ASN A 1 50 ? -6.589  13.519  12.958  0.50 20.00 ? 160 ASN A CG  1 
ATOM   375 O  OD1 A ASN A 1 50 ? -7.709  14.004  13.276  0.50 20.00 ? 160 ASN A OD1 1 
ATOM   376 O  OD1 B ASN A 1 50 ? -7.688  14.025  13.181  0.50 20.00 ? 160 ASN A OD1 1 
ATOM   377 N  ND2 A ASN A 1 50 ? -6.087  12.555  13.826  0.50 20.00 ? 160 ASN A ND2 1 
ATOM   378 N  ND2 B ASN A 1 50 ? -6.066  12.576  13.731  0.50 20.00 ? 160 ASN A ND2 1 
ATOM   379 N  N   . ASP A 1 51 ? -7.617  13.202  9.516   1.00 30.00 ? 161 ASP A N   1 
ATOM   380 C  CA  . ASP A 1 51 ? -8.845  12.851  8.840   1.00 30.00 ? 161 ASP A CA  1 
ATOM   381 C  C   . ASP A 1 51 ? -8.543  12.934  7.354   1.00 30.00 ? 161 ASP A C   1 
ATOM   382 O  O   . ASP A 1 51 ? -7.979  13.922  6.885   1.00 30.00 ? 161 ASP A O   1 
ATOM   383 C  CB  . ASP A 1 51 ? -9.956  13.825  9.230   1.00 20.00 ? 161 ASP A CB  1 
ATOM   384 C  CG  . ASP A 1 51 ? -11.298 13.449  8.626   1.00 20.00 ? 161 ASP A CG  1 
ATOM   385 O  OD1 . ASP A 1 51 ? -11.373 12.422  7.919   1.00 20.00 ? 161 ASP A OD1 1 
ATOM   386 O  OD2 . ASP A 1 51 ? -12.282 14.184  8.858   1.00 20.00 ? 161 ASP A OD2 1 
ATOM   387 N  N   . GLY A 1 52 ? -8.912  11.902  6.608   1.00 37.21 ? 162 GLY A N   1 
ATOM   388 C  CA  . GLY A 1 52 ? -8.602  11.858  5.194   1.00 33.99 ? 162 GLY A CA  1 
ATOM   389 C  C   . GLY A 1 52 ? -7.560  10.840  4.772   1.00 33.91 ? 162 GLY A C   1 
ATOM   390 O  O   . GLY A 1 52 ? -6.784  10.330  5.576   1.00 34.21 ? 162 GLY A O   1 
ATOM   391 N  N   . THR A 1 53 ? -7.586  10.539  3.480   1.00 25.63 ? 163 THR A N   1 
ATOM   392 C  CA  . THR A 1 53 ? -6.833  9.453   2.859   1.00 23.40 ? 163 THR A CA  1 
ATOM   393 C  C   . THR A 1 53 ? -5.302  9.506   2.855   1.00 24.69 ? 163 THR A C   1 
ATOM   394 O  O   . THR A 1 53 ? -4.657  8.481   3.021   1.00 22.08 ? 163 THR A O   1 
ATOM   395 C  CB  . THR A 1 53 ? -7.329  9.207   1.418   1.00 34.07 ? 163 THR A CB  1 
ATOM   396 O  OG1 . THR A 1 53 ? -6.970  10.313  0.587   1.00 29.83 ? 163 THR A OG1 1 
ATOM   397 C  CG2 . THR A 1 53 ? -8.836  9.047   1.398   1.00 34.63 ? 163 THR A CG2 1 
ATOM   398 N  N   . VAL A 1 54 ? -4.718  10.679  2.637   1.00 20.54 ? 164 VAL A N   1 
ATOM   399 C  CA  . VAL A 1 54 ? -3.292  10.768  2.317   1.00 19.24 ? 164 VAL A CA  1 
ATOM   400 C  C   . VAL A 1 54 ? -2.311  10.273  3.391   1.00 20.33 ? 164 VAL A C   1 
ATOM   401 O  O   . VAL A 1 54 ? -2.422  10.615  4.564   1.00 18.50 ? 164 VAL A O   1 
ATOM   402 C  CB  . VAL A 1 54 ? -2.913  12.207  1.920   1.00 23.17 ? 164 VAL A CB  1 
ATOM   403 C  CG1 . VAL A 1 54 ? -1.519  12.245  1.317   1.00 22.58 ? 164 VAL A CG1 1 
ATOM   404 C  CG2 . VAL A 1 54 ? -3.931  12.768  0.943   1.00 22.83 ? 164 VAL A CG2 1 
ATOM   405 N  N   . CYS A 1 55 ? -1.327  9.491   2.947   1.00 13.69 ? 165 CYS A N   1 
ATOM   406 C  CA  . CYS A 1 55 ? -0.242  8.994   3.794   1.00 13.98 ? 165 CYS A CA  1 
ATOM   407 C  C   . CYS A 1 55 ? 1.040   8.965   3.025   1.00 14.90 ? 165 CYS A C   1 
ATOM   408 O  O   . CYS A 1 55 ? 1.048   8.771   1.814   1.00 12.12 ? 165 CYS A O   1 
ATOM   409 C  CB  . CYS A 1 55 ? -0.526  7.588   4.323   1.00 15.28 ? 165 CYS A CB  1 
ATOM   410 S  SG  . CYS A 1 55 ? -2.075  7.409   5.223   1.00 20.42 ? 165 CYS A SG  1 
ATOM   411 N  N   . SER A 1 56 ? 2.124   9.091   3.771   1.00 13.11 ? 166 SER A N   1 
ATOM   412 C  CA  A SER A 1 56 ? 3.482   8.974   3.269   0.50 12.45 ? 166 SER A CA  1 
ATOM   413 C  CA  B SER A 1 56 ? 3.472   8.944   3.243   0.50 12.34 ? 166 SER A CA  1 
ATOM   414 C  C   . SER A 1 56 ? 4.116   7.804   4.005   1.00 15.65 ? 166 SER A C   1 
ATOM   415 O  O   . SER A 1 56 ? 3.897   7.659   5.226   1.00 15.26 ? 166 SER A O   1 
ATOM   416 C  CB  A SER A 1 56 ? 4.264   10.251  3.561   0.50 16.50 ? 166 SER A CB  1 
ATOM   417 C  CB  B SER A 1 56 ? 4.284   10.219  3.430   0.50 16.08 ? 166 SER A CB  1 
ATOM   418 O  OG  A SER A 1 56 ? 5.638   10.093  3.263   0.50 19.95 ? 166 SER A OG  1 
ATOM   419 O  OG  B SER A 1 56 ? 4.519   10.465  4.804   0.50 19.00 ? 166 SER A OG  1 
ATOM   420 N  N   . SER A 1 57 ? 4.900   6.994   3.294   1.00 10.21 ? 167 SER A N   1 
ATOM   421 C  CA  . SER A 1 57 ? 5.674   5.910   3.876   1.00 10.76 ? 167 SER A CA  1 
ATOM   422 C  C   . SER A 1 57 ? 6.950   5.763   3.060   1.00 15.73 ? 167 SER A C   1 
ATOM   423 O  O   . SER A 1 57 ? 6.912   5.895   1.846   1.00 13.39 ? 167 SER A O   1 
ATOM   424 C  CB  . SER A 1 57 ? 4.889   4.602   3.956   1.00 11.57 ? 167 SER A CB  1 
ATOM   425 O  OG  . SER A 1 57 ? 5.754   3.536   4.322   1.00 16.75 ? 167 SER A OG  1 
ATOM   426 N  N   . SER A 1 58 ? 8.071   5.492   3.723   1.00 15.75 ? 168 SER A N   1 
ATOM   427 C  CA  . SER A 1 58 ? 9.344   5.288   3.046   1.00 18.35 ? 168 SER A CA  1 
ATOM   428 C  C   . SER A 1 58 ? 9.407   3.894   2.424   1.00 20.89 ? 168 SER A C   1 
ATOM   429 O  O   . SER A 1 58 ? 10.284  3.619   1.597   1.00 20.87 ? 168 SER A O   1 
ATOM   430 C  CB  . SER A 1 58 ? 10.507  5.501   4.018   1.00 27.57 ? 168 SER A CB  1 
ATOM   431 O  OG  . SER A 1 58 ? 10.252  4.865   5.262   1.00 42.64 ? 168 SER A OG  1 
ATOM   432 N  N   . ALA A 1 59 ? 8.437   3.007   2.776   1.00 13.65 ? 169 ALA A N   1 
ATOM   433 C  CA  . ALA A 1 59 ? 8.469   1.674   2.217   1.00 10.72 ? 169 ALA A CA  1 
ATOM   434 C  C   . ALA A 1 59 ? 7.094   1.017   2.178   1.00 12.27 ? 169 ALA A C   1 
ATOM   435 O  O   . ALA A 1 59 ? 6.727   0.277   3.086   1.00 11.90 ? 169 ALA A O   1 
ATOM   436 C  CB  . ALA A 1 59 ? 9.459   0.806   2.990   1.00 12.09 ? 169 ALA A CB  1 
ATOM   437 N  N   . TRP A 1 60 ? 6.323   1.328   1.135   1.00 8.77  ? 170 TRP A N   1 
ATOM   438 C  CA  . TRP A 1 60 ? 5.051   0.672   0.847   1.00 8.35  ? 170 TRP A CA  1 
ATOM   439 C  C   . TRP A 1 60 ? 5.451   -0.667  0.249   1.00 10.89 ? 170 TRP A C   1 
ATOM   440 O  O   . TRP A 1 60 ? 6.139   -0.696  -0.773  1.00 12.75 ? 170 TRP A O   1 
ATOM   441 C  CB  . TRP A 1 60 ? 4.249   1.464   -0.187  1.00 6.77  ? 170 TRP A CB  1 
ATOM   442 C  CG  . TRP A 1 60 ? 3.772   2.793   0.322   1.00 7.11  ? 170 TRP A CG  1 
ATOM   443 C  CD1 . TRP A 1 60 ? 4.380   3.998   0.143   1.00 10.84 ? 170 TRP A CD1 1 
ATOM   444 C  CD2 . TRP A 1 60 ? 2.541   3.061   1.006   1.00 6.59  ? 170 TRP A CD2 1 
ATOM   445 N  NE1 . TRP A 1 60 ? 3.625   4.999   0.707   1.00 10.79 ? 170 TRP A NE1 1 
ATOM   446 C  CE2 . TRP A 1 60 ? 2.488   4.455   1.244   1.00 10.99 ? 170 TRP A CE2 1 
ATOM   447 C  CE3 . TRP A 1 60 ? 1.470   2.265   1.435   1.00 7.73  ? 170 TRP A CE3 1 
ATOM   448 C  CZ2 . TRP A 1 60 ? 1.393   5.072   1.860   1.00 10.55 ? 170 TRP A CZ2 1 
ATOM   449 C  CZ3 . TRP A 1 60 ? 0.413   2.866   2.101   1.00 9.12  ? 170 TRP A CZ3 1 
ATOM   450 C  CH2 . TRP A 1 60 ? 0.381   4.254   2.312   1.00 10.02 ? 170 TRP A CH2 1 
ATOM   451 N  N   . LYS A 1 61 ? 5.026   -1.766  0.867   1.00 6.88  ? 171 LYS A N   1 
ATOM   452 C  CA  . LYS A 1 61 ? 5.453   -3.091  0.423   1.00 7.13  ? 171 LYS A CA  1 
ATOM   453 C  C   . LYS A 1 61 ? 4.311   -3.909  -0.119  1.00 9.31  ? 171 LYS A C   1 
ATOM   454 O  O   . LYS A 1 61 ? 3.254   -3.942  0.520   1.00 9.26  ? 171 LYS A O   1 
ATOM   455 C  CB  . LYS A 1 61 ? 6.116   -3.859  1.595   1.00 9.68  ? 171 LYS A CB  1 
ATOM   456 C  CG  . LYS A 1 61 ? 7.383   -3.186  2.162   1.00 9.62  ? 171 LYS A CG  1 
ATOM   457 C  CD  . LYS A 1 61 ? 8.026   -4.067  3.224   1.00 11.20 ? 171 LYS A CD  1 
ATOM   458 C  CE  . LYS A 1 61 ? 9.227   -3.359  3.838   1.00 14.13 ? 171 LYS A CE  1 
ATOM   459 N  NZ  . LYS A 1 61 ? 9.863   -4.229  4.885   1.00 19.74 ? 171 LYS A NZ  1 
ATOM   460 N  N   . PRO A 1 62 ? 4.482   -4.637  -1.252  1.00 8.19  ? 172 PRO A N   1 
ATOM   461 C  CA  . PRO A 1 62 ? 3.352   -5.432  -1.761  1.00 7.40  ? 172 PRO A CA  1 
ATOM   462 C  C   . PRO A 1 62 ? 2.925   -6.541  -0.806  1.00 11.39 ? 172 PRO A C   1 
ATOM   463 O  O   . PRO A 1 62 ? 3.770   -7.191  -0.200  1.00 11.45 ? 172 PRO A O   1 
ATOM   464 C  CB  . PRO A 1 62 ? 3.869   -6.001  -3.094  1.00 9.23  ? 172 PRO A CB  1 
ATOM   465 C  CG  . PRO A 1 62 ? 5.357   -5.981  -2.972  1.00 14.83 ? 172 PRO A CG  1 
ATOM   466 C  CD  . PRO A 1 62 ? 5.667   -4.753  -2.132  1.00 9.49  ? 172 PRO A CD  1 
ATOM   467 N  N   . THR A 1 63 ? 1.610   -6.746  -0.674  1.00 7.79  ? 173 THR A N   1 
ATOM   468 C  CA  . THR A 1 63 ? 1.074   -7.805  0.181   1.00 6.72  ? 173 THR A CA  1 
ATOM   469 C  C   . THR A 1 63 ? 0.876   -9.124  -0.586  1.00 10.75 ? 173 THR A C   1 
ATOM   470 O  O   . THR A 1 63 ? 0.618   -10.172 0.026   1.00 10.39 ? 173 THR A O   1 
ATOM   471 C  CB  . THR A 1 63 ? -0.271  -7.373  0.801   1.00 9.14  ? 173 THR A CB  1 
ATOM   472 O  OG1 . THR A 1 63 ? -1.224  -7.180  -0.252  1.00 9.18  ? 173 THR A OG1 1 
ATOM   473 C  CG2 . THR A 1 63 ? -0.161  -6.106  1.657   1.00 8.19  ? 173 THR A CG2 1 
ATOM   474 N  N   . GLY A 1 64 ? 0.951   -9.053  -1.910  1.00 7.00  ? 174 GLY A N   1 
ATOM   475 C  CA  . GLY A 1 64 ? 0.666   -10.182 -2.783  1.00 7.66  ? 174 GLY A CA  1 
ATOM   476 C  C   . GLY A 1 64 ? -0.801  -10.237 -3.163  1.00 11.10 ? 174 GLY A C   1 
ATOM   477 O  O   . GLY A 1 64 ? -1.187  -10.984 -4.050  1.00 11.15 ? 174 GLY A O   1 
ATOM   478 N  N   . TYR A 1 65 ? -1.633  -9.423  -2.537  1.00 9.21  ? 175 TYR A N   1 
ATOM   479 C  CA  . TYR A 1 65 ? -3.054  -9.392  -2.886  1.00 7.78  ? 175 TYR A CA  1 
ATOM   480 C  C   . TYR A 1 65 ? -3.263  -8.554  -4.142  1.00 10.65 ? 175 TYR A C   1 
ATOM   481 O  O   . TYR A 1 65 ? -2.670  -7.492  -4.277  1.00 8.44  ? 175 TYR A O   1 
ATOM   482 C  CB  . TYR A 1 65 ? -3.883  -8.841  -1.715  1.00 7.91  ? 175 TYR A CB  1 
ATOM   483 C  CG  . TYR A 1 65 ? -5.368  -8.746  -1.998  1.00 7.83  ? 175 TYR A CG  1 
ATOM   484 C  CD1 . TYR A 1 65 ? -6.153  -9.895  -2.129  1.00 9.35  ? 175 TYR A CD1 1 
ATOM   485 C  CD2 . TYR A 1 65 ? -6.011  -7.511  -2.027  1.00 7.61  ? 175 TYR A CD2 1 
ATOM   486 C  CE1 . TYR A 1 65 ? -7.534  -9.809  -2.308  1.00 10.43 ? 175 TYR A CE1 1 
ATOM   487 C  CE2 . TYR A 1 65 ? -7.384  -7.414  -2.244  1.00 8.39  ? 175 TYR A CE2 1 
ATOM   488 C  CZ  . TYR A 1 65 ? -8.140  -8.562  -2.397  1.00 12.15 ? 175 TYR A CZ  1 
ATOM   489 O  OH  . TYR A 1 65 ? -9.489  -8.444  -2.616  1.00 10.00 ? 175 TYR A OH  1 
ATOM   490 N  N   . VAL A 1 66 ? -4.128  -9.030  -5.041  1.00 7.95  ? 176 VAL A N   1 
ATOM   491 C  CA  . VAL A 1 66 ? -4.446  -8.361  -6.304  1.00 7.81  ? 176 VAL A CA  1 
ATOM   492 C  C   . VAL A 1 66 ? -5.855  -7.804  -6.109  1.00 11.51 ? 176 VAL A C   1 
ATOM   493 O  O   . VAL A 1 66 ? -6.822  -8.574  -6.095  1.00 10.32 ? 176 VAL A O   1 
ATOM   494 C  CB  . VAL A 1 66 ? -4.324  -9.309  -7.518  1.00 12.07 ? 176 VAL A CB  1 
ATOM   495 C  CG1 . VAL A 1 66 ? -4.830  -8.649  -8.796  1.00 12.85 ? 176 VAL A CG1 1 
ATOM   496 C  CG2 . VAL A 1 66 ? -2.892  -9.829  -7.701  1.00 12.29 ? 176 VAL A CG2 1 
ATOM   497 N  N   . PRO A 1 67 ? -6.002  -6.478  -5.900  1.00 9.22  ? 177 PRO A N   1 
ATOM   498 C  CA  . PRO A 1 67 ? -7.326  -5.952  -5.529  1.00 7.77  ? 177 PRO A CA  1 
ATOM   499 C  C   . PRO A 1 67 ? -8.287  -5.680  -6.659  1.00 11.33 ? 177 PRO A C   1 
ATOM   500 O  O   . PRO A 1 67 ? -7.872  -5.502  -7.808  1.00 12.06 ? 177 PRO A O   1 
ATOM   501 C  CB  . PRO A 1 67 ? -6.970  -4.634  -4.801  1.00 9.13  ? 177 PRO A CB  1 
ATOM   502 C  CG  . PRO A 1 67 ? -5.721  -4.160  -5.584  1.00 13.30 ? 177 PRO A CG  1 
ATOM   503 C  CD  . PRO A 1 67 ? -4.954  -5.427  -5.813  1.00 10.56 ? 177 PRO A CD  1 
ATOM   504 N  N   . GLU A 1 68 ? -9.578  -5.586  -6.311  1.00 7.58  ? 178 GLU A N   1 
ATOM   505 C  CA  . GLU A 1 68 ? -10.659 -5.187  -7.225  1.00 8.67  ? 178 GLU A CA  1 
ATOM   506 C  C   . GLU A 1 68 ? -11.232 -3.829  -6.850  1.00 13.97 ? 178 GLU A C   1 
ATOM   507 O  O   . GLU A 1 68 ? -12.243 -3.382  -7.378  1.00 15.48 ? 178 GLU A O   1 
ATOM   508 C  CB  . GLU A 1 68 ? -11.736 -6.283  -7.340  1.00 10.67 ? 178 GLU A CB  1 
ATOM   509 C  CG  . GLU A 1 68 ? -11.248 -7.473  -8.152  1.00 14.34 ? 178 GLU A CG  1 
ATOM   510 C  CD  . GLU A 1 68 ? -10.716 -7.228  -9.556  1.00 34.54 ? 178 GLU A CD  1 
ATOM   511 O  OE1 . GLU A 1 68 ? -11.094 -6.213  -10.187 1.00 22.49 ? 178 GLU A OE1 1 
ATOM   512 O  OE2 . GLU A 1 68 ? -9.930  -8.077  -10.034 1.00 33.45 ? 178 GLU A OE2 1 
ATOM   513 N  N   . SER A 1 69 ? -10.562 -3.165  -5.913  1.00 9.33  ? 179 SER A N   1 
ATOM   514 C  CA  . SER A 1 69 ? -10.997 -1.856  -5.442  1.00 27.58 ? 179 SER A CA  1 
ATOM   515 C  C   . SER A 1 69 ? -10.108 -0.743  -5.986  1.00 31.23 ? 179 SER A C   1 
ATOM   516 O  O   . SER A 1 69 ? -9.220  -0.987  -6.803  1.00 16.33 ? 179 SER A O   1 
ATOM   517 C  CB  . SER A 1 69 ? -11.010 -1.816  -3.913  1.00 20.00 ? 179 SER A CB  1 
ATOM   518 O  OG  . SER A 1 69 ? -9.786  -2.294  -3.381  1.00 20.00 ? 179 SER A OG  1 
HETATM 519 MG MG  . MG  B 2 .  ? 10.806  -8.403  -3.058  1.00 29.16 2 201 MG  A MG  1 
HETATM 520 O  O   . HOH C 3 .  ? 2.101   -2.350  -8.596  1.00 10.51 ? 301 HOH A O   1 
HETATM 521 O  O   . HOH C 3 .  ? 0.155   -6.984  -3.754  1.00 7.50  ? 302 HOH A O   1 
HETATM 522 O  O   . HOH C 3 .  ? 6.294   -7.747  0.391   1.00 9.68  ? 303 HOH A O   1 
HETATM 523 O  O   . HOH C 3 .  ? -9.379  -4.244  -1.507  1.00 9.98  ? 304 HOH A O   1 
HETATM 524 O  O   . HOH C 3 .  ? 6.343   -1.455  -6.869  1.00 8.87  ? 305 HOH A O   1 
HETATM 525 O  O   . HOH C 3 .  ? -5.050  -1.002  -8.504  1.00 11.84 ? 306 HOH A O   1 
HETATM 526 O  O   . HOH C 3 .  ? -5.165  -11.736 -4.834  1.00 12.34 ? 307 HOH A O   1 
HETATM 527 O  O   . HOH C 3 .  ? -6.682  -3.911  -1.492  1.00 11.50 ? 308 HOH A O   1 
HETATM 528 O  O   . HOH C 3 .  ? 4.000   -1.205  -10.732 1.00 17.53 ? 309 HOH A O   1 
HETATM 529 O  O   . HOH C 3 .  ? 10.289  -0.169  6.387   1.00 14.35 ? 310 HOH A O   1 
HETATM 530 O  O   . HOH C 3 .  ? 10.635  -1.054  9.197   1.00 19.51 ? 311 HOH A O   1 
HETATM 531 O  O   . HOH C 3 .  ? -5.355  3.282   -3.056  1.00 18.97 ? 312 HOH A O   1 
HETATM 532 O  O   . HOH C 3 .  ? -2.938  -14.468 -8.797  1.00 42.52 ? 313 HOH A O   1 
HETATM 533 O  O   . HOH C 3 .  ? 11.902  -1.710  4.876   1.00 20.45 ? 314 HOH A O   1 
HETATM 534 O  O   . HOH C 3 .  ? -8.402  -10.262 -9.413  1.00 15.85 ? 315 HOH A O   1 
HETATM 535 O  O   . HOH C 3 .  ? -2.559  -7.087  -11.109 1.00 19.68 ? 316 HOH A O   1 
HETATM 536 O  O   . HOH C 3 .  ? -0.163  -8.278  -11.210 1.00 15.38 ? 317 HOH A O   1 
HETATM 537 O  O   . HOH C 3 .  ? -2.862  2.755   -9.620  1.00 27.60 ? 318 HOH A O   1 
HETATM 538 O  O   . HOH C 3 .  ? -5.840  -5.375  -9.541  1.00 30.30 ? 319 HOH A O   1 
HETATM 539 O  O   . HOH C 3 .  ? -5.974  -4.403  3.356   1.00 24.20 ? 320 HOH A O   1 
HETATM 540 O  O   . HOH C 3 .  ? -3.355  -7.770  2.967   1.00 24.90 ? 321 HOH A O   1 
HETATM 541 O  O   . HOH C 3 .  ? 12.339  7.826   9.220   1.00 41.73 ? 322 HOH A O   1 
HETATM 542 O  O   . HOH C 3 .  ? 7.029   -1.362  10.016  1.00 25.68 ? 323 HOH A O   1 
HETATM 543 O  O   . HOH C 3 .  ? -7.976  -2.734  -8.375  1.00 32.32 ? 324 HOH A O   1 
HETATM 544 O  O   . HOH C 3 .  ? 11.696  0.635   -5.479  1.00 21.99 ? 325 HOH A O   1 
HETATM 545 O  O   . HOH C 3 .  ? -3.321  -10.384 1.928   1.00 35.35 ? 326 HOH A O   1 
HETATM 546 O  O   . HOH C 3 .  ? 6.267   2.007   -10.283 1.00 31.88 ? 327 HOH A O   1 
HETATM 547 O  O   . HOH C 3 .  ? -9.410  -6.254  14.342  1.00 35.93 ? 328 HOH A O   1 
HETATM 548 O  O   . HOH C 3 .  ? 4.465   0.827   9.990   1.00 29.32 ? 329 HOH A O   1 
HETATM 549 O  O   . HOH C 3 .  ? -0.927  4.883   -12.184 1.00 27.50 ? 330 HOH A O   1 
HETATM 550 O  O   . HOH C 3 .  ? -13.265 -1.200  -8.651  1.00 40.58 ? 331 HOH A O   1 
HETATM 551 O  O   . HOH C 3 .  ? 6.692   -7.748  -10.438 1.00 21.55 ? 332 HOH A O   1 
HETATM 552 O  O   . HOH C 3 .  ? -9.725  5.819   1.621   1.00 30.65 ? 333 HOH A O   1 
HETATM 553 O  O   . HOH C 3 .  ? -7.076  -5.612  7.302   1.00 26.93 ? 334 HOH A O   1 
HETATM 554 O  O   . HOH C 3 .  ? -3.279  7.054   -4.563  1.00 33.07 ? 335 HOH A O   1 
HETATM 555 O  O   . HOH C 3 .  ? 0.645   -5.674  -11.665 1.00 31.33 ? 336 HOH A O   1 
HETATM 556 O  O   . HOH C 3 .  ? -3.459  -10.602 14.015  1.00 49.06 ? 337 HOH A O   1 
HETATM 557 O  O   . HOH C 3 .  ? 11.015  2.392   5.879   1.00 29.83 ? 338 HOH A O   1 
HETATM 558 O  O   . HOH C 3 .  ? -12.739 -5.149  -12.029 1.00 38.32 ? 339 HOH A O   1 
HETATM 559 O  O   . HOH C 3 .  ? 14.668  2.539   1.542   1.00 45.02 ? 340 HOH A O   1 
HETATM 560 O  O   . HOH C 3 .  ? 2.701   -16.916 -17.280 1.00 54.27 ? 341 HOH A O   1 
HETATM 561 O  O   . HOH C 3 .  ? 7.693   1.446   12.287  1.00 33.25 ? 342 HOH A O   1 
HETATM 562 O  O   . HOH C 3 .  ? -13.640 -3.816  11.009  1.00 35.51 ? 343 HOH A O   1 
HETATM 563 O  O   . HOH C 3 .  ? 3.728   -2.182  8.677   1.00 39.36 ? 344 HOH A O   1 
HETATM 564 O  O   . HOH C 3 .  ? 8.758   -5.677  -10.478 1.00 34.53 ? 345 HOH A O   1 
HETATM 565 O  O   . HOH C 3 .  ? -5.390  -12.318 -9.470  1.00 29.35 ? 346 HOH A O   1 
HETATM 566 O  O   . HOH C 3 .  ? -7.620  13.435  2.068   1.00 32.03 ? 347 HOH A O   1 
HETATM 567 O  O   . HOH C 3 .  ? -4.964  17.151  0.490   1.00 34.55 ? 348 HOH A O   1 
HETATM 568 O  O   . HOH C 3 .  ? -2.744  4.584   -5.803  1.00 33.75 ? 349 HOH A O   1 
HETATM 569 O  O   . HOH C 3 .  ? -12.899 -3.477  -10.023 1.00 33.61 ? 350 HOH A O   1 
HETATM 570 O  O   . HOH C 3 .  ? 3.119   -19.910 -10.916 1.00 41.07 ? 351 HOH A O   1 
HETATM 571 O  O   . HOH C 3 .  ? -6.921  -13.371 -3.395  1.00 25.99 ? 352 HOH A O   1 
HETATM 572 O  O   . HOH C 3 .  ? -4.152  -8.873  -12.512 1.00 46.94 ? 353 HOH A O   1 
HETATM 573 O  O   . HOH C 3 .  ? 11.201  -6.472  -8.529  1.00 27.26 ? 354 HOH A O   1 
HETATM 574 O  O   . HOH C 3 .  ? 13.553  -4.244  -4.471  1.00 32.54 ? 355 HOH A O   1 
HETATM 575 O  O   . HOH C 3 .  ? 11.061  4.086   8.399   1.00 34.85 ? 356 HOH A O   1 
HETATM 576 O  O   . HOH C 3 .  ? -4.641  -4.085  8.915   1.00 5.85  ? 357 HOH A O   1 
HETATM 577 O  O   . HOH C 3 .  ? 0.678   -0.232  7.712   1.00 15.33 ? 358 HOH A O   1 
HETATM 578 O  O   . HOH C 3 .  ? 7.518   9.409   1.234   1.00 30.89 ? 359 HOH A O   1 
HETATM 579 O  O   . HOH C 3 .  ? -10.824 7.729   -0.164  1.00 35.37 ? 360 HOH A O   1 
HETATM 580 O  O   . HOH C 3 .  ? 1.102   13.446  5.022   1.00 33.93 ? 361 HOH A O   1 
HETATM 581 O  O   . HOH C 3 .  ? 6.771   -0.699  -9.438  1.00 29.59 ? 362 HOH A O   1 
HETATM 582 O  O   . HOH C 3 .  ? 13.346  2.563   4.489   1.00 36.06 ? 363 HOH A O   1 
HETATM 583 O  O   . HOH C 3 .  ? 13.994  -1.358  -4.547  1.00 33.41 ? 364 HOH A O   1 
HETATM 584 O  O   . HOH C 3 .  ? 11.706  -9.434  -6.441  1.00 20.85 ? 365 HOH A O   1 
HETATM 585 O  O   . HOH C 3 .  ? -3.529  18.074  5.178   1.00 46.63 ? 366 HOH A O   1 
HETATM 586 O  O   . HOH C 3 .  ? 10.439  0.199   11.781  1.00 44.20 ? 367 HOH A O   1 
HETATM 587 O  O   . HOH C 3 .  ? -15.470 -3.001  -10.071 1.00 42.26 ? 368 HOH A O   1 
HETATM 588 O  O   . HOH C 3 .  ? 4.101   -16.665 -1.275  1.00 28.97 ? 369 HOH A O   1 
HETATM 589 O  O   . HOH C 3 .  ? 7.532   8.718   5.784   1.00 33.01 ? 370 HOH A O   1 
HETATM 590 O  O   . HOH C 3 .  ? 0.212   14.794  7.217   1.00 45.13 ? 371 HOH A O   1 
HETATM 591 O  O   . HOH C 3 .  ? -11.619 6.859   4.023   1.00 45.19 ? 372 HOH A O   1 
HETATM 592 O  O   . HOH C 3 .  ? -1.946  5.492   -8.749  1.00 34.35 ? 373 HOH A O   1 
HETATM 593 O  O   . HOH C 3 .  ? -3.754  -16.980 -12.091 1.00 43.67 ? 374 HOH A O   1 
HETATM 594 O  O   . HOH C 3 .  ? -5.681  7.088   6.105   1.00 30.36 ? 375 HOH A O   1 
HETATM 595 O  O   . HOH C 3 .  ? 7.772   -2.765  -10.800 1.00 44.60 ? 376 HOH A O   1 
HETATM 596 O  O   . HOH C 3 .  ? 0.164   -13.540 -0.022  1.00 44.23 ? 377 HOH A O   1 
HETATM 597 O  O   . HOH C 3 .  ? -2.373  -13.361 -1.478  1.00 39.46 ? 378 HOH A O   1 
# 
loop_
_atom_site_anisotrop.id 
_atom_site_anisotrop.type_symbol 
_atom_site_anisotrop.pdbx_label_atom_id 
_atom_site_anisotrop.pdbx_label_alt_id 
_atom_site_anisotrop.pdbx_label_comp_id 
_atom_site_anisotrop.pdbx_label_asym_id 
_atom_site_anisotrop.pdbx_label_seq_id 
_atom_site_anisotrop.pdbx_PDB_ins_code 
_atom_site_anisotrop.U[1][1] 
_atom_site_anisotrop.U[2][2] 
_atom_site_anisotrop.U[3][3] 
_atom_site_anisotrop.U[1][2] 
_atom_site_anisotrop.U[1][3] 
_atom_site_anisotrop.U[2][3] 
_atom_site_anisotrop.pdbx_auth_seq_id 
_atom_site_anisotrop.pdbx_auth_comp_id 
_atom_site_anisotrop.pdbx_auth_asym_id 
_atom_site_anisotrop.pdbx_auth_atom_id 
10  N N   . GLN A 4  ? 0.4181 0.3921 0.4133 0.0953  -0.0402 -0.0811 114 GLN A N   
11  C CA  . GLN A 4  ? 0.4211 0.3791 0.3997 0.1070  -0.0471 -0.0861 114 GLN A CA  
12  C C   . GLN A 4  ? 0.4003 0.3481 0.3845 0.0972  -0.0514 -0.0843 114 GLN A C   
13  O O   . GLN A 4  ? 0.4054 0.3446 0.3762 0.1006  -0.0486 -0.0858 114 GLN A O   
19  N N   . THR A 5  ? 0.2938 0.2435 0.2971 0.0848  -0.0583 -0.0815 115 THR A N   
20  C CA  . THR A 5  ? 0.2447 0.1913 0.2567 0.0758  -0.0623 -0.0799 115 THR A CA  
21  C C   . THR A 5  ? 0.2620 0.2195 0.2742 0.0671  -0.0492 -0.0754 115 THR A C   
22  O O   . THR A 5  ? 0.2498 0.2183 0.2621 0.0635  -0.0383 -0.0705 115 THR A O   
26  N N   . PRO A 6  ? 0.2137 0.1674 0.2256 0.0646  -0.0523 -0.0774 116 PRO A N   
27  C CA  . PRO A 6  ? 0.1926 0.1542 0.2007 0.0584  -0.0442 -0.0744 116 PRO A CA  
28  C C   . PRO A 6  ? 0.1786 0.1566 0.2016 0.0480  -0.0380 -0.0662 116 PRO A C   
29  O O   . PRO A 6  ? 0.1599 0.1419 0.1758 0.0457  -0.0309 -0.0614 116 PRO A O   
30  C CB  . PRO A 6  ? 0.2210 0.1762 0.2291 0.0589  -0.0525 -0.0805 116 PRO A CB  
31  C CG  . PRO A 6  ? 0.3053 0.2430 0.3102 0.0677  -0.0629 -0.0865 116 PRO A CG  
32  C CD  . PRO A 6  ? 0.2485 0.1891 0.2622 0.0682  -0.0654 -0.0828 116 PRO A CD  
33  N N   . GLU A 7  ? 0.1439 0.1287 0.1853 0.0418  -0.0420 -0.0639 117 GLU A N   
34  C CA  . GLU A 7  ? 0.1377 0.1338 0.1913 0.0325  -0.0364 -0.0565 117 GLU A CA  
35  C C   . GLU A 7  ? 0.1874 0.1821 0.2375 0.0334  -0.0291 -0.0531 117 GLU A C   
36  O O   . GLU A 7  ? 0.1445 0.1435 0.1959 0.0291  -0.0225 -0.0465 117 GLU A O   
37  C CB  . GLU A 7  ? 0.1551 0.1563 0.2264 0.0241  -0.0433 -0.0549 117 GLU A CB  
38  C CG  . GLU A 7  ? 0.3483 0.3612 0.4298 0.0189  -0.0468 -0.0539 117 GLU A CG  
39  C CD  . GLU A 7  ? 0.7813 0.8039 0.8808 0.0075  -0.0524 -0.0491 117 GLU A CD  
40  O OE1 . GLU A 7  ? 0.8495 0.8634 0.9520 0.0040  -0.0600 -0.0488 117 GLU A OE1 
41  O OE2 . GLU A 7  ? 0.7720 0.8113 0.8808 0.0022  -0.0506 -0.0460 117 GLU A OE2 
42  N N   . GLU A 8  ? 0.1713 0.1604 0.2170 0.0401  -0.0315 -0.0575 118 GLU A N   
43  C CA  . GLU A 8  ? 0.1586 0.1507 0.2023 0.0425  -0.0247 -0.0556 118 GLU A CA  
44  C C   . GLU A 8  ? 0.1771 0.1735 0.2084 0.0447  -0.0147 -0.0509 118 GLU A C   
45  O O   . GLU A 8  ? 0.1305 0.1326 0.1656 0.0404  -0.0078 -0.0438 118 GLU A O   
46  C CB  . GLU A 8  ? 0.1930 0.1804 0.2316 0.0526  -0.0312 -0.0630 118 GLU A CB  
47  C CG  . GLU A 8  ? 0.2779 0.2583 0.3263 0.0494  -0.0452 -0.0667 118 GLU A CG  
48  C CD  . GLU A 8  ? 0.4375 0.4107 0.4756 0.0630  -0.0552 -0.0750 118 GLU A CD  
49  O OE1 . GLU A 8  ? 0.2798 0.2446 0.3059 0.0737  -0.0613 -0.0791 118 GLU A OE1 
50  O OE2 . GLU A 8  ? 0.2940 0.2695 0.3339 0.0652  -0.0565 -0.0780 118 GLU A OE2 
51  N N   . ILE A 9  ? 0.1689 0.1602 0.1850 0.0504  -0.0158 -0.0542 119 ILE A N   
52  C CA  . ILE A 9  ? 0.1671 0.1597 0.1674 0.0504  -0.0095 -0.0493 119 ILE A CA  
53  C C   . ILE A 9  ? 0.1816 0.1768 0.1863 0.0409  -0.0088 -0.0407 119 ILE A C   
54  O O   . ILE A 9  ? 0.1920 0.1918 0.1941 0.0373  -0.0037 -0.0317 119 ILE A O   
55  C CB  . ILE A 9  ? 0.2259 0.2063 0.2078 0.0567  -0.0144 -0.0565 119 ILE A CB  
56  C CG1 . ILE A 9  ? 0.2681 0.2433 0.2406 0.0691  -0.0150 -0.0633 119 ILE A CG1 
57  C CG2 . ILE A 9  ? 0.2273 0.2052 0.1906 0.0529  -0.0122 -0.0513 119 ILE A CG2 
58  C CD1 . ILE A 9  ? 0.3457 0.3017 0.3070 0.0770  -0.0248 -0.0729 119 ILE A CD1 
59  N N   . CYS A 10 ? 0.1270 0.1199 0.1388 0.0378  -0.0150 -0.0428 120 CYS A N   
60  C CA  . CYS A 10 ? 0.1027 0.0973 0.1165 0.0325  -0.0165 -0.0358 120 CYS A CA  
61  C C   . CYS A 10 ? 0.1435 0.1412 0.1705 0.0275  -0.0116 -0.0274 120 CYS A C   
62  O O   . CYS A 10 ? 0.1475 0.1429 0.1692 0.0251  -0.0111 -0.0182 120 CYS A O   
63  C CB  . CYS A 10 ? 0.0978 0.0946 0.1173 0.0322  -0.0230 -0.0410 120 CYS A CB  
64  S SG  . CYS A 10 ? 0.1451 0.1344 0.1468 0.0380  -0.0313 -0.0510 120 CYS A SG  
65  N N   . GLU A 11 ? 0.0744 0.0744 0.1162 0.0250  -0.0106 -0.0300 121 GLU A N   
66  C CA  . GLU A 11 ? 0.0766 0.0748 0.1309 0.0209  -0.0072 -0.0246 121 GLU A CA  
67  C C   . GLU A 11 ? 0.1453 0.1448 0.1965 0.0219  -0.0012 -0.0184 121 GLU A C   
68  O O   . GLU A 11 ? 0.1331 0.1285 0.1904 0.0179  0.0004  -0.0102 121 GLU A O   
69  C CB  . GLU A 11 ? 0.0980 0.0950 0.1645 0.0191  -0.0100 -0.0312 121 GLU A CB  
70  C CG  . GLU A 11 ? 0.1441 0.1420 0.2183 0.0144  -0.0162 -0.0339 121 GLU A CG  
71  C CD  . GLU A 11 ? 0.2963 0.2901 0.3797 0.0104  -0.0226 -0.0389 121 GLU A CD  
72  O OE1 . GLU A 11 ? 0.2542 0.2420 0.3456 0.0035  -0.0228 -0.0363 121 GLU A OE1 
73  O OE2 . GLU A 11 ? 0.2412 0.2339 0.3214 0.0151  -0.0291 -0.0457 121 GLU A OE2 
74  N N   . ALA A 12 ? 0.1056 0.1114 0.1474 0.0273  0.0020  -0.0218 122 ALA A N   
75  C CA  . ALA A 12 ? 0.1255 0.1395 0.1651 0.0281  0.0089  -0.0155 122 ALA A CA  
76  C C   . ALA A 12 ? 0.1611 0.1750 0.1880 0.0241  0.0090  -0.0037 122 ALA A C   
77  O O   . ALA A 12 ? 0.1686 0.1909 0.1960 0.0218  0.0141  0.0055  122 ALA A O   
78  C CB  . ALA A 12 ? 0.1527 0.1754 0.1856 0.0371  0.0122  -0.0239 122 ALA A CB  
79  N N   . LYS A 13 ? 0.1136 0.1187 0.1285 0.0232  0.0017  -0.0037 123 LYS A N   
80  C CA  . LYS A 13 ? 0.1203 0.1208 0.1186 0.0194  -0.0037 0.0064  123 LYS A CA  
81  C C   . LYS A 13 ? 0.1643 0.1606 0.1690 0.0138  -0.0063 0.0211  123 LYS A C   
82  O O   . LYS A 13 ? 0.1380 0.1284 0.1570 0.0137  -0.0070 0.0217  123 LYS A O   
83  C CB  . LYS A 13 ? 0.1696 0.1595 0.1537 0.0213  -0.0145 0.0005  123 LYS A CB  
84  C CG  . LYS A 13 ? 0.2687 0.2576 0.2421 0.0264  -0.0148 -0.0123 123 LYS A CG  
85  C CD  . LYS A 13 ? 0.3111 0.2943 0.2598 0.0248  -0.0188 -0.0098 123 LYS A CD  
86  C CE  . LYS A 13 ? 0.3774 0.3536 0.3141 0.0308  -0.0203 -0.0235 123 LYS A CE  
87  N NZ  . LYS A 13 ? 0.4845 0.4537 0.3951 0.0284  -0.0228 -0.0212 123 LYS A NZ  
88  N N   . PRO A 14 ? 0.1476 0.1566 0.1645 -0.0200 0.0179  -0.0398 124 PRO A N   
89  C CA  . PRO A 14 ? 0.1396 0.1455 0.1733 -0.0210 0.0158  -0.0395 124 PRO A CA  
90  C C   . PRO A 14 ? 0.1749 0.1658 0.1994 -0.0218 0.0102  -0.0286 124 PRO A C   
91  O O   . PRO A 14 ? 0.1727 0.1602 0.1806 -0.0229 0.0117  -0.0202 124 PRO A O   
92  C CB  . PRO A 14 ? 0.1735 0.1939 0.2150 -0.0269 0.0292  -0.0393 124 PRO A CB  
93  C CG  . PRO A 14 ? 0.2331 0.2573 0.2520 -0.0306 0.0374  -0.0328 124 PRO A CG  
94  C CD  . PRO A 14 ? 0.1801 0.2009 0.1876 -0.0249 0.0308  -0.0373 124 PRO A CD  
95  N N   . PRO A 15 ? 0.1429 0.1251 0.1783 -0.0208 0.0029  -0.0296 125 PRO A N   
96  C CA  . PRO A 15 ? 0.1397 0.1098 0.1659 -0.0213 -0.0010 -0.0212 125 PRO A CA  
97  C C   . PRO A 15 ? 0.1982 0.1710 0.2236 -0.0251 0.0064  -0.0133 125 PRO A C   
98  O O   . PRO A 15 ? 0.2107 0.1939 0.2454 -0.0292 0.0142  -0.0141 125 PRO A O   
99  C CB  . PRO A 15 ? 0.1624 0.1222 0.1997 -0.0195 -0.0109 -0.0258 125 PRO A CB  
100 C CG  . PRO A 15 ? 0.2256 0.1953 0.2849 -0.0190 -0.0100 -0.0349 125 PRO A CG  
101 C CD  . PRO A 15 ? 0.1733 0.1567 0.2308 -0.0187 -0.0025 -0.0394 125 PRO A CD  
102 N N   . ILE A 16 ? 0.1471 0.1113 0.1616 -0.0246 0.0038  -0.0063 126 ILE A N   
103 C CA  . ILE A 16 ? 0.1446 0.1065 0.1572 -0.0277 0.0068  0.0019  126 ILE A CA  
104 C C   . ILE A 16 ? 0.1985 0.1494 0.2179 -0.0263 0.0003  0.0031  126 ILE A C   
105 O O   . ILE A 16 ? 0.1913 0.1354 0.2061 -0.0220 -0.0058 0.0003  126 ILE A O   
106 C CB  . ILE A 16 ? 0.1838 0.1440 0.1799 -0.0265 0.0067  0.0079  126 ILE A CB  
107 C CG1 . ILE A 16 ? 0.1947 0.1637 0.1809 -0.0282 0.0123  0.0075  126 ILE A CG1 
108 C CG2 . ILE A 16 ? 0.2091 0.1604 0.2027 -0.0284 0.0044  0.0165  126 ILE A CG2 
109 C CD1 . ILE A 16 ? 0.2277 0.1942 0.2001 -0.0253 0.0085  0.0107  126 ILE A CD1 
110 N N   . ASP A 17 ? 0.1686 0.1174 0.1968 -0.0308 0.0016  0.0075  127 ASP A N   
111 C CA  . ASP A 17 ? 0.1796 0.1161 0.2137 -0.0294 -0.0059 0.0091  127 ASP A CA  
112 C C   . ASP A 17 ? 0.2359 0.1653 0.2596 -0.0298 -0.0076 0.0175  127 ASP A C   
113 O O   . ASP A 17 ? 0.2463 0.1772 0.2667 -0.0365 -0.0031 0.0251  127 ASP A O   
114 C CB  . ASP A 17 ? 0.2068 0.1443 0.2603 -0.0349 -0.0053 0.0086  127 ASP A CB  
115 C CG  . ASP A 17 ? 0.2520 0.1756 0.3137 -0.0341 -0.0144 0.0101  127 ASP A CG  
116 O OD1 . ASP A 17 ? 0.2133 0.1263 0.2653 -0.0280 -0.0215 0.0098  127 ASP A OD1 
117 O OD2 . ASP A 17 ? 0.3130 0.2375 0.3921 -0.0398 -0.0143 0.0107  127 ASP A OD2 
118 N N   . GLY A 18 ? 0.2030 0.1253 0.2208 -0.0230 -0.0143 0.0156  128 GLY A N   
119 C CA  . GLY A 18 ? 0.2133 0.1284 0.2244 -0.0217 -0.0188 0.0217  128 GLY A CA  
120 C C   . GLY A 18 ? 0.2106 0.1207 0.2205 -0.0131 -0.0264 0.0164  128 GLY A C   
121 O O   . GLY A 18 ? 0.1720 0.0839 0.1835 -0.0086 -0.0272 0.0080  128 GLY A O   
122 N N   . VAL A 19 ? 0.1753 0.0785 0.1819 -0.0111 -0.0326 0.0211  129 VAL A N   
123 C CA  . VAL A 19 ? 0.1608 0.0607 0.1706 -0.0019 -0.0409 0.0148  129 VAL A CA  
124 C C   . VAL A 19 ? 0.1936 0.0998 0.1970 0.0005  -0.0414 0.0158  129 VAL A C   
125 O O   . VAL A 19 ? 0.1796 0.0804 0.1746 -0.0042 -0.0431 0.0254  129 VAL A O   
126 C CB  . VAL A 19 ? 0.2242 0.1062 0.2413 0.0000  -0.0532 0.0177  129 VAL A CB  
127 C CG1 . VAL A 19 ? 0.2309 0.1114 0.2548 0.0115  -0.0628 0.0077  129 VAL A CG1 
128 C CG2 . VAL A 19 ? 0.2207 0.0957 0.2460 -0.0031 -0.0540 0.0167  129 VAL A CG2 
129 N N   . PHE A 20 ? 0.1673 0.0846 0.1738 0.0072  -0.0404 0.0057  130 PHE A N   
130 C CA  . PHE A 20 ? 0.1602 0.0861 0.1647 0.0100  -0.0413 0.0047  130 PHE A CA  
131 C C   . PHE A 20 ? 0.2323 0.1641 0.2490 0.0195  -0.0472 -0.0067 130 PHE A C   
132 O O   . PHE A 20 ? 0.2016 0.1374 0.2246 0.0230  -0.0451 -0.0163 130 PHE A O   
133 C CB  . PHE A 20 ? 0.1626 0.1030 0.1606 0.0060  -0.0307 0.0026  130 PHE A CB  
134 C CG  . PHE A 20 ? 0.1819 0.1209 0.1697 -0.0019 -0.0247 0.0108  130 PHE A CG  
135 C CD1 . PHE A 20 ? 0.2101 0.1485 0.1884 -0.0046 -0.0255 0.0174  130 PHE A CD1 
136 C CD2 . PHE A 20 ? 0.1844 0.1229 0.1726 -0.0062 -0.0192 0.0106  130 PHE A CD2 
137 C CE1 . PHE A 20 ? 0.2226 0.1624 0.1918 -0.0116 -0.0185 0.0225  130 PHE A CE1 
138 C CE2 . PHE A 20 ? 0.2108 0.1511 0.1940 -0.0125 -0.0133 0.0153  130 PHE A CE2 
139 C CZ  . PHE A 20 ? 0.1955 0.1375 0.1690 -0.0153 -0.0120 0.0207  130 PHE A CZ  
140 N N   . ASN A 21 ? 0.2328 0.1662 0.2533 0.0238  -0.0545 -0.0071 131 ASN A N   
141 C CA  . ASN A 21 ? 0.2413 0.1862 0.2782 0.0333  -0.0592 -0.0205 131 ASN A CA  
142 C C   . ASN A 21 ? 0.3030 0.2678 0.3389 0.0304  -0.0499 -0.0239 131 ASN A C   
143 O O   . ASN A 21 ? 0.3097 0.2755 0.3318 0.0223  -0.0417 -0.0164 131 ASN A O   
144 C CB  . ASN A 21 ? 0.2913 0.2230 0.3366 0.0406  -0.0770 -0.0195 131 ASN A CB  
145 C CG  . ASN A 21 ? 0.5570 0.4789 0.5895 0.0364  -0.0836 -0.0070 131 ASN A CG  
146 O OD1 . ASN A 21 ? 0.4202 0.3442 0.4365 0.0277  -0.0744 0.0018  131 ASN A OD1 
147 N ND2 . ASN A 21 ? 0.5274 0.4373 0.5666 0.0432  -0.1013 -0.0070 131 ASN A ND2 
148 N N   . ASN A 22 ? 0.2678 0.2492 0.3200 0.0366  -0.0513 -0.0359 132 ASN A N   
149 C CA  . ASN A 22 ? 0.2517 0.2527 0.3059 0.0327  -0.0433 -0.0395 132 ASN A CA  
150 C C   . ASN A 22 ? 0.2455 0.2535 0.2871 0.0234  -0.0285 -0.0383 132 ASN A C   
151 O O   . ASN A 22 ? 0.2403 0.2539 0.2744 0.0168  -0.0234 -0.0340 132 ASN A O   
152 C CB  . ASN A 22 ? 0.2787 0.2739 0.3261 0.0309  -0.0503 -0.0302 132 ASN A CB  
153 C CG  . ASN A 22 ? 0.6119 0.5986 0.6702 0.0397  -0.0676 -0.0315 132 ASN A CG  
154 O OD1 . ASN A 22 ? 0.5460 0.5106 0.5918 0.0393  -0.0779 -0.0203 132 ASN A OD1 
155 N ND2 . ASN A 22 ? 0.5624 0.5663 0.6446 0.0471  -0.0717 -0.0452 132 ASN A ND2 
156 N N   . VAL A 23 ? 0.1859 0.1900 0.2239 0.0231  -0.0239 -0.0416 133 VAL A N   
157 C CA  . VAL A 23 ? 0.1487 0.1555 0.1732 0.0146  -0.0131 -0.0408 133 VAL A CA  
158 C C   . VAL A 23 ? 0.2158 0.2444 0.2475 0.0128  -0.0047 -0.0523 133 VAL A C   
159 O O   . VAL A 23 ? 0.2135 0.2535 0.2612 0.0200  -0.0058 -0.0645 133 VAL A O   
160 C CB  . VAL A 23 ? 0.1816 0.1749 0.1987 0.0148  -0.0131 -0.0408 133 VAL A CB  
161 C CG1 . VAL A 23 ? 0.1828 0.1776 0.1849 0.0065  -0.0043 -0.0415 133 VAL A CG1 
162 C CG2 . VAL A 23 ? 0.1689 0.1432 0.1813 0.0144  -0.0198 -0.0295 133 VAL A CG2 
163 N N   . PHE A 24 ? 0.1564 0.1915 0.1778 0.0029  0.0031  -0.0490 134 PHE A N   
164 C CA  . PHE A 24 ? 0.1451 0.2008 0.1706 -0.0024 0.0129  -0.0585 134 PHE A CA  
165 C C   . PHE A 24 ? 0.1791 0.2291 0.1835 -0.0120 0.0206  -0.0570 134 PHE A C   
166 O O   . PHE A 24 ? 0.1710 0.2036 0.1595 -0.0167 0.0177  -0.0468 134 PHE A O   
167 C CB  . PHE A 24 ? 0.1526 0.2230 0.1868 -0.0072 0.0144  -0.0576 134 PHE A CB  
168 C CG  . PHE A 24 ? 0.1496 0.2104 0.1678 -0.0170 0.0144  -0.0460 134 PHE A CG  
169 C CD1 . PHE A 24 ? 0.1687 0.2334 0.1745 -0.0296 0.0224  -0.0448 134 PHE A CD1 
170 C CD2 . PHE A 24 ? 0.1685 0.2166 0.1838 -0.0140 0.0059  -0.0372 134 PHE A CD2 
171 C CE1 . PHE A 24 ? 0.1691 0.2232 0.1624 -0.0375 0.0196  -0.0352 134 PHE A CE1 
172 C CE2 . PHE A 24 ? 0.1853 0.2257 0.1881 -0.0214 0.0054  -0.0293 134 PHE A CE2 
173 C CZ  . PHE A 24 ? 0.1580 0.2012 0.1516 -0.0325 0.0110  -0.0287 134 PHE A CZ  
174 N N   . LYS A 25 ? 0.1569 0.2219 0.1610 -0.0151 0.0298  -0.0677 135 LYS A N   
175 C CA  . LYS A 25 ? 0.1621 0.2199 0.1414 -0.0258 0.0365  -0.0658 135 LYS A CA  
176 C C   . LYS A 25 ? 0.2418 0.3081 0.2124 -0.0404 0.0434  -0.0609 135 LYS A C   
177 O O   . LYS A 25 ? 0.2558 0.3452 0.2427 -0.0429 0.0496  -0.0670 135 LYS A O   
178 C CB  . LYS A 25 ? 0.1963 0.2638 0.1737 -0.0233 0.0437  -0.0800 135 LYS A CB  
179 C CG  . LYS A 25 ? 0.3076 0.3628 0.2538 -0.0341 0.0484  -0.0777 135 LYS A CG  
180 C CD  . LYS A 25 ? 0.4106 0.4714 0.3523 -0.0291 0.0535  -0.0926 135 LYS A CD  
181 C CE  . LYS A 25 ? 0.6358 0.7274 0.5814 -0.0353 0.0697  -0.1069 135 LYS A CE  
182 N NZ  . LYS A 25 ? 0.8182 0.9095 0.7340 -0.0553 0.0798  -0.1002 135 LYS A NZ  
183 N N   . GLY A 26 ? 0.1963 0.2430 0.1433 -0.0500 0.0405  -0.0500 136 GLY A N   
184 C CA  . GLY A 26 ? 0.1995 0.2471 0.1334 -0.0656 0.0442  -0.0435 136 GLY A CA  
185 C C   . GLY A 26 ? 0.2883 0.3470 0.2067 -0.0776 0.0568  -0.0497 136 GLY A C   
186 O O   . GLY A 26 ? 0.2774 0.3396 0.1922 -0.0725 0.0614  -0.0591 136 GLY A O   
187 N N   . ASP A 27 ? 0.2832 0.3478 0.1910 -0.0941 0.0628  -0.0452 137 ASP A N   
188 C CA  . ASP A 27 ? 0.3340 0.4098 0.2241 -0.1059 0.0766  -0.0518 137 ASP A CA  
189 C C   . ASP A 27 ? 0.3783 0.4263 0.2271 -0.1185 0.0735  -0.0429 137 ASP A C   
190 O O   . ASP A 27 ? 0.3648 0.4184 0.1909 -0.1344 0.0846  -0.0442 137 ASP A O   
191 C CB  . ASP A 27 ? 0.3876 0.4993 0.2953 -0.1149 0.0923  -0.0612 137 ASP A CB  
192 C CG  . ASP A 27 ? 0.5234 0.6621 0.4702 -0.0971 0.0949  -0.0769 137 ASP A CG  
193 O OD1 . ASP A 27 ? 0.4972 0.6304 0.4649 -0.0838 0.0828  -0.0740 137 ASP A OD1 
194 O OD2 . ASP A 27 ? 0.5839 0.7480 0.5394 -0.0965 0.1080  -0.0927 137 ASP A OD2 
195 N N   . GLU A 28 ? 0.3423 0.3603 0.1822 -0.1108 0.0578  -0.0349 138 GLU A N   
196 C CA  . GLU A 28 ? 0.3604 0.3475 0.1664 -0.1165 0.0491  -0.0282 138 GLU A CA  
197 C C   . GLU A 28 ? 0.4032 0.3816 0.2157 -0.0993 0.0428  -0.0350 138 GLU A C   
198 O O   . GLU A 28 ? 0.4028 0.3549 0.1934 -0.0996 0.0327  -0.0313 138 GLU A O   
199 C CB  . GLU A 28 ? 0.3828 0.3418 0.1761 -0.1236 0.0337  -0.0137 138 GLU A CB  
200 C CG  . GLU A 28 ? 0.5732 0.5293 0.3444 -0.1458 0.0373  -0.0052 138 GLU A CG  
201 C CD  . GLU A 28 ? 0.8907 0.8124 0.6421 -0.1545 0.0192  0.0086  138 GLU A CD  
202 O OE1 . GLU A 28 ? 0.8041 0.7023 0.5549 -0.1439 0.0036  0.0106  138 GLU A OE1 
203 O OE2 . GLU A 28 ? 0.8852 0.8033 0.6228 -0.1725 0.0197  0.0168  138 GLU A OE2 
204 N N   . GLY A 29 ? 0.3396 0.3391 0.1820 -0.0849 0.0475  -0.0452 139 GLY A N   
205 C CA  . GLY A 29 ? 0.3233 0.3164 0.1748 -0.0695 0.0419  -0.0522 139 GLY A CA  
206 C C   . GLY A 29 ? 0.3353 0.3145 0.2044 -0.0577 0.0288  -0.0459 139 GLY A C   
207 O O   . GLY A 29 ? 0.3192 0.2923 0.1975 -0.0461 0.0235  -0.0503 139 GLY A O   
208 N N   . GLY A 30 ? 0.2799 0.2544 0.1540 -0.0611 0.0239  -0.0362 140 GLY A N   
209 C CA  . GLY A 30 ? 0.2454 0.2106 0.1359 -0.0517 0.0141  -0.0309 140 GLY A CA  
210 C C   . GLY A 30 ? 0.2432 0.2253 0.1601 -0.0403 0.0168  -0.0359 140 GLY A C   
211 O O   . GLY A 30 ? 0.2296 0.2324 0.1564 -0.0404 0.0248  -0.0424 140 GLY A O   
212 N N   . PHE A 31 ? 0.1697 0.1428 0.0982 -0.0312 0.0093  -0.0333 141 PHE A N   
213 C CA  . PHE A 31 ? 0.1504 0.1328 0.1002 -0.0213 0.0085  -0.0355 141 PHE A CA  
214 C C   . PHE A 31 ? 0.1636 0.1440 0.1195 -0.0215 0.0049  -0.0273 141 PHE A C   
215 O O   . PHE A 31 ? 0.1573 0.1245 0.1078 -0.0233 0.0001  -0.0217 141 PHE A O   
216 C CB  . PHE A 31 ? 0.1690 0.1412 0.1248 -0.0128 0.0028  -0.0379 141 PHE A CB  
217 C CG  . PHE A 31 ? 0.1975 0.1719 0.1481 -0.0107 0.0055  -0.0484 141 PHE A CG  
218 C CD1 . PHE A 31 ? 0.2449 0.2362 0.2086 -0.0046 0.0096  -0.0590 141 PHE A CD1 
219 C CD2 . PHE A 31 ? 0.2298 0.1894 0.1627 -0.0140 0.0030  -0.0492 141 PHE A CD2 
220 C CE1 . PHE A 31 ? 0.2661 0.2614 0.2252 -0.0018 0.0129  -0.0714 141 PHE A CE1 
221 C CE2 . PHE A 31 ? 0.2827 0.2440 0.2078 -0.0119 0.0056  -0.0601 141 PHE A CE2 
222 C CZ  . PHE A 31 ? 0.2549 0.2352 0.1930 -0.0058 0.0115  -0.0717 141 PHE A CZ  
223 N N   . TYR A 32 ? 0.1248 0.1186 0.0921 -0.0193 0.0065  -0.0279 142 TYR A N   
224 C CA  . TYR A 32 ? 0.0985 0.0916 0.0688 -0.0197 0.0034  -0.0215 142 TYR A CA  
225 C C   . TYR A 32 ? 0.1619 0.1588 0.1447 -0.0121 -0.0002 -0.0209 142 TYR A C   
226 O O   . TYR A 32 ? 0.1682 0.1728 0.1617 -0.0065 -0.0007 -0.0268 142 TYR A O   
227 C CB  . TYR A 32 ? 0.1183 0.1211 0.0858 -0.0274 0.0064  -0.0213 142 TYR A CB  
228 C CG  . TYR A 32 ? 0.1421 0.1378 0.0936 -0.0375 0.0081  -0.0197 142 TYR A CG  
229 C CD1 . TYR A 32 ? 0.1788 0.1810 0.1232 -0.0431 0.0147  -0.0248 142 TYR A CD1 
230 C CD2 . TYR A 32 ? 0.1699 0.1515 0.1121 -0.0417 0.0024  -0.0140 142 TYR A CD2 
231 C CE1 . TYR A 32 ? 0.2113 0.2032 0.1356 -0.0542 0.0150  -0.0216 142 TYR A CE1 
232 C CE2 . TYR A 32 ? 0.1897 0.1602 0.1154 -0.0511 0.0005  -0.0118 142 TYR A CE2 
233 C CZ  . TYR A 32 ? 0.2849 0.2588 0.1995 -0.0580 0.0064  -0.0144 142 TYR A CZ  
234 O OH  . TYR A 32 ? 0.2634 0.2231 0.1569 -0.0692 0.0034  -0.0105 142 TYR A OH  
235 N N   . ILE A 33 ? 0.1062 0.0968 0.0866 -0.0120 -0.0035 -0.0143 143 ILE A N   
236 C CA  . ILE A 33 ? 0.1160 0.1058 0.1014 -0.0069 -0.0082 -0.0112 143 ILE A CA  
237 C C   . ILE A 33 ? 0.1603 0.1520 0.1404 -0.0099 -0.0090 -0.0076 143 ILE A C   
238 O O   . ILE A 33 ? 0.1453 0.1349 0.1187 -0.0146 -0.0070 -0.0066 143 ILE A O   
239 C CB  . ILE A 33 ? 0.1547 0.1315 0.1385 -0.0047 -0.0110 -0.0059 143 ILE A CB  
240 C CG1 . ILE A 33 ? 0.1572 0.1275 0.1341 -0.0096 -0.0079 -0.0028 143 ILE A CG1 
241 C CG2 . ILE A 33 ? 0.1979 0.1712 0.1890 -0.0001 -0.0133 -0.0100 143 ILE A CG2 
242 C CD1 . ILE A 33 ? 0.2403 0.2034 0.2160 -0.0105 -0.0083 0.0032  143 ILE A CD1 
243 N N   . ASN A 34 ? 0.1222 0.1158 0.1048 -0.0063 -0.0141 -0.0062 144 ASN A N   
244 C CA  . ASN A 34 ? 0.1165 0.1096 0.0914 -0.0081 -0.0164 -0.0030 144 ASN A CA  
245 C C   . ASN A 34 ? 0.1668 0.1488 0.1329 -0.0067 -0.0188 0.0036  144 ASN A C   
246 O O   . ASN A 34 ? 0.1724 0.1493 0.1413 -0.0029 -0.0244 0.0058  144 ASN A O   
247 C CB  . ASN A 34 ? 0.1678 0.1705 0.1507 -0.0061 -0.0215 -0.0064 144 ASN A CB  
248 C CG  . ASN A 34 ? 0.2229 0.2387 0.2155 -0.0100 -0.0172 -0.0126 144 ASN A CG  
249 O OD1 . ASN A 34 ? 0.1513 0.1661 0.1378 -0.0161 -0.0123 -0.0123 144 ASN A OD1 
250 N ND2 . ASN A 34 ? 0.2083 0.2364 0.2166 -0.0069 -0.0188 -0.0188 144 ASN A ND2 
251 N N   . TYR A 35 ? 0.1291 0.1074 0.0852 -0.0103 -0.0148 0.0063  145 TYR A N   
252 C CA  . TYR A 35 ? 0.1388 0.1088 0.0851 -0.0118 -0.0142 0.0127  145 TYR A CA  
253 C C   . TYR A 35 ? 0.1770 0.1487 0.1107 -0.0147 -0.0114 0.0127  145 TYR A C   
254 O O   . TYR A 35 ? 0.1624 0.1390 0.0982 -0.0163 -0.0070 0.0078  145 TYR A O   
255 C CB  . TYR A 35 ? 0.1690 0.1348 0.1201 -0.0140 -0.0094 0.0140  145 TYR A CB  
256 C CG  . TYR A 35 ? 0.2013 0.1612 0.1433 -0.0186 -0.0061 0.0207  145 TYR A CG  
257 C CD1 . TYR A 35 ? 0.2461 0.1954 0.1806 -0.0194 -0.0116 0.0287  145 TYR A CD1 
258 C CD2 . TYR A 35 ? 0.2210 0.1859 0.1615 -0.0228 0.0020  0.0186  145 TYR A CD2 
259 C CE1 . TYR A 35 ? 0.2698 0.2132 0.1924 -0.0266 -0.0078 0.0362  145 TYR A CE1 
260 C CE2 . TYR A 35 ? 0.2570 0.2204 0.1893 -0.0290 0.0075  0.0240  145 TYR A CE2 
261 C CZ  . TYR A 35 ? 0.3059 0.2582 0.2276 -0.0320 0.0033  0.0337  145 TYR A CZ  
262 O OH  . TYR A 35 ? 0.3590 0.3089 0.2694 -0.0409 0.0096  0.0404  145 TYR A OH  
263 N N   . ASN A 36 ? 0.1831 0.1495 0.1029 -0.0151 -0.0155 0.0175  146 ASN A N   
264 C CA  . ASN A 36 ? 0.1986 0.1662 0.1021 -0.0178 -0.0128 0.0169  146 ASN A CA  
265 C C   . ASN A 36 ? 0.2303 0.2058 0.1375 -0.0159 -0.0139 0.0085  146 ASN A C   
266 O O   . ASN A 36 ? 0.2358 0.2152 0.1377 -0.0173 -0.0091 0.0037  146 ASN A O   
267 C CB  . ASN A 36 ? 0.1990 0.1674 0.0966 -0.0233 -0.0024 0.0185  146 ASN A CB  
268 C CG  . ASN A 36 ? 0.3386 0.2963 0.2243 -0.0281 -0.0028 0.0289  146 ASN A CG  
269 O OD1 . ASN A 36 ? 0.2442 0.1912 0.1238 -0.0263 -0.0130 0.0350  146 ASN A OD1 
270 N ND2 . ASN A 36 ? 0.2560 0.2161 0.1382 -0.0350 0.0073  0.0310  146 ASN A ND2 
271 N N   . GLY A 37 ? 0.1908 0.1692 0.1089 -0.0131 -0.0205 0.0063  147 GLY A N   
272 C CA  . GLY A 37 ? 0.1830 0.1667 0.1051 -0.0128 -0.0235 0.0001  147 GLY A CA  
273 C C   . GLY A 37 ? 0.1952 0.1825 0.1282 -0.0149 -0.0198 -0.0044 147 GLY A C   
274 O O   . GLY A 37 ? 0.1677 0.1568 0.1026 -0.0161 -0.0233 -0.0087 147 GLY A O   
275 N N   . CYS A 38 ? 0.1250 0.1111 0.0640 -0.0158 -0.0145 -0.0030 148 CYS A N   
276 C CA  . CYS A 38 ? 0.1050 0.0905 0.0542 -0.0179 -0.0123 -0.0055 148 CYS A CA  
277 C C   . CYS A 38 ? 0.1437 0.1297 0.0976 -0.0188 -0.0118 -0.0047 148 CYS A C   
278 O O   . CYS A 38 ? 0.1477 0.1324 0.1030 -0.0165 -0.0102 -0.0017 148 CYS A O   
279 C CB  . CYS A 38 ? 0.1034 0.0866 0.0537 -0.0179 -0.0082 -0.0074 148 CYS A CB  
280 S SG  . CYS A 38 ? 0.1599 0.1457 0.0981 -0.0170 -0.0089 -0.0147 148 CYS A SG  
281 N N   . GLU A 39 ? 0.0980 0.0840 0.0592 -0.0216 -0.0104 -0.0043 149 GLU A N   
282 C CA  . GLU A 39 ? 0.0861 0.0732 0.0563 -0.0209 -0.0041 0.0001  149 GLU A CA  
283 C C   . GLU A 39 ? 0.1413 0.1186 0.1003 -0.0241 -0.0091 -0.0065 149 GLU A C   
284 O O   . GLU A 39 ? 0.1126 0.0843 0.0696 -0.0256 -0.0119 -0.0082 149 GLU A O   
285 C CB  . GLU A 39 ? 0.1014 0.0912 0.0620 -0.0304 -0.0103 -0.0078 149 GLU A CB  
286 C CG  . GLU A 39 ? 0.1468 0.1374 0.1069 -0.0332 -0.0063 -0.0091 149 GLU A CG  
287 C CD  . GLU A 39 ? 0.2177 0.2120 0.1739 -0.0427 -0.0049 -0.0096 149 GLU A CD  
288 O OE1 . GLU A 39 ? 0.1687 0.1517 0.1155 -0.0490 -0.0091 -0.0073 149 GLU A OE1 
289 O OE2 . GLU A 39 ? 0.1586 0.1672 0.1220 -0.0443 -0.0001 -0.0127 149 GLU A OE2 
290 N N   . TYR A 40 ? 0.1078 0.0833 0.0698 -0.0221 -0.0069 -0.0059 150 TYR A N   
291 C CA  . TYR A 40 ? 0.1087 0.0758 0.0714 -0.0219 -0.0072 -0.0060 150 TYR A CA  
292 C C   . TYR A 40 ? 0.1621 0.1266 0.1220 -0.0238 -0.0069 -0.0081 150 TYR A C   
293 O O   . TYR A 40 ? 0.1527 0.1250 0.1149 -0.0224 -0.0043 -0.0095 150 TYR A O   
294 C CB  . TYR A 40 ? 0.1094 0.0745 0.0775 -0.0189 -0.0057 -0.0044 150 TYR A CB  
295 C CG  . TYR A 40 ? 0.1210 0.0893 0.0891 -0.0187 -0.0037 -0.0032 150 TYR A CG  
296 C CD1 . TYR A 40 ? 0.1297 0.1029 0.0926 -0.0179 -0.0032 -0.0008 150 TYR A CD1 
297 C CD2 . TYR A 40 ? 0.1470 0.1141 0.1205 -0.0195 -0.0024 -0.0054 150 TYR A CD2 
298 C CE1 . TYR A 40 ? 0.1279 0.1037 0.0863 -0.0186 -0.0005 -0.0002 150 TYR A CE1 
299 C CE2 . TYR A 40 ? 0.1296 0.1026 0.1025 -0.0200 0.0018  -0.0062 150 TYR A CE2 
300 C CZ  . TYR A 40 ? 0.1694 0.1463 0.1325 -0.0199 0.0032  -0.0032 150 TYR A CZ  
301 O OH  . TYR A 40 ? 0.1688 0.1513 0.1271 -0.0213 0.0082  -0.0042 150 TYR A OH  
302 N N   . GLU A 41 ? 0.1169 0.0736 0.0729 -0.0244 -0.0089 -0.0066 151 GLU A N   
303 C CA  . GLU A 41 ? 0.1105 0.0687 0.0625 -0.0223 -0.0056 -0.0018 151 GLU A CA  
304 C C   . GLU A 41 ? 0.1545 0.0946 0.1072 -0.0244 -0.0131 -0.0121 151 GLU A C   
305 O O   . GLU A 41 ? 0.1371 0.0706 0.0954 -0.0236 -0.0172 -0.0117 151 GLU A O   
306 C CB  . GLU A 41 ? 0.1411 0.0806 0.0750 -0.0362 -0.0144 -0.0104 151 GLU A CB  
307 C CG  . GLU A 41 ? 0.1861 0.1214 0.1063 -0.0405 -0.0126 -0.0123 151 GLU A CG  
308 C CD  . GLU A 41 ? 0.4248 0.3474 0.3255 -0.0508 -0.0174 -0.0095 151 GLU A CD  
309 O OE1 . GLU A 41 ? 0.3954 0.3116 0.2955 -0.0540 -0.0237 -0.0065 151 GLU A OE1 
310 O OE2 . GLU A 41 ? 0.3709 0.2892 0.2555 -0.0562 -0.0154 -0.0108 151 GLU A OE2 
311 N N   . ALA A 42 ? 0.1228 0.0649 0.0754 -0.0211 -0.0110 -0.0137 152 ALA A N   
312 C CA  . ALA A 42 ? 0.1301 0.0623 0.0869 -0.0178 -0.0154 -0.0154 152 ALA A CA  
313 C C   . ALA A 42 ? 0.1991 0.1152 0.1447 -0.0222 -0.0224 -0.0176 152 ALA A C   
314 O O   . ALA A 42 ? 0.1921 0.1051 0.1213 -0.0279 -0.0225 -0.0180 152 ALA A O   
315 C CB  . ALA A 42 ? 0.1443 0.0779 0.1022 -0.0140 -0.0140 -0.0210 152 ALA A CB  
316 N N   . THR A 43 ? 0.1566 0.0637 0.1116 -0.0201 -0.0287 -0.0178 153 THR A N   
317 C CA  . THR A 43 ? 0.1694 0.0610 0.1177 -0.0219 -0.0386 -0.0192 153 THR A CA  
318 C C   . THR A 43 ? 0.2123 0.0953 0.1704 -0.0182 -0.0442 -0.0223 153 THR A C   
319 O O   . THR A 43 ? 0.1952 0.0853 0.1685 -0.0147 -0.0405 -0.0215 153 THR A O   
320 C CB  . THR A 43 ? 0.2116 0.0994 0.1662 -0.0238 -0.0444 -0.0190 153 THR A CB  
321 O OG1 . THR A 43 ? 0.1971 0.0918 0.1749 -0.0201 -0.0435 -0.0203 153 THR A OG1 
322 C CG2 . THR A 43 ? 0.1974 0.0929 0.1455 -0.0272 -0.0399 -0.0165 153 THR A CG2 
323 N N   . GLY A 44 ? 0.1746 0.0518 0.1238 -0.0160 -0.0533 -0.0200 154 GLY A N   
324 C CA  . GLY A 44 ? 0.1970 0.0548 0.1531 -0.0152 -0.0627 -0.0276 154 GLY A CA  
325 C C   . GLY A 44 ? 0.2869 0.1447 0.2376 -0.0128 -0.0583 -0.0312 154 GLY A C   
326 O O   . GLY A 44 ? 0.3125 0.1753 0.2457 -0.0143 -0.0517 -0.0325 154 GLY A O   
327 N N   . VAL A 45 ? 0.2347 0.0913 0.2033 -0.0086 -0.0612 -0.0325 155 VAL A N   
328 C CA  . VAL A 45 ? 0.2434 0.1006 0.2111 -0.0040 -0.0596 -0.0361 155 VAL A CA  
329 C C   . VAL A 45 ? 0.2473 0.1209 0.2197 -0.0027 -0.0489 -0.0334 155 VAL A C   
330 O O   . VAL A 45 ? 0.2433 0.1242 0.2314 -0.0034 -0.0456 -0.0275 155 VAL A O   
331 C CB  . VAL A 45 ? 0.3020 0.1492 0.2873 -0.0007 -0.0689 -0.0380 155 VAL A CB  
332 C CG1 . VAL A 45 ? 0.3016 0.1481 0.2873 0.0051  -0.0690 -0.0426 155 VAL A CG1 
333 C CG2 . VAL A 45 ? 0.3240 0.1537 0.3029 -0.0012 -0.0816 -0.0422 155 VAL A CG2 
334 N N   . THR A 46 ? 0.1956 0.0751 0.1543 -0.0011 -0.0436 -0.0386 156 THR A N   
335 C CA  . THR A 46 ? 0.1797 0.0749 0.1438 0.0012  -0.0353 -0.0382 156 THR A CA  
336 C C   . THR A 46 ? 0.2276 0.1241 0.1938 0.0083  -0.0366 -0.0475 156 THR A C   
337 O O   . THR A 46 ? 0.2310 0.1256 0.1825 0.0089  -0.0360 -0.0560 156 THR A O   
341 N N   . VAL A 47 ? 0.1789 0.0770 0.1624 0.0136  -0.0393 -0.0460 157 VAL A N   
342 C CA  . VAL A 47 ? 0.1678 0.0648 0.1587 0.0223  -0.0442 -0.0558 157 VAL A CA  
343 C C   . VAL A 47 ? 0.2108 0.1218 0.2118 0.0266  -0.0408 -0.0573 157 VAL A C   
344 O O   . VAL A 47 ? 0.2012 0.1111 0.2112 0.0253  -0.0428 -0.0475 157 VAL A O   
345 C CB  . VAL A 47 ? 0.2222 0.1013 0.2265 0.0251  -0.0565 -0.0528 157 VAL A CB  
346 C CG1 . VAL A 47 ? 0.2360 0.1099 0.2479 0.0350  -0.0647 -0.0645 157 VAL A CG1 
347 C CG2 . VAL A 47 ? 0.2239 0.0904 0.2226 0.0204  -0.0610 -0.0510 157 VAL A CG2 
348 N N   . CYS A 48 ? 0.1782 0.1026 0.1775 0.0314  -0.0360 -0.0703 158 CYS A N   
349 C CA  . CYS A 48 ? 0.1916 0.1319 0.2041 0.0368  -0.0339 -0.0754 158 CYS A CA  
350 C C   . CYS A 48 ? 0.2785 0.2209 0.3040 0.0485  -0.0402 -0.0913 158 CYS A C   
351 O O   . CYS A 48 ? 0.2796 0.2173 0.2985 0.0515  -0.0414 -0.1019 158 CYS A O   
352 C CB  . CYS A 48 ? 0.1878 0.1487 0.1919 0.0308  -0.0206 -0.0780 158 CYS A CB  
353 S SG  . CYS A 48 ? 0.2267 0.1847 0.2158 0.0180  -0.0148 -0.0619 158 CYS A SG  
354 N N   . GLN A 49 ? 0.3934 0.2953 0.2784 0.0270  -0.0130 -0.1240 159 GLN A N   
355 C CA  . GLN A 49 ? 0.4251 0.3263 0.3243 0.0319  -0.0045 -0.1461 159 GLN A CA  
356 C C   . GLN A 49 ? 0.5472 0.4502 0.4106 0.0298  0.0219  -0.1537 159 GLN A C   
357 O O   . GLN A 49 ? 0.5270 0.4413 0.3901 0.0264  0.0322  -0.1378 159 GLN A O   
358 C CB  . GLN A 49 ? 0.4047 0.3211 0.3639 0.0343  -0.0042 -0.1417 159 GLN A CB  
359 C CG  . GLN A 49 ? 0.4349 0.3559 0.4283 0.0328  -0.0222 -0.1212 159 GLN A CG  
360 C CD  . GLN A 49 ? 0.5709 0.5038 0.6091 0.0326  -0.0206 -0.1129 159 GLN A CD  
361 O OE1 . GLN A 49 ? 0.4594 0.4005 0.4981 0.0315  -0.0071 -0.1103 159 GLN A OE1 
362 N NE2 . GLN A 49 ? 0.4700 0.4027 0.5491 0.0332  -0.0366 -0.1071 159 GLN A NE2 
387 N N   . GLY A 52 ? 0.4878 0.4399 0.4862 0.0332  0.0696  -0.1504 162 GLY A N   
388 C CA  . GLY A 52 ? 0.4488 0.3979 0.4450 0.0316  0.0444  -0.1329 162 GLY A CA  
389 C C   . GLY A 52 ? 0.4565 0.4082 0.4239 0.0267  0.0430  -0.1116 162 GLY A C   
390 O O   . GLY A 52 ? 0.4750 0.4233 0.4014 0.0241  0.0538  -0.1114 162 GLY A O   
391 N N   . THR A 53 ? 0.3431 0.2995 0.3310 0.0249  0.0298  -0.0935 163 THR A N   
392 C CA  . THR A 53 ? 0.3213 0.2804 0.2873 0.0209  0.0286  -0.0758 163 THR A CA  
393 C C   . THR A 53 ? 0.3408 0.2960 0.3012 0.0189  0.0134  -0.0637 163 THR A C   
394 O O   . THR A 53 ? 0.3094 0.2674 0.2621 0.0158  0.0118  -0.0499 163 THR A O   
395 C CB  . THR A 53 ? 0.4466 0.4135 0.4345 0.0198  0.0317  -0.0669 163 THR A CB  
396 O OG1 . THR A 53 ? 0.3828 0.3488 0.4017 0.0195  0.0168  -0.0595 163 THR A OG1 
397 C CG2 . THR A 53 ? 0.4470 0.4189 0.4497 0.0214  0.0495  -0.0782 163 THR A CG2 
398 N N   . VAL A 54 ? 0.2878 0.2364 0.2562 0.0207  0.0030  -0.0697 164 VAL A N   
399 C CA  . VAL A 54 ? 0.2711 0.2160 0.2439 0.0189  -0.0097 -0.0587 164 VAL A CA  
400 C C   . VAL A 54 ? 0.2968 0.2326 0.2429 0.0185  -0.0141 -0.0628 164 VAL A C   
401 O O   . VAL A 54 ? 0.2804 0.2071 0.2154 0.0211  -0.0175 -0.0778 164 VAL A O   
402 C CB  . VAL A 54 ? 0.3091 0.2520 0.3191 0.0204  -0.0222 -0.0584 164 VAL A CB  
403 C CG1 . VAL A 54 ? 0.3002 0.2394 0.3184 0.0180  -0.0320 -0.0464 164 VAL A CG1 
404 C CG2 . VAL A 54 ? 0.2944 0.2425 0.3305 0.0190  -0.0233 -0.0503 164 VAL A CG2 
405 N N   . CYS A 55 ? 0.2158 0.1523 0.1522 0.0149  -0.0153 -0.0504 165 CYS A N   
406 C CA  . CYS A 55 ? 0.2284 0.1547 0.1480 0.0135  -0.0244 -0.0510 165 CYS A CA  
407 C C   . CYS A 55 ? 0.2315 0.1582 0.1763 0.0115  -0.0320 -0.0394 165 CYS A C   
408 O O   . CYS A 55 ? 0.1884 0.1243 0.1480 0.0096  -0.0241 -0.0287 165 CYS A O   
409 C CB  . CYS A 55 ? 0.2556 0.1816 0.1435 0.0104  -0.0174 -0.0484 165 CYS A CB  
410 S SG  . CYS A 55 ? 0.3304 0.2569 0.1888 0.0112  -0.0019 -0.0598 165 CYS A SG  
411 N N   . SER A 56 ? 0.2119 0.1263 0.1598 0.0114  -0.0471 -0.0419 166 SER A N   
412 C CA  A SER A 56 ? 0.1935 0.1068 0.1729 0.0093  -0.0544 -0.0322 166 SER A CA  
413 C CA  B SER A 56 ? 0.1920 0.1056 0.1713 0.0092  -0.0540 -0.0319 166 SER A CA  
414 C C   . SER A 56 ? 0.2417 0.1462 0.2068 0.0064  -0.0632 -0.0307 166 SER A C   
415 O O   . SER A 56 ? 0.2521 0.1430 0.1846 0.0062  -0.0738 -0.0386 166 SER A O   
416 C CB  A SER A 56 ? 0.2378 0.1417 0.2473 0.0119  -0.0710 -0.0361 166 SER A CB  
417 C CB  B SER A 56 ? 0.2315 0.1366 0.2428 0.0117  -0.0698 -0.0349 166 SER A CB  
418 O OG  A SER A 56 ? 0.2697 0.1716 0.3168 0.0098  -0.0777 -0.0267 166 SER A OG  
419 O OG  B SER A 56 ? 0.2807 0.1679 0.2732 0.0135  -0.0887 -0.0474 166 SER A OG  
420 N N   . SER A 57 ? 0.1628 0.0733 0.1518 0.0034  -0.0587 -0.0208 167 SER A N   
421 C CA  . SER A 57 ? 0.1720 0.0742 0.1628 0.0001  -0.0703 -0.0179 167 SER A CA  
422 C C   . SER A 57 ? 0.2158 0.1224 0.2594 -0.0015 -0.0687 -0.0107 167 SER A C   
423 O O   . SER A 57 ? 0.1759 0.0961 0.2366 -0.0015 -0.0489 -0.0062 167 SER A O   
424 C CB  . SER A 57 ? 0.1904 0.0981 0.1511 -0.0024 -0.0608 -0.0156 167 SER A CB  
425 O OG  . SER A 57 ? 0.2537 0.1546 0.2279 -0.0064 -0.0732 -0.0104 167 SER A OG  
426 N N   . SER A 58 ? 0.2120 0.1051 0.2814 -0.0033 -0.0896 -0.0095 168 SER A N   
427 C CA  . SER A 58 ? 0.2234 0.1203 0.3536 -0.0049 -0.0872 -0.0039 168 SER A CA  
428 C C   . SER A 58 ? 0.2488 0.1567 0.3882 -0.0079 -0.0720 -0.0011 168 SER A C   
429 O O   . SER A 58 ? 0.2297 0.1454 0.4179 -0.0090 -0.0594 0.0014  168 SER A O   
430 C CB  . SER A 58 ? 0.3360 0.2125 0.4992 -0.0058 -0.1193 -0.0042 168 SER A CB  
431 O OG  . SER A 58 ? 0.5464 0.4049 0.6687 -0.0082 -0.1431 -0.0064 168 SER A OG  
432 N N   . ALA A 59 ? 0.1716 0.0806 0.2666 -0.0088 -0.0709 -0.0021 169 ALA A N   
433 C CA  . ALA A 59 ? 0.1272 0.0459 0.2340 -0.0112 -0.0594 -0.0006 169 ALA A CA  
434 C C   . ALA A 59 ? 0.1605 0.0865 0.2191 -0.0110 -0.0492 -0.0014 169 ALA A C   
435 O O   . ALA A 59 ? 0.1661 0.0844 0.2017 -0.0135 -0.0626 0.0009  169 ALA A O   
436 C CB  . ALA A 59 ? 0.1375 0.0440 0.2780 -0.0149 -0.0830 0.0021  169 ALA A CB  
437 N N   . TRP A 60 ? 0.1168 0.0557 0.1606 -0.0087 -0.0269 -0.0032 170 TRP A N   
438 C CA  . TRP A 60 ? 0.1201 0.0668 0.1302 -0.0081 -0.0163 -0.0040 170 TRP A CA  
439 C C   . TRP A 60 ? 0.1420 0.0952 0.1763 -0.0099 -0.0100 -0.0049 170 TRP A C   
440 O O   . TRP A 60 ? 0.1545 0.1136 0.2163 -0.0099 0.0042  -0.0076 170 TRP A O   
441 C CB  . TRP A 60 ? 0.1030 0.0577 0.0966 -0.0057 0.0004  -0.0051 170 TRP A CB  
442 C CG  . TRP A 60 ? 0.1144 0.0641 0.0919 -0.0037 -0.0055 -0.0059 170 TRP A CG  
443 C CD1 . TRP A 60 ? 0.1565 0.1033 0.1522 -0.0028 -0.0074 -0.0048 170 TRP A CD1 
444 C CD2 . TRP A 60 ? 0.1188 0.0668 0.0647 -0.0019 -0.0079 -0.0089 170 TRP A CD2 
445 N NE1 . TRP A 60 ? 0.1631 0.1060 0.1409 -0.0003 -0.0136 -0.0083 170 TRP A NE1 
446 C CE2 . TRP A 60 ? 0.1756 0.1194 0.1227 0.0003  -0.0123 -0.0118 170 TRP A CE2 
447 C CE3 . TRP A 60 ? 0.1405 0.0908 0.0624 -0.0023 -0.0052 -0.0096 170 TRP A CE3 
448 C CZ2 . TRP A 60 ? 0.1778 0.1197 0.1032 0.0026  -0.0127 -0.0179 170 TRP A CZ2 
449 C CZ3 . TRP A 60 ? 0.1661 0.1145 0.0660 -0.0005 -0.0039 -0.0140 170 TRP A CZ3 
450 C CH2 . TRP A 60 ? 0.1783 0.1225 0.0800 0.0021  -0.0071 -0.0194 170 TRP A CH2 
451 N N   . LYS A 61 ? 0.0948 0.0464 0.1202 -0.0118 -0.0191 -0.0028 171 LYS A N   
452 C CA  . LYS A 61 ? 0.0859 0.0427 0.1422 -0.0133 -0.0172 -0.0047 171 LYS A CA  
453 C C   . LYS A 61 ? 0.1171 0.0825 0.1540 -0.0121 -0.0074 -0.0067 171 LYS A C   
454 O O   . LYS A 61 ? 0.1275 0.0915 0.1327 -0.0123 -0.0119 -0.0021 171 LYS A O   
455 C CB  . LYS A 61 ? 0.1151 0.0609 0.1917 -0.0178 -0.0418 0.0015  171 LYS A CB  
456 C CG  . LYS A 61 ? 0.1081 0.0440 0.2134 -0.0184 -0.0576 0.0034  171 LYS A CG  
457 C CD  . LYS A 61 ? 0.1262 0.0464 0.2530 -0.0245 -0.0865 0.0106  171 LYS A CD  
458 C CE  . LYS A 61 ? 0.1591 0.0626 0.3152 -0.0263 -0.1079 0.0123  171 LYS A CE  
459 N NZ  . LYS A 61 ? 0.2297 0.1149 0.4055 -0.0329 -0.1419 0.0212  171 LYS A NZ  
460 N N   . PRO A 62 ? 0.0936 0.0672 0.1504 -0.0110 0.0059  -0.0144 172 PRO A N   
461 C CA  . PRO A 62 ? 0.0875 0.0667 0.1271 -0.0094 0.0109  -0.0172 172 PRO A CA  
462 C C   . PRO A 62 ? 0.1362 0.1143 0.1823 -0.0119 -0.0050 -0.0104 172 PRO A C   
463 O O   . PRO A 62 ? 0.1278 0.1021 0.2052 -0.0151 -0.0180 -0.0073 172 PRO A O   
464 C CB  . PRO A 62 ? 0.1019 0.0863 0.1624 -0.0081 0.0267  -0.0296 172 PRO A CB  
465 C CG  . PRO A 62 ? 0.1585 0.1418 0.2632 -0.0099 0.0276  -0.0320 172 PRO A CG  
466 C CD  . PRO A 62 ? 0.0960 0.0728 0.1918 -0.0110 0.0186  -0.0225 172 PRO A CD  
467 N N   . THR A 63 ? 0.0984 0.0788 0.1187 -0.0110 -0.0047 -0.0067 173 THR A N   
468 C CA  . THR A 63 ? 0.0833 0.0632 0.1088 -0.0142 -0.0168 0.0023  173 THR A CA  
469 C C   . THR A 63 ? 0.1224 0.1090 0.1771 -0.0129 -0.0171 -0.0037 173 THR A C   
470 O O   . THR A 63 ? 0.1121 0.0988 0.1837 -0.0162 -0.0289 0.0046  173 THR A O   
471 C CB  . THR A 63 ? 0.1258 0.1054 0.1161 -0.0144 -0.0139 0.0098  173 THR A CB  
472 O OG1 . THR A 63 ? 0.1265 0.1124 0.1097 -0.0097 -0.0030 0.0027  173 THR A OG1 
473 C CG2 . THR A 63 ? 0.1263 0.0980 0.0868 -0.0154 -0.0139 0.0129  173 THR A CG2 
474 N N   . GLY A 64 ? 0.0725 0.0631 0.1302 -0.0086 -0.0046 -0.0175 174 GLY A N   
475 C CA  . GLY A 64 ? 0.0726 0.0674 0.1511 -0.0063 -0.0039 -0.0277 174 GLY A CA  
476 C C   . GLY A 64 ? 0.1234 0.1191 0.1794 -0.0035 -0.0036 -0.0270 174 GLY A C   
477 O O   . GLY A 64 ? 0.1206 0.1172 0.1859 -0.0006 -0.0040 -0.0374 174 GLY A O   
478 N N   . TYR A 65 ? 0.1088 0.1034 0.1377 -0.0042 -0.0033 -0.0164 175 TYR A N   
479 C CA  . TYR A 65 ? 0.0946 0.0898 0.1112 -0.0016 -0.0036 -0.0153 175 TYR A CA  
480 C C   . TYR A 65 ? 0.1409 0.1311 0.1324 0.0017  0.0034  -0.0254 175 TYR A C   
481 O O   . TYR A 65 ? 0.1200 0.1075 0.0931 0.0011  0.0110  -0.0260 175 TYR A O   
482 C CB  . TYR A 65 ? 0.1004 0.0963 0.1036 -0.0038 -0.0030 -0.0018 175 TYR A CB  
483 C CG  . TYR A 65 ? 0.0994 0.0965 0.1015 -0.0013 -0.0022 -0.0002 175 TYR A CG  
484 C CD1 . TYR A 65 ? 0.1087 0.1089 0.1377 -0.0006 -0.0094 0.0019  175 TYR A CD1 
485 C CD2 . TYR A 65 ? 0.1040 0.0990 0.0863 0.0002  0.0043  -0.0002 175 TYR A CD2 
486 C CE1 . TYR A 65 ? 0.1193 0.1200 0.1569 0.0016  -0.0102 0.0041  175 TYR A CE1 
487 C CE2 . TYR A 65 ? 0.1104 0.1061 0.1021 0.0022  0.0034  0.0013  175 TYR A CE2 
488 C CZ  . TYR A 65 ? 0.1479 0.1461 0.1676 0.0030  -0.0037 0.0034  175 TYR A CZ  
489 O OH  . TYR A 65 ? 0.1150 0.1129 0.1522 0.0051  -0.0060 0.0051  175 TYR A OH  
490 N N   . VAL A 66 ? 0.1081 0.0950 0.0992 0.0046  -0.0017 -0.0319 176 VAL A N   
491 C CA  . VAL A 66 ? 0.1193 0.0966 0.0808 0.0064  0.0000  -0.0399 176 VAL A CA  
492 C C   . VAL A 66 ? 0.1682 0.1433 0.1257 0.0074  -0.0075 -0.0316 176 VAL A C   
493 O O   . VAL A 66 ? 0.1462 0.1217 0.1242 0.0090  -0.0176 -0.0306 176 VAL A O   
494 C CB  . VAL A 66 ? 0.1759 0.1462 0.1364 0.0084  -0.0033 -0.0556 176 VAL A CB  
495 C CG1 . VAL A 66 ? 0.2044 0.1595 0.1243 0.0088  -0.0054 -0.0614 176 VAL A CG1 
496 C CG2 . VAL A 66 ? 0.1731 0.1469 0.1468 0.0076  0.0079  -0.0660 176 VAL A CG2 
497 N N   . PRO A 67 ? 0.1457 0.1191 0.0854 0.0063  -0.0028 -0.0257 177 PRO A N   
498 C CA  . PRO A 67 ? 0.1247 0.0979 0.0727 0.0072  -0.0080 -0.0188 177 PRO A CA  
499 C C   . PRO A 67 ? 0.1763 0.1373 0.1169 0.0086  -0.0209 -0.0217 177 PRO A C   
500 O O   . PRO A 67 ? 0.1988 0.1480 0.1112 0.0078  -0.0245 -0.0278 177 PRO A O   
501 C CB  . PRO A 67 ? 0.1449 0.1208 0.0813 0.0058  0.0013  -0.0138 177 PRO A CB  
502 C CG  . PRO A 67 ? 0.2073 0.1779 0.1202 0.0044  0.0060  -0.0182 177 PRO A CG  
503 C CD  . PRO A 67 ? 0.1689 0.1419 0.0904 0.0044  0.0075  -0.0246 177 PRO A CD  
504 N N   . GLU A 68 ? 0.1201 0.0820 0.0859 0.0100  -0.0278 -0.0166 178 GLU A N   
505 C CA  . GLU A 68 ? 0.1376 0.0859 0.1060 0.0109  -0.0450 -0.0170 178 GLU A CA  
506 C C   . GLU A 68 ? 0.2021 0.1506 0.1780 0.0103  -0.0431 -0.0113 178 GLU A C   
507 O O   . GLU A 68 ? 0.2196 0.1581 0.2104 0.0106  -0.0583 -0.0095 178 GLU A O   
508 C CB  . GLU A 68 ? 0.1512 0.0982 0.1557 0.0135  -0.0588 -0.0177 178 GLU A CB  
509 C CG  . GLU A 68 ? 0.2040 0.1440 0.1968 0.0146  -0.0679 -0.0273 178 GLU A CG  
510 C CD  . GLU A 68 ? 0.4824 0.4031 0.4270 0.0134  -0.0766 -0.0368 178 GLU A CD  
511 O OE1 . GLU A 68 ? 0.3418 0.2484 0.2644 0.0114  -0.0861 -0.0335 178 GLU A OE1 
512 O OE2 . GLU A 68 ? 0.4744 0.3930 0.4035 0.0140  -0.0736 -0.0475 178 GLU A OE2 
513 N N   . SER A 69 ? 0.1431 0.1015 0.1099 0.0091  -0.0261 -0.0094 179 SER A N   
514 C CA  . SER A 69 ? 0.3726 0.3346 0.3408 0.0085  -0.0179 -0.0070 179 SER A CA  
515 C C   . SER A 69 ? 0.4083 0.3833 0.3951 0.0091  -0.0018 -0.0059 179 SER A C   
516 O O   . SER A 69 ? 0.2233 0.2037 0.1935 0.0079  0.0079  -0.0057 179 SER A O   
# 
